data_6CZM
#
_entry.id   6CZM
#
_cell.length_a   89.170
_cell.length_b   178.660
_cell.length_c   92.110
_cell.angle_alpha   90.00
_cell.angle_beta   105.71
_cell.angle_gamma   90.00
#
_symmetry.space_group_name_H-M   'P 1 21 1'
#
loop_
_entity.id
_entity.type
_entity.pdbx_description
1 polymer 'ATP phosphoribosyltransferase catalytic subunit'
2 non-polymer 'ADENOSINE MONOPHOSPHATE'
3 non-polymer HISTIDINE
4 water water
#
_entity_poly.entity_id   1
_entity_poly.type   'polypeptide(L)'
_entity_poly.pdbx_seq_one_letter_code
;SNATHHQVLNGNTVSRQEIRLGLPSKGRMSSDTLDLLKDCQLSVKQVNPRQYVAQIPQISNLEVWFQRPKDIVRKLLSGD
LDLGIVGLDVLTEFGQGNEDLIVVHEALEYGDCRLSIAIPQYGIFENVNSLEELAKMPQWTEDKPLRVATGFTYLGPKFM
KDNGIKHVAFSTADGALEAAPAMGIADAILDLVSSGTTLKENNLKEIEGGTVLESQAALVASRRSMIGRKGVLETTHEML
ERLEAHLRAMGQFTVVANMRGSSAEEVAERVLSQPSLAGLQGPTVSPVFCKRDGKVSADYYAIVICVPKKALYKSIQQLR
AIGGSGVLVSPLTYIFDEETPRWRQLLSKLGL
;
_entity_poly.pdbx_strand_id   A,B,C,D,E,F
#
loop_
_chem_comp.id
_chem_comp.type
_chem_comp.name
_chem_comp.formula
AMP non-polymer 'ADENOSINE MONOPHOSPHATE' 'C10 H14 N5 O7 P'
#
# COMPACT_ATOMS: atom_id res chain seq x y z
N SER A 15 16.86 32.47 21.28
CA SER A 15 17.04 31.05 21.00
C SER A 15 16.91 30.79 19.50
N ARG A 16 17.68 29.80 19.01
CA ARG A 16 17.64 29.32 17.63
C ARG A 16 18.19 30.35 16.64
N GLN A 17 18.78 29.86 15.55
CA GLN A 17 19.31 30.77 14.54
C GLN A 17 18.95 30.34 13.13
N GLU A 18 17.97 29.46 12.98
CA GLU A 18 17.47 29.01 11.68
C GLU A 18 16.10 29.61 11.44
N ILE A 19 15.81 29.89 10.19
CA ILE A 19 14.51 30.42 9.80
C ILE A 19 13.64 29.21 9.49
N ARG A 20 12.44 29.15 10.08
CA ARG A 20 11.58 27.99 9.94
C ARG A 20 10.40 28.33 9.05
N LEU A 21 10.18 27.50 8.03
CA LEU A 21 9.10 27.65 7.07
C LEU A 21 8.22 26.42 7.15
N GLY A 22 6.94 26.62 7.49
CA GLY A 22 6.00 25.52 7.60
C GLY A 22 5.38 25.19 6.25
N LEU A 23 5.24 23.89 5.97
CA LEU A 23 4.66 23.39 4.74
C LEU A 23 3.65 22.31 5.04
N PRO A 24 2.60 22.19 4.21
CA PRO A 24 1.58 21.16 4.45
C PRO A 24 2.16 19.76 4.29
N SER A 25 1.80 18.89 5.24
CA SER A 25 2.39 17.56 5.31
C SER A 25 1.62 16.54 4.48
N LYS A 26 0.30 16.64 4.40
CA LYS A 26 -0.50 15.68 3.68
C LYS A 26 -1.54 16.40 2.84
N GLY A 27 -2.06 15.70 1.84
CA GLY A 27 -3.08 16.24 0.97
C GLY A 27 -2.52 16.64 -0.39
N ARG A 28 -3.44 17.13 -1.24
CA ARG A 28 -3.02 17.69 -2.52
C ARG A 28 -2.28 19.00 -2.35
N MET A 29 -2.59 19.76 -1.29
CA MET A 29 -1.84 20.98 -0.99
C MET A 29 -0.37 20.67 -0.76
N SER A 30 -0.06 19.53 -0.15
CA SER A 30 1.33 19.18 0.12
C SER A 30 2.10 18.89 -1.16
N SER A 31 1.57 18.01 -2.02
CA SER A 31 2.30 17.70 -3.23
C SER A 31 2.40 18.92 -4.12
N ASP A 32 1.34 19.72 -4.21
CA ASP A 32 1.44 20.91 -5.05
C ASP A 32 2.47 21.88 -4.50
N THR A 33 2.64 21.96 -3.17
CA THR A 33 3.63 22.87 -2.62
C THR A 33 5.04 22.38 -2.92
N LEU A 34 5.31 21.09 -2.73
CA LEU A 34 6.64 20.58 -3.08
C LEU A 34 6.92 20.73 -4.58
N ASP A 35 5.90 20.57 -5.42
CA ASP A 35 6.10 20.79 -6.84
C ASP A 35 6.39 22.26 -7.13
N LEU A 36 5.77 23.17 -6.40
CA LEU A 36 6.09 24.58 -6.60
C LEU A 36 7.54 24.85 -6.23
N LEU A 37 8.00 24.32 -5.11
CA LEU A 37 9.38 24.54 -4.72
C LEU A 37 10.37 23.91 -5.70
N LYS A 38 10.06 22.71 -6.24
CA LYS A 38 11.01 22.16 -7.21
C LYS A 38 11.01 22.97 -8.50
N ASP A 39 9.86 23.51 -8.93
CA ASP A 39 9.86 24.32 -10.13
C ASP A 39 10.63 25.63 -9.94
N CYS A 40 10.87 26.03 -8.69
CA CYS A 40 11.69 27.19 -8.38
C CYS A 40 13.16 26.85 -8.23
N GLN A 41 13.56 25.62 -8.52
CA GLN A 41 14.90 25.14 -8.21
C GLN A 41 15.23 25.31 -6.73
N LEU A 42 14.20 25.26 -5.89
CA LEU A 42 14.35 25.19 -4.43
C LEU A 42 13.98 23.80 -3.94
N SER A 43 14.75 22.80 -4.34
CA SER A 43 14.42 21.43 -3.96
C SER A 43 14.72 21.21 -2.47
N VAL A 44 13.87 20.43 -1.83
CA VAL A 44 13.96 20.17 -0.39
C VAL A 44 14.82 18.94 -0.14
N LYS A 45 15.74 19.06 0.82
CA LYS A 45 16.71 18.01 1.13
C LYS A 45 16.10 17.08 2.16
N GLN A 46 15.19 16.23 1.71
CA GLN A 46 14.56 15.25 2.58
C GLN A 46 15.59 14.26 3.09
N VAL A 47 16.25 14.58 4.21
CA VAL A 47 17.28 13.69 4.74
C VAL A 47 16.67 12.39 5.26
N ASN A 48 15.64 12.50 6.09
CA ASN A 48 14.84 11.35 6.52
C ASN A 48 13.41 11.54 6.02
N PRO A 49 12.87 10.61 5.24
CA PRO A 49 11.49 10.78 4.76
C PRO A 49 10.46 10.44 5.83
N ARG A 50 10.86 9.71 6.87
CA ARG A 50 10.00 9.52 8.03
C ARG A 50 9.97 10.76 8.90
N GLN A 51 11.08 11.50 8.97
CA GLN A 51 11.13 12.69 9.80
C GLN A 51 10.47 13.87 9.10
N TYR A 52 10.29 14.95 9.87
CA TYR A 52 9.39 16.04 9.52
C TYR A 52 10.10 17.36 9.26
N VAL A 53 11.43 17.36 9.10
CA VAL A 53 12.23 18.57 8.95
C VAL A 53 13.23 18.37 7.81
N ALA A 54 13.27 19.31 6.88
CA ALA A 54 14.16 19.25 5.74
C ALA A 54 14.87 20.60 5.57
N GLN A 55 15.73 20.70 4.55
CA GLN A 55 16.52 21.89 4.33
C GLN A 55 16.26 22.42 2.93
N ILE A 56 16.32 23.74 2.79
CA ILE A 56 16.43 24.35 1.47
C ILE A 56 17.81 25.03 1.42
N PRO A 57 18.80 24.42 0.79
CA PRO A 57 20.16 24.98 0.87
C PRO A 57 20.34 26.23 0.04
N GLN A 58 19.46 26.49 -0.92
CA GLN A 58 19.66 27.67 -1.76
C GLN A 58 19.41 28.95 -0.99
N ILE A 59 18.61 28.89 0.08
CA ILE A 59 18.39 30.01 0.98
C ILE A 59 19.10 29.73 2.32
N SER A 60 20.00 30.65 2.70
CA SER A 60 20.83 30.47 3.89
C SER A 60 19.97 30.32 5.14
N ASN A 61 20.21 29.26 5.91
CA ASN A 61 19.54 28.99 7.19
C ASN A 61 18.03 28.91 7.03
N LEU A 62 17.56 28.18 6.03
CA LEU A 62 16.13 28.03 5.81
C LEU A 62 15.81 26.57 5.95
N GLU A 63 14.90 26.27 6.87
CA GLU A 63 14.61 24.94 7.35
C GLU A 63 13.11 24.74 7.22
N VAL A 64 12.71 23.61 6.66
CA VAL A 64 11.32 23.35 6.32
C VAL A 64 10.75 22.39 7.34
N TRP A 65 9.54 22.67 7.81
CA TRP A 65 8.83 21.80 8.74
C TRP A 65 7.53 21.35 8.09
N PHE A 66 7.34 20.03 8.00
CA PHE A 66 6.13 19.48 7.43
C PHE A 66 5.11 19.32 8.57
N GLN A 67 3.98 19.99 8.45
CA GLN A 67 2.97 20.02 9.48
C GLN A 67 1.61 19.99 8.85
N ARG A 68 0.60 19.66 9.66
CA ARG A 68 -0.77 19.90 9.24
C ARG A 68 -0.99 21.40 9.11
N PRO A 69 -1.77 21.86 8.12
CA PRO A 69 -1.93 23.31 7.95
C PRO A 69 -2.43 24.01 9.22
N LYS A 70 -3.39 23.41 9.93
CA LYS A 70 -3.84 23.97 11.20
C LYS A 70 -2.68 24.13 12.15
N ASP A 71 -1.79 23.14 12.17
CA ASP A 71 -0.62 23.21 13.02
C ASP A 71 0.36 24.28 12.55
N ILE A 72 0.39 24.56 11.24
CA ILE A 72 1.21 25.67 10.74
C ILE A 72 0.72 26.99 11.32
N VAL A 73 -0.60 27.20 11.32
CA VAL A 73 -1.11 28.45 11.88
C VAL A 73 -0.87 28.51 13.38
N ARG A 74 -1.10 27.39 14.09
CA ARG A 74 -0.88 27.38 15.52
C ARG A 74 0.58 27.70 15.86
N LYS A 75 1.50 27.11 15.11
CA LYS A 75 2.92 27.27 15.40
C LYS A 75 3.41 28.64 14.97
N LEU A 76 2.82 29.23 13.93
CA LEU A 76 3.14 30.61 13.61
C LEU A 76 2.71 31.53 14.74
N LEU A 77 1.51 31.27 15.29
CA LEU A 77 1.03 32.10 16.39
C LEU A 77 1.90 31.92 17.63
N SER A 78 2.31 30.69 17.92
CA SER A 78 3.12 30.42 19.10
C SER A 78 4.59 30.80 18.91
N GLY A 79 5.04 31.04 17.70
CA GLY A 79 6.42 31.43 17.47
C GLY A 79 7.37 30.32 17.12
N ASP A 80 6.89 29.08 17.00
CA ASP A 80 7.72 27.95 16.62
C ASP A 80 7.95 27.86 15.12
N LEU A 81 7.24 28.67 14.33
CA LEU A 81 7.53 28.84 12.92
C LEU A 81 7.59 30.35 12.63
N ASP A 82 8.28 30.70 11.56
CA ASP A 82 8.43 32.08 11.14
C ASP A 82 7.66 32.42 9.87
N LEU A 83 7.60 31.45 8.95
CA LEU A 83 6.88 31.55 7.69
C LEU A 83 6.02 30.31 7.53
N GLY A 84 5.04 30.38 6.65
CA GLY A 84 4.24 29.22 6.30
C GLY A 84 3.61 29.42 4.95
N ILE A 85 3.30 28.33 4.28
CA ILE A 85 2.52 28.35 3.05
C ILE A 85 1.26 27.57 3.34
N VAL A 86 0.11 28.25 3.31
CA VAL A 86 -1.12 27.66 3.79
C VAL A 86 -2.28 28.26 3.03
N GLY A 87 -3.36 27.51 2.90
CA GLY A 87 -4.56 28.06 2.26
C GLY A 87 -5.18 29.18 3.06
N LEU A 88 -5.77 30.16 2.36
CA LEU A 88 -6.38 31.28 3.08
C LEU A 88 -7.57 30.85 3.94
N ASP A 89 -8.25 29.75 3.58
CA ASP A 89 -9.33 29.26 4.43
C ASP A 89 -8.81 28.79 5.77
N VAL A 90 -7.74 27.99 5.76
CA VAL A 90 -7.15 27.54 7.01
C VAL A 90 -6.62 28.72 7.83
N LEU A 91 -6.02 29.69 7.15
CA LEU A 91 -5.50 30.83 7.89
C LEU A 91 -6.65 31.56 8.59
N THR A 92 -7.79 31.67 7.90
CA THR A 92 -8.90 32.40 8.47
C THR A 92 -9.62 31.60 9.55
N GLU A 93 -9.76 30.29 9.36
CA GLU A 93 -10.47 29.45 10.32
C GLU A 93 -9.67 29.28 11.60
N PHE A 94 -8.39 28.96 11.48
CA PHE A 94 -7.56 28.70 12.65
C PHE A 94 -6.81 29.91 13.18
N GLY A 95 -6.68 30.97 12.40
CA GLY A 95 -6.03 32.16 12.88
C GLY A 95 -6.99 33.13 13.53
N GLN A 96 -8.27 33.05 13.16
CA GLN A 96 -9.32 33.87 13.75
C GLN A 96 -9.02 35.36 13.63
N GLY A 97 -8.29 35.72 12.58
CA GLY A 97 -7.98 37.12 12.37
C GLY A 97 -6.95 37.69 13.30
N ASN A 98 -6.07 36.86 13.87
CA ASN A 98 -5.01 37.40 14.70
C ASN A 98 -4.14 38.32 13.86
N GLU A 99 -3.85 39.48 14.42
CA GLU A 99 -3.08 40.48 13.67
C GLU A 99 -1.60 40.15 13.55
N ASP A 100 -1.10 39.15 14.30
CA ASP A 100 0.30 38.76 14.17
C ASP A 100 0.57 37.97 12.91
N LEU A 101 -0.45 37.36 12.31
CA LEU A 101 -0.29 36.63 11.05
C LEU A 101 -0.50 37.60 9.90
N ILE A 102 0.55 37.80 9.10
CA ILE A 102 0.52 38.71 7.96
C ILE A 102 0.62 37.89 6.69
N VAL A 103 -0.29 38.13 5.76
CA VAL A 103 -0.19 37.52 4.45
C VAL A 103 0.83 38.30 3.62
N VAL A 104 1.92 37.61 3.25
CA VAL A 104 2.95 38.21 2.42
C VAL A 104 2.59 38.08 0.95
N HIS A 105 2.27 36.87 0.51
CA HIS A 105 1.81 36.68 -0.85
C HIS A 105 0.44 36.03 -0.81
N GLU A 106 -0.56 36.74 -1.34
CA GLU A 106 -1.94 36.33 -1.12
C GLU A 106 -2.47 35.42 -2.22
N ALA A 107 -1.70 35.14 -3.25
CA ALA A 107 -2.28 34.46 -4.40
C ALA A 107 -1.18 33.69 -5.15
N LEU A 108 -0.79 32.53 -4.59
CA LEU A 108 0.19 31.64 -5.22
C LEU A 108 -0.41 30.74 -6.29
N GLU A 109 -1.69 30.95 -6.67
CA GLU A 109 -2.28 30.38 -7.88
C GLU A 109 -2.36 28.84 -7.86
N TYR A 110 -2.44 28.24 -6.69
CA TYR A 110 -2.87 26.86 -6.59
C TYR A 110 -3.63 26.72 -5.29
N GLY A 111 -4.40 25.64 -5.16
CA GLY A 111 -5.35 25.49 -4.08
C GLY A 111 -6.58 26.38 -4.20
N ASP A 112 -6.95 26.78 -5.41
CA ASP A 112 -8.09 27.65 -5.64
C ASP A 112 -9.40 26.98 -5.25
N CYS A 113 -10.16 27.66 -4.39
CA CYS A 113 -11.51 27.21 -4.04
C CYS A 113 -12.21 28.36 -3.34
N ARG A 114 -13.49 28.15 -2.99
CA ARG A 114 -14.21 29.13 -2.19
C ARG A 114 -14.99 28.39 -1.12
N LEU A 115 -14.94 28.94 0.09
CA LEU A 115 -15.77 28.43 1.16
C LEU A 115 -17.13 29.07 1.02
N SER A 116 -18.15 28.25 0.79
CA SER A 116 -19.47 28.78 0.49
C SER A 116 -20.56 27.86 1.01
N ILE A 117 -21.79 28.36 0.91
CA ILE A 117 -22.98 27.68 1.41
C ILE A 117 -23.66 27.00 0.23
N ALA A 118 -24.02 25.74 0.41
CA ALA A 118 -24.78 25.01 -0.60
C ALA A 118 -26.08 24.49 0.02
N ILE A 119 -27.15 24.61 -0.74
CA ILE A 119 -28.47 24.17 -0.29
C ILE A 119 -29.08 23.27 -1.38
N PRO A 120 -30.07 22.46 -1.03
CA PRO A 120 -30.68 21.62 -2.05
C PRO A 120 -31.27 22.44 -3.18
N GLN A 121 -31.23 21.86 -4.38
CA GLN A 121 -31.94 22.48 -5.50
C GLN A 121 -33.44 22.24 -5.37
N TYR A 122 -33.82 21.05 -4.93
CA TYR A 122 -35.19 20.54 -4.88
C TYR A 122 -35.92 21.02 -3.62
N GLY A 123 -37.23 20.79 -3.60
CA GLY A 123 -37.99 20.87 -2.36
C GLY A 123 -38.20 22.28 -1.82
N ILE A 124 -38.15 22.37 -0.49
CA ILE A 124 -38.29 23.63 0.23
C ILE A 124 -37.44 24.75 -0.37
N PHE A 125 -36.26 24.41 -0.90
CA PHE A 125 -35.29 25.37 -1.39
C PHE A 125 -35.35 25.59 -2.89
N GLU A 126 -36.47 25.25 -3.53
CA GLU A 126 -36.58 25.38 -4.99
C GLU A 126 -36.34 26.80 -5.44
N ASN A 127 -37.13 27.74 -4.92
CA ASN A 127 -37.09 29.15 -5.29
C ASN A 127 -36.35 29.98 -4.24
N VAL A 128 -35.33 29.41 -3.64
CA VAL A 128 -34.40 30.14 -2.78
C VAL A 128 -33.06 30.18 -3.49
N ASN A 129 -32.61 31.38 -3.82
CA ASN A 129 -31.36 31.51 -4.58
C ASN A 129 -30.50 32.64 -4.09
N SER A 130 -30.85 33.27 -2.98
CA SER A 130 -30.04 34.30 -2.37
C SER A 130 -29.89 33.97 -0.90
N LEU A 131 -28.85 34.51 -0.28
CA LEU A 131 -28.67 34.31 1.14
C LEU A 131 -29.76 35.00 1.93
N GLU A 132 -30.20 36.16 1.45
CA GLU A 132 -31.32 36.86 2.10
C GLU A 132 -32.59 36.01 2.04
N GLU A 133 -32.88 35.42 0.88
CA GLU A 133 -34.05 34.55 0.76
C GLU A 133 -33.91 33.26 1.55
N LEU A 134 -32.68 32.83 1.87
CA LEU A 134 -32.54 31.75 2.83
C LEU A 134 -32.88 32.24 4.23
N ALA A 135 -32.43 33.45 4.57
CA ALA A 135 -32.76 34.03 5.87
C ALA A 135 -34.26 34.22 6.05
N LYS A 136 -34.96 34.60 4.98
CA LYS A 136 -36.37 34.99 5.08
C LYS A 136 -37.29 33.81 5.36
N MET A 137 -36.89 32.60 5.01
CA MET A 137 -37.78 31.46 5.12
C MET A 137 -38.29 31.33 6.56
N PRO A 138 -39.56 30.96 6.75
CA PRO A 138 -40.14 30.99 8.10
C PRO A 138 -39.89 29.73 8.92
N GLN A 139 -39.38 28.66 8.32
CA GLN A 139 -39.21 27.37 8.98
C GLN A 139 -38.26 27.40 10.17
N TRP A 140 -37.61 28.53 10.44
CA TRP A 140 -36.45 28.53 11.33
C TRP A 140 -36.76 29.39 12.56
N THR A 141 -36.80 28.76 13.73
CA THR A 141 -37.00 29.41 15.02
C THR A 141 -35.96 28.88 16.01
N GLU A 142 -36.04 29.33 17.27
CA GLU A 142 -35.14 28.78 18.27
C GLU A 142 -35.36 27.27 18.40
N ASP A 143 -36.61 26.84 18.46
CA ASP A 143 -36.95 25.46 18.17
C ASP A 143 -36.83 25.28 16.66
N LYS A 144 -36.34 24.13 16.22
CA LYS A 144 -36.20 23.88 14.78
C LYS A 144 -35.38 24.94 14.05
N PRO A 145 -34.08 25.06 14.30
CA PRO A 145 -33.25 25.99 13.53
C PRO A 145 -32.78 25.40 12.20
N LEU A 146 -32.17 26.28 11.41
CA LEU A 146 -31.51 25.87 10.17
C LEU A 146 -30.26 25.08 10.48
N ARG A 147 -30.24 23.81 10.07
CA ARG A 147 -29.11 22.93 10.34
C ARG A 147 -28.08 23.03 9.21
N VAL A 148 -26.85 23.37 9.57
CA VAL A 148 -25.75 23.48 8.62
C VAL A 148 -24.65 22.50 9.04
N ALA A 149 -24.34 21.57 8.15
CA ALA A 149 -23.23 20.65 8.34
C ALA A 149 -21.96 21.32 7.82
N THR A 150 -20.89 21.23 8.59
CA THR A 150 -19.67 21.92 8.19
C THR A 150 -18.51 21.39 9.02
N GLY A 151 -17.31 21.48 8.45
CA GLY A 151 -16.11 21.33 9.24
C GLY A 151 -15.55 22.64 9.74
N PHE A 152 -16.12 23.78 9.32
CA PHE A 152 -15.63 25.09 9.71
C PHE A 152 -16.37 25.57 10.95
N THR A 153 -15.88 25.07 12.09
CA THR A 153 -16.48 25.30 13.40
C THR A 153 -16.50 26.78 13.77
N TYR A 154 -15.49 27.54 13.33
CA TYR A 154 -15.39 28.95 13.68
C TYR A 154 -16.01 29.85 12.62
N LEU A 155 -15.78 29.57 11.34
CA LEU A 155 -16.20 30.55 10.34
C LEU A 155 -17.69 30.48 10.07
N GLY A 156 -18.31 29.31 10.24
CA GLY A 156 -19.73 29.21 10.01
C GLY A 156 -20.55 30.13 10.89
N PRO A 157 -20.44 29.94 12.21
CA PRO A 157 -21.14 30.83 13.14
C PRO A 157 -20.84 32.30 12.93
N LYS A 158 -19.60 32.66 12.65
CA LYS A 158 -19.29 34.07 12.43
C LYS A 158 -20.01 34.58 11.19
N PHE A 159 -19.94 33.81 10.10
CA PHE A 159 -20.58 34.22 8.85
C PHE A 159 -22.07 34.41 9.05
N MET A 160 -22.69 33.54 9.85
CA MET A 160 -24.13 33.54 9.97
C MET A 160 -24.62 34.55 10.99
N LYS A 161 -23.78 34.87 11.99
CA LYS A 161 -24.07 35.95 12.91
C LYS A 161 -23.85 37.31 12.27
N ASP A 162 -23.02 37.40 11.24
CA ASP A 162 -22.76 38.67 10.58
C ASP A 162 -23.83 38.99 9.54
N ASN A 163 -24.54 38.00 9.04
CA ASN A 163 -25.49 38.19 7.97
C ASN A 163 -26.93 38.07 8.43
N GLY A 164 -27.16 38.15 9.74
CA GLY A 164 -28.50 38.27 10.25
C GLY A 164 -29.30 36.99 10.21
N ILE A 165 -28.65 35.85 9.97
CA ILE A 165 -29.33 34.57 10.05
C ILE A 165 -29.26 34.11 11.51
N LYS A 166 -30.43 34.02 12.14
CA LYS A 166 -30.55 34.08 13.59
C LYS A 166 -30.66 32.71 14.25
N HIS A 167 -31.24 31.71 13.58
CA HIS A 167 -31.54 30.43 14.20
C HIS A 167 -30.89 29.32 13.37
N VAL A 168 -29.62 29.07 13.63
CA VAL A 168 -28.79 28.12 12.88
C VAL A 168 -27.99 27.28 13.87
N ALA A 169 -28.04 25.97 13.71
CA ALA A 169 -27.18 25.08 14.46
C ALA A 169 -26.20 24.43 13.49
N PHE A 170 -24.96 24.26 13.93
CA PHE A 170 -23.90 23.70 13.11
C PHE A 170 -23.47 22.36 13.67
N SER A 171 -23.19 21.42 12.78
CA SER A 171 -22.72 20.12 13.22
C SER A 171 -21.66 19.62 12.27
N THR A 172 -20.84 18.70 12.76
CA THR A 172 -19.91 17.95 11.92
C THR A 172 -20.64 16.70 11.45
N ALA A 173 -20.36 16.26 10.23
CA ALA A 173 -21.16 15.20 9.63
C ALA A 173 -20.32 13.94 9.41
N ASP A 174 -20.98 12.80 9.50
CA ASP A 174 -20.33 11.51 9.30
C ASP A 174 -20.17 11.23 7.81
N GLY A 175 -18.93 10.95 7.41
CA GLY A 175 -18.67 10.68 6.01
C GLY A 175 -18.87 11.89 5.14
N ALA A 176 -19.48 11.65 3.98
CA ALA A 176 -19.61 12.60 2.89
C ALA A 176 -20.44 13.84 3.24
N LEU A 177 -19.76 14.96 3.51
CA LEU A 177 -20.46 16.19 3.85
C LEU A 177 -21.55 16.52 2.84
N GLU A 178 -21.26 16.35 1.55
CA GLU A 178 -22.21 16.69 0.50
C GLU A 178 -23.48 15.84 0.57
N ALA A 179 -23.42 14.66 1.17
CA ALA A 179 -24.61 13.82 1.32
C ALA A 179 -25.45 14.16 2.54
N ALA A 180 -25.01 15.09 3.40
CA ALA A 180 -25.77 15.34 4.63
C ALA A 180 -27.19 15.80 4.38
N PRO A 181 -27.48 16.72 3.45
CA PRO A 181 -28.89 17.11 3.25
C PRO A 181 -29.75 15.99 2.72
N ALA A 182 -29.24 15.10 1.86
CA ALA A 182 -30.09 14.02 1.38
C ALA A 182 -30.38 13.02 2.47
N MET A 183 -29.41 12.76 3.35
CA MET A 183 -29.60 11.78 4.42
C MET A 183 -30.53 12.29 5.50
N GLY A 184 -30.87 13.58 5.52
CA GLY A 184 -31.68 14.14 6.57
C GLY A 184 -30.89 14.69 7.74
N ILE A 185 -29.58 14.46 7.75
CA ILE A 185 -28.71 14.94 8.82
C ILE A 185 -28.73 16.46 8.90
N ALA A 186 -28.88 17.14 7.77
CA ALA A 186 -28.76 18.59 7.75
C ALA A 186 -29.65 19.16 6.66
N ASP A 187 -29.82 20.47 6.70
CA ASP A 187 -30.59 21.24 5.72
C ASP A 187 -29.71 21.88 4.68
N ALA A 188 -28.50 22.27 5.07
CA ALA A 188 -27.59 22.90 4.16
C ALA A 188 -26.18 22.58 4.64
N ILE A 189 -25.21 22.83 3.77
CA ILE A 189 -23.82 22.56 4.10
C ILE A 189 -23.02 23.82 3.89
N LEU A 190 -21.90 23.90 4.60
CA LEU A 190 -20.90 24.92 4.42
C LEU A 190 -19.60 24.21 4.06
N ASP A 191 -19.18 24.29 2.80
CA ASP A 191 -18.06 23.47 2.34
C ASP A 191 -17.26 24.21 1.28
N LEU A 192 -16.13 23.59 0.93
CA LEU A 192 -15.26 24.12 -0.10
C LEU A 192 -15.74 23.66 -1.47
N VAL A 193 -15.81 24.63 -2.37
CA VAL A 193 -16.23 24.43 -3.74
C VAL A 193 -15.07 24.82 -4.62
N SER A 194 -14.74 23.95 -5.55
CA SER A 194 -13.70 24.25 -6.51
C SER A 194 -14.35 24.32 -7.88
N SER A 195 -14.56 23.16 -8.50
CA SER A 195 -15.29 23.12 -9.76
C SER A 195 -16.80 23.07 -9.58
N GLY A 196 -17.28 22.69 -8.41
CA GLY A 196 -18.71 22.60 -8.21
C GLY A 196 -19.35 21.33 -8.71
N THR A 197 -18.56 20.35 -9.18
CA THR A 197 -19.18 19.11 -9.64
C THR A 197 -19.72 18.28 -8.47
N THR A 198 -19.05 18.30 -7.32
CA THR A 198 -19.60 17.58 -6.18
C THR A 198 -20.99 18.08 -5.84
N LEU A 199 -21.18 19.40 -5.91
CA LEU A 199 -22.48 19.99 -5.64
C LEU A 199 -23.48 19.56 -6.70
N LYS A 200 -23.05 19.46 -7.97
CA LYS A 200 -24.01 19.07 -9.00
C LYS A 200 -24.38 17.62 -8.85
N GLU A 201 -23.41 16.77 -8.49
CA GLU A 201 -23.64 15.35 -8.28
C GLU A 201 -24.60 15.12 -7.13
N ASN A 202 -24.63 16.04 -6.18
CA ASN A 202 -25.50 15.84 -5.03
C ASN A 202 -26.69 16.79 -5.02
N ASN A 203 -27.10 17.30 -6.18
CA ASN A 203 -28.31 18.13 -6.33
C ASN A 203 -28.28 19.34 -5.39
N LEU A 204 -27.13 19.98 -5.29
CA LEU A 204 -26.92 21.13 -4.44
C LEU A 204 -26.60 22.34 -5.29
N LYS A 205 -26.80 23.53 -4.72
CA LYS A 205 -26.56 24.77 -5.43
C LYS A 205 -26.04 25.82 -4.45
N GLU A 206 -25.08 26.62 -4.92
CA GLU A 206 -24.72 27.83 -4.21
C GLU A 206 -25.82 28.87 -4.34
N ILE A 207 -25.74 29.92 -3.52
CA ILE A 207 -26.70 31.00 -3.56
C ILE A 207 -25.97 32.34 -3.66
N GLU A 208 -26.69 33.36 -4.11
CA GLU A 208 -26.11 34.70 -4.15
C GLU A 208 -25.86 35.20 -2.72
N GLY A 209 -24.63 35.65 -2.49
CA GLY A 209 -24.15 36.04 -1.17
C GLY A 209 -23.70 34.89 -0.29
N GLY A 210 -23.74 33.65 -0.77
CA GLY A 210 -23.36 32.49 0.01
C GLY A 210 -21.88 32.21 0.18
N THR A 211 -21.01 32.87 -0.59
CA THR A 211 -19.57 32.62 -0.52
C THR A 211 -18.99 33.23 0.74
N VAL A 212 -18.42 32.40 1.61
CA VAL A 212 -17.84 32.97 2.82
C VAL A 212 -16.50 33.60 2.49
N LEU A 213 -15.68 32.93 1.69
CA LEU A 213 -14.40 33.52 1.31
C LEU A 213 -13.84 32.82 0.09
N GLU A 214 -12.99 33.53 -0.64
CA GLU A 214 -12.19 32.97 -1.73
C GLU A 214 -10.80 32.62 -1.18
N SER A 215 -10.32 31.43 -1.51
CA SER A 215 -9.07 30.92 -0.96
C SER A 215 -8.13 30.40 -2.05
N GLN A 216 -6.84 30.70 -1.88
CA GLN A 216 -5.71 30.07 -2.57
C GLN A 216 -4.64 29.76 -1.54
N ALA A 217 -3.61 29.05 -1.98
CA ALA A 217 -2.41 28.91 -1.18
C ALA A 217 -1.68 30.26 -1.11
N ALA A 218 -1.15 30.57 0.07
CA ALA A 218 -0.57 31.89 0.34
C ALA A 218 0.67 31.75 1.21
N LEU A 219 1.57 32.72 1.06
CA LEU A 219 2.74 32.84 1.93
C LEU A 219 2.43 33.79 3.09
N VAL A 220 2.52 33.25 4.30
CA VAL A 220 2.17 33.88 5.57
C VAL A 220 3.40 34.00 6.45
N ALA A 221 3.44 35.05 7.26
CA ALA A 221 4.57 35.27 8.15
C ALA A 221 4.08 35.80 9.49
N SER A 222 4.85 35.51 10.53
CA SER A 222 4.58 36.02 11.86
C SER A 222 5.22 37.38 12.01
N ARG A 223 4.46 38.34 12.51
CA ARG A 223 5.02 39.67 12.70
C ARG A 223 6.08 39.67 13.79
N ARG A 224 5.87 38.87 14.84
CA ARG A 224 6.87 38.79 15.90
C ARG A 224 8.18 38.25 15.35
N SER A 225 8.13 37.29 14.44
CA SER A 225 9.37 36.77 13.89
C SER A 225 10.02 37.80 12.98
N MET A 226 9.23 38.47 12.14
CA MET A 226 9.82 39.40 11.19
C MET A 226 10.50 40.57 11.89
N ILE A 227 9.91 41.09 12.96
CA ILE A 227 10.53 42.23 13.62
C ILE A 227 11.58 41.81 14.64
N GLY A 228 11.44 40.64 15.25
CA GLY A 228 12.24 40.27 16.38
C GLY A 228 13.34 39.26 16.12
N ARG A 229 13.20 38.41 15.10
CA ARG A 229 14.16 37.33 14.86
C ARG A 229 15.09 37.63 13.68
N LYS A 230 16.40 37.57 13.92
CA LYS A 230 17.40 37.89 12.90
C LYS A 230 17.30 36.96 11.71
N GLY A 231 17.23 37.55 10.51
CA GLY A 231 17.20 36.81 9.27
C GLY A 231 15.81 36.51 8.73
N VAL A 232 14.76 36.63 9.54
CA VAL A 232 13.43 36.26 9.04
C VAL A 232 12.97 37.23 7.97
N LEU A 233 13.13 38.53 8.21
CA LEU A 233 12.58 39.49 7.27
C LEU A 233 13.27 39.40 5.91
N GLU A 234 14.58 39.17 5.89
CA GLU A 234 15.21 39.09 4.57
C GLU A 234 14.85 37.78 3.86
N THR A 235 14.70 36.66 4.58
CA THR A 235 14.35 35.48 3.79
C THR A 235 12.90 35.51 3.37
N THR A 236 12.05 36.23 4.10
CA THR A 236 10.72 36.51 3.59
C THR A 236 10.78 37.36 2.32
N HIS A 237 11.70 38.32 2.28
CA HIS A 237 11.88 39.14 1.08
C HIS A 237 12.28 38.29 -0.12
N GLU A 238 13.31 37.45 0.06
CA GLU A 238 13.75 36.58 -1.02
C GLU A 238 12.65 35.62 -1.43
N MET A 239 11.90 35.11 -0.45
CA MET A 239 10.81 34.18 -0.71
C MET A 239 9.73 34.84 -1.56
N LEU A 240 9.34 36.05 -1.19
CA LEU A 240 8.34 36.79 -1.94
C LEU A 240 8.84 37.09 -3.35
N GLU A 241 10.09 37.52 -3.47
CA GLU A 241 10.63 37.88 -4.78
C GLU A 241 10.72 36.66 -5.70
N ARG A 242 11.17 35.54 -5.15
CA ARG A 242 11.28 34.34 -5.95
C ARG A 242 9.91 33.83 -6.38
N LEU A 243 8.92 33.82 -5.47
CA LEU A 243 7.59 33.33 -5.84
C LEU A 243 6.95 34.23 -6.89
N GLU A 244 7.09 35.56 -6.76
CA GLU A 244 6.55 36.44 -7.78
C GLU A 244 7.24 36.23 -9.13
N ALA A 245 8.58 36.11 -9.12
CA ALA A 245 9.29 35.94 -10.39
C ALA A 245 8.98 34.60 -11.02
N HIS A 246 8.78 33.58 -10.20
CA HIS A 246 8.42 32.28 -10.74
C HIS A 246 7.03 32.30 -11.34
N LEU A 247 6.10 32.99 -10.69
CA LEU A 247 4.75 33.04 -11.26
C LEU A 247 4.78 33.74 -12.61
N ARG A 248 5.61 34.79 -12.73
CA ARG A 248 5.72 35.49 -14.02
C ARG A 248 6.28 34.56 -15.08
N ALA A 249 7.19 33.67 -14.70
CA ALA A 249 7.92 32.79 -15.59
C ALA A 249 7.08 31.65 -16.15
N MET A 250 5.85 31.47 -15.67
CA MET A 250 5.20 30.17 -15.75
C MET A 250 4.20 29.92 -16.90
N GLY A 251 3.75 30.89 -17.70
CA GLY A 251 4.13 32.27 -17.77
C GLY A 251 4.57 32.49 -19.21
N GLN A 252 5.89 32.39 -19.43
CA GLN A 252 6.48 32.71 -20.71
C GLN A 252 7.29 31.52 -21.23
N PHE A 253 7.67 31.64 -22.49
CA PHE A 253 8.69 30.85 -23.14
C PHE A 253 9.75 31.83 -23.64
N THR A 254 11.01 31.41 -23.66
CA THR A 254 11.98 32.10 -24.52
C THR A 254 12.00 31.39 -25.85
N VAL A 255 11.89 32.20 -26.92
CA VAL A 255 11.81 31.73 -28.30
C VAL A 255 12.96 32.37 -29.08
N VAL A 256 13.73 31.54 -29.78
CA VAL A 256 14.88 32.01 -30.54
C VAL A 256 14.76 31.48 -31.97
N ALA A 257 14.85 32.37 -32.95
CA ALA A 257 14.63 31.98 -34.34
C ALA A 257 15.78 32.44 -35.22
N ASN A 258 16.12 31.60 -36.20
CA ASN A 258 17.02 31.97 -37.29
C ASN A 258 16.22 32.62 -38.41
N MET A 259 16.74 33.73 -38.95
CA MET A 259 16.05 34.44 -40.03
C MET A 259 17.06 34.99 -41.02
N ARG A 260 16.78 34.85 -42.32
CA ARG A 260 17.63 35.48 -43.32
C ARG A 260 17.35 36.97 -43.41
N GLY A 261 18.42 37.76 -43.44
CA GLY A 261 18.34 39.21 -43.55
C GLY A 261 19.71 39.78 -43.80
N SER A 262 19.75 41.03 -44.27
CA SER A 262 21.05 41.65 -44.54
C SER A 262 21.64 42.33 -43.30
N SER A 263 20.81 42.96 -42.48
CA SER A 263 21.27 43.66 -41.29
C SER A 263 20.35 43.35 -40.12
N ALA A 264 20.83 43.65 -38.92
CA ALA A 264 20.00 43.45 -37.74
C ALA A 264 18.74 44.33 -37.77
N GLU A 265 18.85 45.54 -38.33
CA GLU A 265 17.72 46.46 -38.25
C GLU A 265 16.57 46.01 -39.14
N GLU A 266 16.89 45.49 -40.32
CA GLU A 266 15.87 44.98 -41.23
C GLU A 266 15.11 43.83 -40.60
N VAL A 267 15.85 42.89 -40.00
CA VAL A 267 15.22 41.75 -39.33
C VAL A 267 14.36 42.24 -38.17
N ALA A 268 14.88 43.17 -37.37
CA ALA A 268 14.10 43.69 -36.25
C ALA A 268 12.80 44.32 -36.72
N GLU A 269 12.86 45.13 -37.79
CA GLU A 269 11.64 45.73 -38.33
C GLU A 269 10.65 44.66 -38.76
N ARG A 270 11.15 43.57 -39.35
CA ARG A 270 10.22 42.51 -39.73
C ARG A 270 9.57 41.89 -38.51
N VAL A 271 10.33 41.64 -37.45
CA VAL A 271 9.75 41.01 -36.27
C VAL A 271 8.74 41.93 -35.59
N LEU A 272 9.05 43.22 -35.52
CA LEU A 272 8.16 44.13 -34.81
C LEU A 272 6.93 44.48 -35.62
N SER A 273 6.97 44.28 -36.93
CA SER A 273 5.75 44.46 -37.72
C SER A 273 4.67 43.47 -37.33
N GLN A 274 5.05 42.36 -36.74
CA GLN A 274 4.16 41.29 -36.36
C GLN A 274 3.60 41.55 -34.97
N PRO A 275 2.29 41.36 -34.77
CA PRO A 275 1.67 41.87 -33.54
C PRO A 275 2.23 41.25 -32.27
N SER A 276 2.27 39.93 -32.17
CA SER A 276 2.59 39.25 -30.92
C SER A 276 4.04 38.80 -30.84
N LEU A 277 4.91 39.29 -31.72
CA LEU A 277 6.34 39.04 -31.63
C LEU A 277 7.06 40.18 -30.92
N ALA A 278 6.34 40.91 -30.07
CA ALA A 278 6.90 42.09 -29.43
C ALA A 278 7.96 41.73 -28.39
N GLY A 279 7.82 40.58 -27.72
CA GLY A 279 8.73 40.29 -26.63
C GLY A 279 8.47 41.24 -25.49
N LEU A 280 9.33 41.16 -24.47
CA LEU A 280 9.18 42.05 -23.32
C LEU A 280 9.53 43.48 -23.70
N GLN A 281 10.69 43.68 -24.34
CA GLN A 281 11.12 44.99 -24.79
C GLN A 281 11.38 45.05 -26.29
N GLY A 282 11.42 43.92 -26.97
CA GLY A 282 11.74 43.86 -28.37
C GLY A 282 12.70 42.71 -28.62
N PRO A 283 12.86 42.31 -29.87
CA PRO A 283 13.75 41.17 -30.17
C PRO A 283 15.21 41.53 -29.95
N THR A 284 15.94 40.61 -29.33
CA THR A 284 17.39 40.65 -29.39
C THR A 284 17.83 40.07 -30.72
N VAL A 285 18.71 40.78 -31.43
CA VAL A 285 19.13 40.39 -32.77
C VAL A 285 20.65 40.28 -32.81
N SER A 286 21.15 39.10 -33.21
CA SER A 286 22.58 38.86 -33.31
C SER A 286 22.91 38.17 -34.62
N PRO A 287 24.14 38.31 -35.10
CA PRO A 287 24.50 37.70 -36.38
C PRO A 287 24.70 36.20 -36.29
N VAL A 288 24.30 35.53 -37.36
CA VAL A 288 24.49 34.10 -37.56
C VAL A 288 25.28 33.90 -38.84
N PHE A 289 26.45 33.26 -38.72
CA PHE A 289 27.41 33.10 -39.80
C PHE A 289 27.31 31.71 -40.40
N CYS A 290 27.45 31.63 -41.71
CA CYS A 290 27.51 30.36 -42.39
C CYS A 290 28.37 30.53 -43.63
N LYS A 291 29.04 29.45 -44.02
CA LYS A 291 29.98 29.47 -45.13
C LYS A 291 29.25 29.31 -46.46
N ARG A 292 29.52 30.22 -47.42
CA ARG A 292 28.89 30.13 -48.73
C ARG A 292 29.84 29.48 -49.74
N ASP A 293 30.79 30.25 -50.27
CA ASP A 293 31.75 29.66 -51.20
C ASP A 293 33.15 29.68 -50.61
N GLY A 294 33.32 29.11 -49.42
CA GLY A 294 34.56 29.19 -48.70
C GLY A 294 34.76 30.44 -47.88
N LYS A 295 33.83 31.39 -47.95
CA LYS A 295 33.86 32.58 -47.11
C LYS A 295 32.75 32.50 -46.08
N VAL A 296 33.03 32.99 -44.89
CA VAL A 296 31.99 33.06 -43.87
C VAL A 296 31.38 34.44 -43.93
N SER A 297 30.06 34.51 -43.71
CA SER A 297 29.34 35.77 -43.76
C SER A 297 28.05 35.62 -42.96
N ALA A 298 27.60 36.74 -42.40
CA ALA A 298 26.37 36.77 -41.63
C ALA A 298 25.18 36.84 -42.59
N ASP A 299 24.86 35.69 -43.19
CA ASP A 299 23.66 35.65 -44.00
C ASP A 299 22.41 35.56 -43.14
N TYR A 300 22.52 35.03 -41.93
CA TYR A 300 21.35 34.90 -41.08
C TYR A 300 21.55 35.73 -39.83
N TYR A 301 20.45 35.91 -39.09
CA TYR A 301 20.46 36.57 -37.80
C TYR A 301 19.51 35.81 -36.87
N ALA A 302 19.91 35.67 -35.62
CA ALA A 302 19.09 35.00 -34.62
C ALA A 302 18.43 36.04 -33.74
N ILE A 303 17.11 35.91 -33.56
CA ILE A 303 16.34 36.81 -32.71
C ILE A 303 15.82 36.02 -31.52
N VAL A 304 15.74 36.69 -30.37
CA VAL A 304 15.16 36.06 -29.18
C VAL A 304 14.14 37.02 -28.58
N ILE A 305 12.94 36.48 -28.31
CA ILE A 305 11.83 37.18 -27.68
C ILE A 305 11.21 36.27 -26.63
N CYS A 306 10.59 36.89 -25.63
CA CYS A 306 9.65 36.18 -24.76
C CYS A 306 8.30 36.07 -25.41
N VAL A 307 7.70 34.90 -25.34
CA VAL A 307 6.35 34.72 -25.86
C VAL A 307 5.49 34.11 -24.76
N PRO A 308 4.34 34.70 -24.43
CA PRO A 308 3.43 34.06 -23.48
C PRO A 308 2.97 32.71 -24.00
N LYS A 309 2.86 31.74 -23.08
CA LYS A 309 2.61 30.36 -23.50
C LYS A 309 1.31 30.22 -24.29
N LYS A 310 0.24 30.87 -23.84
CA LYS A 310 -1.02 30.77 -24.56
C LYS A 310 -0.90 31.33 -25.97
N ALA A 311 0.15 32.11 -26.24
CA ALA A 311 0.40 32.67 -27.56
C ALA A 311 1.35 31.85 -28.42
N LEU A 312 1.95 30.77 -27.88
CA LEU A 312 3.09 30.15 -28.53
C LEU A 312 2.76 29.78 -29.97
N TYR A 313 1.71 28.99 -30.16
CA TYR A 313 1.41 28.47 -31.48
C TYR A 313 1.22 29.60 -32.49
N LYS A 314 0.44 30.65 -32.15
CA LYS A 314 0.24 31.70 -33.13
C LYS A 314 1.54 32.43 -33.44
N SER A 315 2.38 32.63 -32.42
CA SER A 315 3.67 33.27 -32.64
C SER A 315 4.51 32.46 -33.63
N ILE A 316 4.46 31.13 -33.51
CA ILE A 316 5.21 30.30 -34.46
C ILE A 316 4.74 30.61 -35.86
N GLN A 317 3.42 30.63 -36.07
CA GLN A 317 2.91 30.96 -37.39
C GLN A 317 3.42 32.32 -37.82
N GLN A 318 3.35 33.29 -36.91
CA GLN A 318 3.83 34.61 -37.27
C GLN A 318 5.30 34.56 -37.61
N LEU A 319 6.09 33.82 -36.83
CA LEU A 319 7.50 33.77 -37.11
C LEU A 319 7.79 33.11 -38.45
N ARG A 320 6.97 32.13 -38.85
CA ARG A 320 7.22 31.52 -40.15
C ARG A 320 6.88 32.48 -41.28
N ALA A 321 5.91 33.38 -41.05
CA ALA A 321 5.51 34.29 -42.11
C ALA A 321 6.63 35.25 -42.48
N ILE A 322 7.49 35.59 -41.54
CA ILE A 322 8.60 36.50 -41.79
C ILE A 322 9.91 35.75 -42.06
N GLY A 323 9.83 34.45 -42.35
CA GLY A 323 11.01 33.71 -42.78
C GLY A 323 11.79 33.04 -41.69
N GLY A 324 11.23 32.89 -40.49
CA GLY A 324 11.95 32.26 -39.40
C GLY A 324 12.02 30.76 -39.53
N SER A 325 13.11 30.20 -38.99
CA SER A 325 13.32 28.76 -39.02
C SER A 325 14.14 28.37 -37.79
N GLY A 326 14.12 27.07 -37.47
CA GLY A 326 14.89 26.57 -36.36
C GLY A 326 14.51 27.29 -35.09
N VAL A 327 13.21 27.30 -34.79
CA VAL A 327 12.66 28.08 -33.69
C VAL A 327 12.79 27.28 -32.40
N LEU A 328 13.73 27.68 -31.55
CA LEU A 328 13.93 27.04 -30.25
C LEU A 328 12.98 27.62 -29.22
N VAL A 329 12.26 26.75 -28.52
CA VAL A 329 11.34 27.17 -27.46
C VAL A 329 11.78 26.49 -26.18
N SER A 330 11.92 27.26 -25.10
CA SER A 330 12.34 26.68 -23.83
C SER A 330 11.72 27.44 -22.67
N PRO A 331 11.58 26.79 -21.51
CA PRO A 331 10.95 27.42 -20.35
C PRO A 331 11.94 28.15 -19.46
N LEU A 332 11.39 28.87 -18.48
CA LEU A 332 12.13 29.73 -17.57
C LEU A 332 11.82 29.38 -16.12
N THR A 333 12.84 29.43 -15.27
CA THR A 333 12.57 29.29 -13.83
C THR A 333 12.04 30.60 -13.24
N TYR A 334 12.66 31.72 -13.57
CA TYR A 334 12.28 33.01 -13.03
C TYR A 334 12.23 34.03 -14.15
N ILE A 335 11.41 35.06 -13.97
CA ILE A 335 11.54 36.32 -14.68
C ILE A 335 11.42 37.41 -13.63
N PHE A 336 12.54 38.05 -13.29
CA PHE A 336 12.57 39.14 -12.33
C PHE A 336 12.37 40.46 -13.04
N ASP A 337 11.46 41.27 -12.51
CA ASP A 337 11.17 42.58 -13.07
C ASP A 337 11.14 43.61 -11.94
N GLU A 338 10.36 44.68 -12.12
CA GLU A 338 10.21 45.66 -11.07
C GLU A 338 9.41 45.09 -9.91
N GLU A 339 9.80 45.44 -8.69
CA GLU A 339 9.10 44.91 -7.53
C GLU A 339 7.64 45.33 -7.51
N THR A 340 6.77 44.38 -7.18
CA THR A 340 5.37 44.67 -6.95
C THR A 340 5.25 45.38 -5.61
N PRO A 341 4.16 46.09 -5.38
CA PRO A 341 3.99 46.75 -4.07
C PRO A 341 3.87 45.79 -2.89
N ARG A 342 3.85 44.47 -3.13
CA ARG A 342 3.61 43.54 -2.03
C ARG A 342 4.65 43.69 -0.93
N TRP A 343 5.90 44.00 -1.31
CA TRP A 343 6.93 44.23 -0.31
C TRP A 343 6.65 45.50 0.48
N ARG A 344 6.39 46.62 -0.21
CA ARG A 344 6.08 47.87 0.49
C ARG A 344 4.83 47.73 1.34
N GLN A 345 3.87 46.93 0.89
CA GLN A 345 2.67 46.70 1.68
C GLN A 345 3.00 45.93 2.94
N LEU A 346 3.90 44.96 2.83
CA LEU A 346 4.34 44.23 4.01
C LEU A 346 5.00 45.18 5.02
N LEU A 347 5.92 46.01 4.54
CA LEU A 347 6.63 46.90 5.46
C LEU A 347 5.68 47.90 6.11
N SER A 348 4.66 48.35 5.40
CA SER A 348 3.67 49.20 6.05
C SER A 348 2.93 48.44 7.13
N LYS A 349 2.61 47.16 6.89
CA LYS A 349 1.95 46.38 7.93
C LYS A 349 2.88 46.15 9.12
N LEU A 350 4.19 46.24 8.92
CA LEU A 350 5.09 46.07 10.06
C LEU A 350 5.31 47.36 10.81
N GLY A 351 5.09 48.51 10.15
CA GLY A 351 5.39 49.82 10.70
C GLY A 351 4.98 49.95 12.16
N LEU A 352 3.74 49.67 12.48
CA LEU A 352 3.32 49.55 13.87
C LEU A 352 2.16 48.54 13.98
N GLU B 18 -16.53 22.19 -27.92
CA GLU B 18 -15.72 21.35 -27.01
C GLU B 18 -14.92 20.29 -27.80
N ILE B 19 -13.68 20.03 -27.37
CA ILE B 19 -12.79 19.09 -28.03
C ILE B 19 -12.24 18.08 -27.02
N ARG B 20 -12.32 16.79 -27.37
CA ARG B 20 -11.99 15.67 -26.49
C ARG B 20 -10.84 14.84 -27.04
N LEU B 21 -9.84 14.61 -26.20
CA LEU B 21 -8.64 13.82 -26.54
C LEU B 21 -8.50 12.65 -25.57
N GLY B 22 -8.47 11.43 -26.10
CA GLY B 22 -8.31 10.24 -25.28
C GLY B 22 -6.85 9.87 -25.03
N LEU B 23 -6.55 9.46 -23.80
CA LEU B 23 -5.22 9.05 -23.40
C LEU B 23 -5.26 7.74 -22.62
N PRO B 24 -4.18 6.94 -22.70
CA PRO B 24 -4.18 5.65 -22.00
C PRO B 24 -4.24 5.83 -20.50
N SER B 25 -5.02 4.96 -19.85
CA SER B 25 -5.27 5.09 -18.41
C SER B 25 -4.26 4.35 -17.55
N LYS B 26 -3.85 3.14 -17.92
CA LYS B 26 -2.87 2.40 -17.12
C LYS B 26 -1.88 1.69 -18.03
N GLY B 27 -0.75 1.30 -17.44
CA GLY B 27 0.36 0.68 -18.13
C GLY B 27 1.48 1.68 -18.31
N ARG B 28 2.60 1.18 -18.87
CA ARG B 28 3.66 2.12 -19.21
C ARG B 28 3.24 3.06 -20.31
N MET B 29 2.31 2.65 -21.17
CA MET B 29 1.82 3.55 -22.20
C MET B 29 1.23 4.81 -21.56
N SER B 30 0.55 4.66 -20.42
CA SER B 30 -0.03 5.80 -19.73
C SER B 30 1.04 6.72 -19.13
N SER B 31 2.00 6.14 -18.38
CA SER B 31 3.04 6.94 -17.76
C SER B 31 3.92 7.60 -18.82
N ASP B 32 4.20 6.88 -19.91
CA ASP B 32 4.98 7.47 -20.99
C ASP B 32 4.19 8.59 -21.68
N THR B 33 2.87 8.45 -21.75
CA THR B 33 2.07 9.50 -22.38
C THR B 33 2.02 10.76 -21.51
N LEU B 34 1.81 10.60 -20.21
CA LEU B 34 1.84 11.76 -19.33
C LEU B 34 3.24 12.38 -19.28
N ASP B 35 4.28 11.56 -19.39
CA ASP B 35 5.64 12.09 -19.46
C ASP B 35 5.83 12.89 -20.74
N LEU B 36 5.24 12.42 -21.85
CA LEU B 36 5.30 13.16 -23.10
C LEU B 36 4.61 14.51 -22.98
N LEU B 37 3.41 14.52 -22.40
CA LEU B 37 2.70 15.78 -22.26
C LEU B 37 3.42 16.73 -21.33
N LYS B 38 4.00 16.21 -20.26
CA LYS B 38 4.74 17.08 -19.35
C LYS B 38 6.00 17.65 -20.00
N ASP B 39 6.63 16.88 -20.92
CA ASP B 39 7.78 17.40 -21.64
C ASP B 39 7.40 18.43 -22.71
N CYS B 40 6.14 18.47 -23.15
CA CYS B 40 5.68 19.46 -24.10
C CYS B 40 5.16 20.71 -23.41
N GLN B 41 5.34 20.83 -22.09
CA GLN B 41 4.71 21.87 -21.29
C GLN B 41 3.20 21.86 -21.47
N LEU B 42 2.62 20.70 -21.76
CA LEU B 42 1.17 20.52 -21.79
C LEU B 42 0.72 19.65 -20.62
N SER B 43 0.88 20.17 -19.42
CA SER B 43 0.50 19.40 -18.24
C SER B 43 -1.02 19.34 -18.10
N VAL B 44 -1.53 18.20 -17.66
CA VAL B 44 -2.97 17.98 -17.50
C VAL B 44 -3.47 18.30 -16.08
N ARG B 50 -7.59 12.63 -7.93
CA ARG B 50 -8.07 11.26 -8.10
C ARG B 50 -8.96 11.14 -9.34
N GLN B 51 -9.42 12.29 -9.83
CA GLN B 51 -10.38 12.31 -10.92
C GLN B 51 -9.75 11.85 -12.24
N TYR B 52 -10.60 11.43 -13.17
CA TYR B 52 -10.16 10.81 -14.41
C TYR B 52 -10.27 11.70 -15.64
N VAL B 53 -10.86 12.88 -15.54
CA VAL B 53 -10.98 13.82 -16.66
C VAL B 53 -10.23 15.10 -16.30
N ALA B 54 -9.38 15.57 -17.21
CA ALA B 54 -8.60 16.77 -16.97
C ALA B 54 -8.65 17.70 -18.17
N GLN B 55 -7.95 18.82 -18.04
CA GLN B 55 -7.86 19.85 -19.06
C GLN B 55 -6.40 20.14 -19.39
N ILE B 56 -6.16 20.46 -20.65
CA ILE B 56 -4.87 21.03 -21.06
C ILE B 56 -5.15 22.48 -21.40
N PRO B 57 -4.82 23.42 -20.51
CA PRO B 57 -5.23 24.81 -20.70
C PRO B 57 -4.43 25.57 -21.74
N GLN B 58 -3.22 25.11 -22.07
CA GLN B 58 -2.40 25.84 -23.02
C GLN B 58 -2.94 25.69 -24.43
N ILE B 59 -3.72 24.65 -24.67
CA ILE B 59 -4.47 24.50 -25.92
C ILE B 59 -5.93 24.83 -25.62
N SER B 60 -6.44 25.84 -26.29
CA SER B 60 -7.77 26.37 -26.00
C SER B 60 -8.84 25.31 -26.22
N ASN B 61 -9.66 25.08 -25.20
CA ASN B 61 -10.83 24.19 -25.29
C ASN B 61 -10.38 22.79 -25.69
N LEU B 62 -9.43 22.23 -24.93
CA LEU B 62 -8.95 20.88 -25.14
C LEU B 62 -9.05 20.12 -23.83
N GLU B 63 -9.74 18.98 -23.86
CA GLU B 63 -10.13 18.25 -22.66
C GLU B 63 -9.70 16.80 -22.80
N VAL B 64 -9.00 16.28 -21.80
CA VAL B 64 -8.36 14.97 -21.88
C VAL B 64 -9.14 13.98 -21.03
N TRP B 65 -9.37 12.80 -21.61
CA TRP B 65 -10.11 11.70 -20.99
C TRP B 65 -9.18 10.51 -20.87
N PHE B 66 -9.01 9.99 -19.66
CA PHE B 66 -8.12 8.84 -19.43
C PHE B 66 -8.90 7.54 -19.57
N GLN B 67 -8.50 6.70 -20.54
CA GLN B 67 -9.20 5.47 -20.85
C GLN B 67 -8.18 4.40 -21.20
N ARG B 68 -8.56 3.13 -21.13
CA ARG B 68 -7.75 2.09 -21.74
C ARG B 68 -7.72 2.27 -23.26
N PRO B 69 -6.62 1.90 -23.92
CA PRO B 69 -6.50 2.20 -25.36
C PRO B 69 -7.62 1.62 -26.20
N LYS B 70 -8.08 0.39 -25.89
CA LYS B 70 -9.23 -0.14 -26.61
C LYS B 70 -10.45 0.75 -26.42
N ASP B 71 -10.58 1.38 -25.25
CA ASP B 71 -11.66 2.33 -25.03
C ASP B 71 -11.47 3.60 -25.85
N ILE B 72 -10.22 3.99 -26.10
CA ILE B 72 -9.95 5.13 -26.97
C ILE B 72 -10.42 4.83 -28.38
N VAL B 73 -10.13 3.62 -28.88
CA VAL B 73 -10.56 3.25 -30.23
C VAL B 73 -12.09 3.17 -30.31
N ARG B 74 -12.72 2.56 -29.30
CA ARG B 74 -14.17 2.40 -29.30
C ARG B 74 -14.87 3.76 -29.27
N LYS B 75 -14.41 4.69 -28.42
CA LYS B 75 -15.10 5.97 -28.34
C LYS B 75 -14.76 6.86 -29.52
N LEU B 76 -13.56 6.72 -30.10
CA LEU B 76 -13.26 7.42 -31.33
C LEU B 76 -14.16 6.96 -32.47
N LEU B 77 -14.42 5.66 -32.55
CA LEU B 77 -15.34 5.20 -33.59
C LEU B 77 -16.76 5.69 -33.35
N SER B 78 -17.22 5.67 -32.09
CA SER B 78 -18.60 6.07 -31.84
C SER B 78 -18.80 7.59 -31.94
N GLY B 79 -17.75 8.38 -31.72
CA GLY B 79 -17.87 9.83 -31.80
C GLY B 79 -17.86 10.55 -30.47
N ASP B 80 -17.61 9.83 -29.39
CA ASP B 80 -17.51 10.43 -28.07
C ASP B 80 -16.18 11.15 -27.88
N LEU B 81 -15.13 10.70 -28.56
CA LEU B 81 -13.83 11.32 -28.57
C LEU B 81 -13.49 11.84 -29.96
N ASP B 82 -12.57 12.80 -29.99
CA ASP B 82 -12.09 13.38 -31.22
C ASP B 82 -10.64 13.01 -31.53
N LEU B 83 -9.79 12.90 -30.52
CA LEU B 83 -8.41 12.51 -30.70
C LEU B 83 -8.04 11.39 -29.74
N GLY B 84 -6.97 10.68 -30.08
CA GLY B 84 -6.46 9.66 -29.20
C GLY B 84 -5.00 9.40 -29.45
N ILE B 85 -4.31 8.91 -28.42
CA ILE B 85 -2.95 8.41 -28.52
C ILE B 85 -2.98 6.95 -28.12
N VAL B 86 -2.62 6.06 -29.06
CA VAL B 86 -2.75 4.63 -28.84
C VAL B 86 -1.66 3.93 -29.61
N GLY B 87 -1.27 2.75 -29.12
CA GLY B 87 -0.34 1.94 -29.88
C GLY B 87 -0.94 1.51 -31.20
N LEU B 88 -0.07 1.37 -32.21
CA LEU B 88 -0.57 0.96 -33.52
C LEU B 88 -1.16 -0.44 -33.48
N ASP B 89 -0.73 -1.28 -32.53
CA ASP B 89 -1.31 -2.61 -32.36
C ASP B 89 -2.79 -2.52 -31.95
N VAL B 90 -3.08 -1.73 -30.92
CA VAL B 90 -4.46 -1.56 -30.47
C VAL B 90 -5.30 -0.91 -31.55
N LEU B 91 -4.73 0.05 -32.27
CA LEU B 91 -5.47 0.73 -33.31
C LEU B 91 -5.85 -0.22 -34.44
N THR B 92 -4.90 -1.05 -34.89
CA THR B 92 -5.23 -1.92 -36.01
C THR B 92 -6.13 -3.08 -35.59
N GLU B 93 -5.95 -3.64 -34.39
CA GLU B 93 -6.83 -4.74 -34.04
C GLU B 93 -8.23 -4.25 -33.67
N PHE B 94 -8.34 -3.28 -32.78
CA PHE B 94 -9.69 -2.92 -32.35
C PHE B 94 -10.35 -1.91 -33.29
N GLY B 95 -9.59 -1.27 -34.18
CA GLY B 95 -10.13 -0.39 -35.20
C GLY B 95 -10.48 -1.18 -36.46
N GLN B 96 -9.81 -2.32 -36.64
CA GLN B 96 -10.12 -3.26 -37.70
C GLN B 96 -9.88 -2.69 -39.10
N GLY B 97 -9.09 -1.65 -39.19
CA GLY B 97 -8.85 -1.05 -40.48
C GLY B 97 -10.07 -0.31 -40.93
N ASN B 98 -10.87 0.13 -39.97
CA ASN B 98 -12.05 0.87 -40.26
C ASN B 98 -11.63 2.13 -40.97
N GLU B 99 -12.34 2.49 -42.01
CA GLU B 99 -11.97 3.67 -42.77
C GLU B 99 -12.05 4.99 -42.03
N ASP B 100 -12.92 5.09 -41.05
CA ASP B 100 -13.11 6.32 -40.28
C ASP B 100 -11.86 6.81 -39.53
N LEU B 101 -11.01 5.90 -39.10
CA LEU B 101 -9.80 6.30 -38.39
C LEU B 101 -8.63 6.68 -39.27
N ILE B 102 -8.03 7.82 -38.99
CA ILE B 102 -6.85 8.30 -39.70
C ILE B 102 -5.71 8.49 -38.71
N VAL B 103 -4.57 7.89 -39.00
CA VAL B 103 -3.37 8.15 -38.21
C VAL B 103 -2.79 9.50 -38.62
N VAL B 104 -2.73 10.42 -37.67
CA VAL B 104 -2.15 11.73 -37.90
C VAL B 104 -0.64 11.69 -37.78
N HIS B 105 -0.15 11.13 -36.68
CA HIS B 105 1.29 10.92 -36.50
C HIS B 105 1.48 9.45 -36.16
N GLU B 106 2.28 8.76 -36.97
CA GLU B 106 2.41 7.32 -36.88
C GLU B 106 3.58 6.88 -36.00
N ALA B 107 4.35 7.81 -35.45
CA ALA B 107 5.60 7.44 -34.79
C ALA B 107 5.93 8.45 -33.68
N LEU B 108 5.28 8.30 -32.54
CA LEU B 108 5.59 9.14 -31.38
C LEU B 108 6.81 8.62 -30.59
N GLU B 109 7.49 7.59 -31.10
CA GLU B 109 8.79 7.12 -30.61
C GLU B 109 8.72 6.59 -29.17
N TYR B 110 7.57 6.09 -28.73
CA TYR B 110 7.51 5.30 -27.50
C TYR B 110 6.44 4.23 -27.66
N GLY B 111 6.47 3.25 -26.77
CA GLY B 111 5.65 2.08 -26.96
C GLY B 111 6.16 1.18 -28.06
N ASP B 112 7.46 1.19 -28.29
CA ASP B 112 8.08 0.40 -29.34
C ASP B 112 7.89 -1.08 -29.10
N CYS B 113 7.34 -1.77 -30.09
CA CYS B 113 7.22 -3.22 -30.05
C CYS B 113 6.88 -3.70 -31.44
N ARG B 114 6.81 -5.01 -31.60
CA ARG B 114 6.27 -5.59 -32.83
C ARG B 114 5.42 -6.79 -32.45
N LEU B 115 4.24 -6.88 -33.05
CA LEU B 115 3.42 -8.06 -32.86
C LEU B 115 3.89 -9.13 -33.85
N SER B 116 4.34 -10.26 -33.29
CA SER B 116 4.94 -11.35 -34.06
C SER B 116 4.69 -12.69 -33.38
N ILE B 117 5.05 -13.76 -34.08
CA ILE B 117 4.82 -15.15 -33.67
C ILE B 117 6.14 -15.81 -33.25
N ALA B 118 6.11 -16.60 -32.16
CA ALA B 118 7.28 -17.30 -31.64
C ALA B 118 7.12 -18.82 -31.65
N ILE B 119 8.21 -19.52 -31.99
CA ILE B 119 8.29 -20.97 -32.11
C ILE B 119 9.49 -21.51 -31.31
N PRO B 120 9.59 -22.83 -31.03
CA PRO B 120 10.73 -23.34 -30.26
C PRO B 120 12.07 -23.11 -30.95
N GLN B 121 13.14 -23.22 -30.16
CA GLN B 121 14.50 -23.10 -30.69
C GLN B 121 15.00 -24.42 -31.24
N LYS B 136 4.55 -24.91 -43.50
CA LYS B 136 4.15 -25.88 -44.51
C LYS B 136 4.29 -27.31 -44.01
N MET B 137 4.97 -27.47 -42.87
CA MET B 137 5.25 -28.79 -42.32
C MET B 137 3.95 -29.56 -42.11
N PRO B 138 3.72 -30.61 -42.88
CA PRO B 138 2.38 -31.20 -42.92
C PRO B 138 2.10 -32.07 -41.72
N GLN B 139 1.62 -31.48 -40.63
CA GLN B 139 1.03 -32.25 -39.54
C GLN B 139 -0.42 -31.84 -39.28
N TRP B 140 -1.03 -31.05 -40.16
CA TRP B 140 -2.34 -30.47 -39.92
C TRP B 140 -3.29 -30.82 -41.04
N THR B 141 -4.40 -31.46 -40.67
CA THR B 141 -5.49 -31.82 -41.56
C THR B 141 -6.79 -31.30 -40.99
N GLU B 142 -6.73 -30.10 -40.39
CA GLU B 142 -7.88 -29.39 -39.84
C GLU B 142 -8.27 -30.04 -38.53
N ASP B 143 -8.11 -31.36 -38.44
CA ASP B 143 -8.34 -32.09 -37.20
C ASP B 143 -7.35 -31.63 -36.15
N LEU B 146 -3.39 -26.38 -36.23
CA LEU B 146 -2.29 -25.67 -35.60
C LEU B 146 -2.81 -24.63 -34.62
N ARG B 147 -2.54 -24.86 -33.33
CA ARG B 147 -3.03 -24.04 -32.24
C ARG B 147 -2.06 -22.92 -31.89
N VAL B 148 -2.54 -21.68 -31.92
CA VAL B 148 -1.78 -20.51 -31.52
C VAL B 148 -2.54 -19.79 -30.40
N ALA B 149 -1.89 -19.64 -29.25
CA ALA B 149 -2.46 -18.90 -28.14
C ALA B 149 -2.15 -17.42 -28.32
N THR B 150 -3.16 -16.58 -28.12
CA THR B 150 -3.03 -15.15 -28.36
C THR B 150 -4.15 -14.42 -27.66
N GLY B 151 -3.88 -13.19 -27.23
CA GLY B 151 -4.95 -12.32 -26.79
C GLY B 151 -5.51 -11.47 -27.90
N PHE B 152 -4.87 -11.55 -29.07
CA PHE B 152 -5.27 -10.77 -30.24
C PHE B 152 -6.18 -11.69 -31.07
N THR B 153 -7.46 -11.72 -30.67
CA THR B 153 -8.39 -12.67 -31.30
C THR B 153 -8.58 -12.39 -32.78
N TYR B 154 -8.40 -11.14 -33.20
CA TYR B 154 -8.69 -10.72 -34.57
C TYR B 154 -7.50 -10.77 -35.53
N LEU B 155 -6.33 -10.27 -35.13
CA LEU B 155 -5.28 -10.05 -36.11
C LEU B 155 -4.63 -11.35 -36.55
N GLY B 156 -4.69 -12.38 -35.71
CA GLY B 156 -4.22 -13.69 -36.06
C GLY B 156 -4.94 -14.22 -37.29
N PRO B 157 -6.27 -14.31 -37.24
CA PRO B 157 -7.03 -14.76 -38.43
C PRO B 157 -6.72 -14.00 -39.71
N LYS B 158 -6.50 -12.69 -39.62
CA LYS B 158 -6.22 -11.91 -40.82
C LYS B 158 -4.93 -12.35 -41.49
N PHE B 159 -3.87 -12.56 -40.70
CA PHE B 159 -2.60 -12.96 -41.30
C PHE B 159 -2.67 -14.34 -41.96
N MET B 160 -3.77 -15.11 -41.79
CA MET B 160 -3.80 -16.44 -42.38
C MET B 160 -4.24 -16.41 -43.84
N LYS B 161 -4.97 -15.37 -44.24
CA LYS B 161 -5.32 -15.17 -45.64
C LYS B 161 -4.16 -14.67 -46.49
N ASP B 162 -3.10 -14.14 -45.88
CA ASP B 162 -2.08 -13.49 -46.68
C ASP B 162 -1.09 -14.47 -47.30
N ASN B 163 -0.76 -15.55 -46.60
CA ASN B 163 0.27 -16.49 -47.05
C ASN B 163 0.22 -17.79 -46.26
N GLY B 164 -0.87 -18.00 -45.52
CA GLY B 164 -1.09 -19.28 -44.85
C GLY B 164 -1.69 -20.35 -45.74
N HIS B 167 -4.88 -23.95 -42.13
CA HIS B 167 -5.37 -24.74 -41.01
C HIS B 167 -4.84 -24.20 -39.69
N VAL B 168 -5.45 -23.16 -39.13
CA VAL B 168 -4.96 -22.53 -37.91
C VAL B 168 -6.14 -22.21 -36.99
N ALA B 169 -6.03 -22.63 -35.73
CA ALA B 169 -6.97 -22.29 -34.66
C ALA B 169 -6.27 -21.45 -33.59
N PHE B 170 -7.03 -20.52 -33.02
CA PHE B 170 -6.53 -19.60 -32.01
C PHE B 170 -7.17 -19.84 -30.64
N SER B 171 -6.41 -19.54 -29.59
CA SER B 171 -6.84 -19.74 -28.22
C SER B 171 -6.50 -18.49 -27.41
N THR B 172 -6.77 -18.55 -26.11
CA THR B 172 -6.37 -17.51 -25.17
C THR B 172 -5.89 -18.19 -23.89
N ALA B 173 -4.64 -17.95 -23.52
CA ALA B 173 -4.08 -18.60 -22.35
C ALA B 173 -3.58 -17.59 -21.31
N ALA B 176 -0.07 -17.56 -17.77
CA ALA B 176 1.21 -17.25 -18.39
C ALA B 176 1.18 -17.50 -19.90
N LEU B 177 0.81 -16.46 -20.66
CA LEU B 177 0.72 -16.58 -22.11
C LEU B 177 2.00 -17.09 -22.73
N GLU B 178 3.15 -16.59 -22.27
CA GLU B 178 4.43 -16.91 -22.89
C GLU B 178 4.80 -18.38 -22.75
N ALA B 179 4.33 -19.04 -21.70
CA ALA B 179 4.63 -20.44 -21.45
C ALA B 179 3.69 -21.39 -22.18
N ALA B 180 2.74 -20.86 -22.95
CA ALA B 180 1.75 -21.71 -23.60
C ALA B 180 2.32 -22.80 -24.52
N PRO B 181 3.37 -22.55 -25.34
CA PRO B 181 3.87 -23.66 -26.16
C PRO B 181 4.49 -24.78 -25.34
N ALA B 182 5.12 -24.47 -24.21
CA ALA B 182 5.70 -25.51 -23.37
C ALA B 182 4.63 -26.30 -22.61
N MET B 183 3.55 -25.63 -22.19
CA MET B 183 2.50 -26.31 -21.44
C MET B 183 1.59 -27.14 -22.34
N GLY B 184 1.58 -26.90 -23.64
CA GLY B 184 0.69 -27.57 -24.56
C GLY B 184 -0.65 -26.90 -24.83
N ILE B 185 -0.84 -25.65 -24.41
CA ILE B 185 -2.05 -24.92 -24.78
C ILE B 185 -2.12 -24.76 -26.30
N ALA B 186 -0.98 -24.57 -26.94
CA ALA B 186 -0.96 -24.28 -28.36
C ALA B 186 0.38 -24.67 -29.00
N ILE B 189 3.25 -19.02 -30.33
CA ILE B 189 2.58 -17.93 -29.65
C ILE B 189 2.49 -16.73 -30.60
N LEU B 190 1.50 -15.86 -30.42
CA LEU B 190 1.43 -14.59 -31.13
C LEU B 190 1.32 -13.45 -30.11
N ASP B 191 2.40 -12.70 -29.94
CA ASP B 191 2.44 -11.72 -28.87
C ASP B 191 3.33 -10.55 -29.27
N LEU B 192 3.37 -9.54 -28.40
CA LEU B 192 4.18 -8.34 -28.59
C LEU B 192 5.58 -8.58 -28.06
N VAL B 193 6.57 -8.24 -28.88
CA VAL B 193 7.98 -8.39 -28.53
C VAL B 193 8.62 -7.02 -28.58
N SER B 194 9.35 -6.66 -27.52
CA SER B 194 10.06 -5.39 -27.49
C SER B 194 11.56 -5.65 -27.46
N SER B 195 12.09 -5.97 -26.29
CA SER B 195 13.50 -6.34 -26.14
C SER B 195 13.74 -7.82 -26.43
N GLY B 196 12.69 -8.64 -26.49
CA GLY B 196 12.86 -10.05 -26.81
C GLY B 196 13.31 -10.91 -25.65
N THR B 197 13.41 -10.36 -24.43
CA THR B 197 13.90 -11.14 -23.30
C THR B 197 12.92 -12.23 -22.91
N THR B 198 11.60 -11.94 -23.00
CA THR B 198 10.60 -12.96 -22.73
C THR B 198 10.73 -14.16 -23.66
N LEU B 199 11.12 -13.94 -24.91
CA LEU B 199 11.32 -15.05 -25.83
C LEU B 199 12.50 -15.93 -25.41
N LYS B 200 13.60 -15.33 -24.97
CA LYS B 200 14.75 -16.13 -24.56
C LYS B 200 14.48 -16.86 -23.25
N GLU B 201 13.69 -16.25 -22.35
CA GLU B 201 13.39 -16.89 -21.07
C GLU B 201 12.61 -18.18 -21.25
N ASN B 202 11.79 -18.27 -22.30
CA ASN B 202 10.95 -19.43 -22.55
C ASN B 202 11.43 -20.25 -23.74
N ASN B 203 12.71 -20.13 -24.09
CA ASN B 203 13.32 -20.94 -25.15
C ASN B 203 12.52 -20.82 -26.45
N LEU B 204 12.07 -19.60 -26.73
CA LEU B 204 11.30 -19.30 -27.92
C LEU B 204 12.06 -18.32 -28.80
N LYS B 205 12.03 -18.56 -30.10
CA LYS B 205 12.69 -17.72 -31.08
C LYS B 205 11.67 -17.19 -32.09
N GLU B 206 12.12 -16.21 -32.86
CA GLU B 206 11.31 -15.46 -33.81
C GLU B 206 11.65 -15.89 -35.22
N ILE B 207 10.70 -15.72 -36.14
CA ILE B 207 10.83 -16.19 -37.52
C ILE B 207 10.97 -15.01 -38.47
N GLU B 208 11.54 -15.29 -39.64
CA GLU B 208 11.55 -14.31 -40.72
C GLU B 208 10.15 -14.16 -41.28
N GLY B 209 9.66 -12.92 -41.33
CA GLY B 209 8.31 -12.66 -41.72
C GLY B 209 7.28 -12.90 -40.63
N GLY B 210 7.72 -13.30 -39.44
CA GLY B 210 6.80 -13.49 -38.34
C GLY B 210 6.28 -12.22 -37.74
N THR B 211 6.89 -11.07 -38.06
CA THR B 211 6.40 -9.81 -37.55
C THR B 211 5.14 -9.46 -38.32
N VAL B 212 4.00 -9.46 -37.64
CA VAL B 212 2.77 -9.05 -38.30
C VAL B 212 2.68 -7.53 -38.33
N LEU B 213 3.17 -6.85 -37.29
CA LEU B 213 3.15 -5.40 -37.39
C LEU B 213 4.20 -4.77 -36.48
N GLU B 214 4.68 -3.60 -36.90
CA GLU B 214 5.54 -2.75 -36.09
C GLU B 214 4.66 -1.71 -35.40
N SER B 215 4.86 -1.53 -34.10
CA SER B 215 3.97 -0.66 -33.36
C SER B 215 4.76 0.35 -32.54
N GLN B 216 4.26 1.58 -32.56
CA GLN B 216 4.62 2.66 -31.68
C GLN B 216 3.35 3.30 -31.17
N ALA B 217 3.50 4.26 -30.27
CA ALA B 217 2.39 5.14 -29.95
C ALA B 217 2.09 6.04 -31.14
N ALA B 218 0.81 6.34 -31.35
CA ALA B 218 0.39 7.10 -32.50
C ALA B 218 -0.71 8.08 -32.11
N LEU B 219 -0.70 9.24 -32.76
CA LEU B 219 -1.75 10.24 -32.64
C LEU B 219 -2.74 10.02 -33.77
N VAL B 220 -3.97 9.65 -33.40
CA VAL B 220 -5.05 9.29 -34.30
C VAL B 220 -6.23 10.22 -34.07
N ALA B 221 -7.04 10.41 -35.11
CA ALA B 221 -8.17 11.32 -35.05
C ALA B 221 -9.39 10.69 -35.71
N SER B 222 -10.57 11.15 -35.29
CA SER B 222 -11.82 10.68 -35.87
C SER B 222 -12.16 11.50 -37.10
N ARG B 223 -12.53 10.84 -38.19
CA ARG B 223 -12.86 11.57 -39.39
C ARG B 223 -14.17 12.27 -39.25
N ARG B 224 -15.15 11.62 -38.64
CA ARG B 224 -16.43 12.31 -38.49
C ARG B 224 -16.28 13.59 -37.67
N SER B 225 -15.41 13.56 -36.67
CA SER B 225 -15.19 14.73 -35.83
C SER B 225 -14.40 15.82 -36.57
N MET B 226 -13.37 15.44 -37.34
CA MET B 226 -12.57 16.47 -38.00
C MET B 226 -13.37 17.24 -39.03
N ILE B 227 -14.27 16.57 -39.75
CA ILE B 227 -15.09 17.25 -40.74
C ILE B 227 -16.30 17.92 -40.07
N GLY B 228 -16.83 17.34 -39.00
CA GLY B 228 -18.13 17.76 -38.51
C GLY B 228 -18.17 18.63 -37.27
N ARG B 229 -17.22 18.52 -36.35
CA ARG B 229 -17.25 19.29 -35.11
C ARG B 229 -16.31 20.47 -35.31
N LYS B 230 -16.88 21.68 -35.33
CA LYS B 230 -16.08 22.86 -35.60
C LYS B 230 -15.11 23.12 -34.45
N GLY B 231 -13.85 23.39 -34.81
CA GLY B 231 -12.79 23.65 -33.87
C GLY B 231 -11.88 22.47 -33.59
N VAL B 232 -12.30 21.26 -33.93
CA VAL B 232 -11.48 20.08 -33.67
C VAL B 232 -10.26 20.06 -34.58
N LEU B 233 -10.46 20.35 -35.86
CA LEU B 233 -9.39 20.20 -36.85
C LEU B 233 -8.20 21.09 -36.54
N GLU B 234 -8.44 22.31 -36.06
CA GLU B 234 -7.34 23.21 -35.79
C GLU B 234 -6.52 22.76 -34.59
N THR B 235 -7.14 22.15 -33.59
CA THR B 235 -6.33 21.67 -32.48
C THR B 235 -5.65 20.35 -32.79
N THR B 236 -6.20 19.52 -33.69
CA THR B 236 -5.39 18.39 -34.16
C THR B 236 -4.18 18.89 -34.94
N HIS B 237 -4.35 19.98 -35.70
CA HIS B 237 -3.23 20.62 -36.36
C HIS B 237 -2.18 21.07 -35.35
N GLU B 238 -2.62 21.81 -34.32
CA GLU B 238 -1.68 22.28 -33.30
C GLU B 238 -1.00 21.11 -32.61
N MET B 239 -1.75 20.04 -32.32
CA MET B 239 -1.17 18.89 -31.64
C MET B 239 -0.09 18.25 -32.50
N LEU B 240 -0.36 18.08 -33.79
CA LEU B 240 0.64 17.49 -34.67
C LEU B 240 1.87 18.37 -34.76
N GLU B 241 1.67 19.69 -34.85
CA GLU B 241 2.81 20.60 -34.92
C GLU B 241 3.64 20.53 -33.65
N ARG B 242 2.99 20.53 -32.49
CA ARG B 242 3.71 20.48 -31.23
C ARG B 242 4.48 19.17 -31.09
N LEU B 243 3.85 18.06 -31.43
CA LEU B 243 4.52 16.77 -31.33
C LEU B 243 5.71 16.70 -32.28
N GLU B 244 5.58 17.23 -33.49
CA GLU B 244 6.72 17.22 -34.40
C GLU B 244 7.87 18.07 -33.85
N ALA B 245 7.56 19.27 -33.34
CA ALA B 245 8.61 20.15 -32.85
C ALA B 245 9.26 19.61 -31.59
N HIS B 246 8.50 18.94 -30.74
CA HIS B 246 9.06 18.32 -29.54
C HIS B 246 9.92 17.12 -29.88
N LEU B 247 9.48 16.32 -30.87
CA LEU B 247 10.27 15.18 -31.27
C LEU B 247 11.60 15.63 -31.86
N ARG B 248 11.59 16.72 -32.64
CA ARG B 248 12.83 17.28 -33.14
C ARG B 248 13.72 17.78 -32.01
N ALA B 249 13.11 18.34 -30.96
CA ALA B 249 13.82 18.95 -29.85
C ALA B 249 14.48 17.94 -28.93
N MET B 250 14.21 16.66 -29.11
CA MET B 250 14.36 15.71 -28.02
C MET B 250 15.66 14.90 -27.95
N GLY B 251 16.59 14.91 -28.91
CA GLY B 251 16.65 15.68 -30.12
C GLY B 251 17.98 16.42 -30.10
N GLN B 252 17.93 17.67 -29.65
CA GLN B 252 19.07 18.55 -29.68
C GLN B 252 19.36 19.08 -28.29
N PHE B 253 20.50 19.74 -28.19
CA PHE B 253 20.87 20.60 -27.09
C PHE B 253 21.17 21.97 -27.69
N THR B 254 20.92 23.03 -26.94
CA THR B 254 21.58 24.28 -27.27
C THR B 254 22.90 24.30 -26.52
N VAL B 255 23.96 24.64 -27.24
CA VAL B 255 25.32 24.68 -26.75
C VAL B 255 25.81 26.11 -26.95
N VAL B 256 26.31 26.72 -25.89
CA VAL B 256 26.81 28.09 -25.93
C VAL B 256 28.22 28.11 -25.34
N ALA B 257 29.18 28.65 -26.10
CA ALA B 257 30.59 28.58 -25.69
C ALA B 257 31.25 29.95 -25.73
N ASN B 258 32.11 30.18 -24.75
CA ASN B 258 33.00 31.34 -24.76
C ASN B 258 34.26 31.01 -25.55
N MET B 259 34.69 31.94 -26.38
CA MET B 259 35.84 31.72 -27.24
C MET B 259 36.64 33.01 -27.30
N ARG B 260 37.96 32.90 -27.16
CA ARG B 260 38.81 34.07 -27.32
C ARG B 260 38.94 34.36 -28.82
N GLY B 261 38.78 35.62 -29.19
CA GLY B 261 38.87 35.97 -30.60
C GLY B 261 39.00 37.47 -30.80
N SER B 262 39.48 37.83 -31.99
CA SER B 262 39.65 39.22 -32.37
C SER B 262 38.38 39.81 -32.98
N SER B 263 37.65 39.01 -33.75
CA SER B 263 36.41 39.45 -34.38
C SER B 263 35.39 38.31 -34.31
N ALA B 264 34.12 38.68 -34.52
CA ALA B 264 33.08 37.67 -34.66
C ALA B 264 33.32 36.80 -35.87
N GLU B 265 33.91 37.37 -36.92
CA GLU B 265 34.09 36.65 -38.19
C GLU B 265 35.17 35.60 -38.07
N GLU B 266 36.26 35.92 -37.39
CA GLU B 266 37.31 34.94 -37.15
C GLU B 266 36.81 33.79 -36.29
N VAL B 267 36.05 34.10 -35.25
CA VAL B 267 35.50 33.07 -34.38
C VAL B 267 34.54 32.15 -35.15
N ALA B 268 33.63 32.74 -35.91
CA ALA B 268 32.73 31.93 -36.74
C ALA B 268 33.51 31.10 -37.74
N GLU B 269 34.59 31.67 -38.28
CA GLU B 269 35.50 30.94 -39.14
C GLU B 269 36.08 29.72 -38.43
N ARG B 270 36.37 29.87 -37.13
CA ARG B 270 36.86 28.74 -36.35
C ARG B 270 35.78 27.69 -36.08
N VAL B 271 34.57 28.12 -35.72
CA VAL B 271 33.50 27.17 -35.42
C VAL B 271 33.08 26.42 -36.67
N LEU B 272 33.01 27.10 -37.81
CA LEU B 272 32.52 26.44 -39.01
C LEU B 272 33.54 25.51 -39.63
N SER B 273 34.82 25.68 -39.30
CA SER B 273 35.82 24.70 -39.72
C SER B 273 35.60 23.34 -39.06
N GLN B 274 34.89 23.31 -37.97
CA GLN B 274 34.68 22.07 -37.24
C GLN B 274 33.45 21.34 -37.76
N PRO B 275 33.56 20.03 -38.04
CA PRO B 275 32.47 19.35 -38.77
C PRO B 275 31.14 19.36 -38.05
N SER B 276 31.14 18.98 -36.78
CA SER B 276 29.91 18.78 -36.03
C SER B 276 29.51 19.98 -35.18
N LEU B 277 30.13 21.14 -35.41
CA LEU B 277 29.71 22.41 -34.84
C LEU B 277 28.90 23.25 -35.81
N ALA B 278 28.24 22.61 -36.79
CA ALA B 278 27.53 23.36 -37.83
C ALA B 278 26.31 24.09 -37.27
N GLY B 279 25.60 23.50 -36.30
CA GLY B 279 24.33 24.06 -35.90
C GLY B 279 23.27 23.92 -37.00
N LEU B 280 22.11 24.53 -36.74
CA LEU B 280 21.01 24.48 -37.71
C LEU B 280 21.36 25.29 -38.97
N GLN B 281 21.83 26.51 -38.78
CA GLN B 281 22.26 27.37 -39.87
C GLN B 281 23.66 27.90 -39.70
N GLY B 282 24.28 27.76 -38.53
CA GLY B 282 25.58 28.34 -38.29
C GLY B 282 25.63 28.93 -36.92
N PRO B 283 26.84 29.24 -36.43
CA PRO B 283 26.96 29.75 -35.06
C PRO B 283 26.38 31.15 -34.94
N THR B 284 25.61 31.38 -33.90
CA THR B 284 25.34 32.75 -33.52
C THR B 284 26.57 33.25 -32.77
N VAL B 285 27.08 34.41 -33.17
CA VAL B 285 28.28 34.96 -32.55
C VAL B 285 27.97 36.35 -32.01
N SER B 286 28.26 36.56 -30.72
CA SER B 286 28.01 37.83 -30.03
C SER B 286 29.21 38.24 -29.20
N PRO B 287 29.38 39.53 -28.95
CA PRO B 287 30.56 39.97 -28.19
C PRO B 287 30.46 39.67 -26.69
N VAL B 288 31.61 39.32 -26.09
CA VAL B 288 31.73 39.09 -24.66
C VAL B 288 32.83 40.01 -24.12
N PHE B 289 32.43 40.89 -23.17
CA PHE B 289 33.23 41.98 -22.63
C PHE B 289 33.81 41.65 -21.27
N CYS B 290 35.01 42.17 -21.00
CA CYS B 290 35.67 42.03 -19.69
C CYS B 290 36.61 43.21 -19.47
N LYS B 291 36.84 43.52 -18.19
CA LYS B 291 37.68 44.65 -17.80
C LYS B 291 39.16 44.29 -17.90
N ARG B 292 39.91 45.09 -18.65
CA ARG B 292 41.34 44.86 -18.85
C ARG B 292 42.21 45.80 -18.01
N ASP B 293 42.35 47.03 -18.49
CA ASP B 293 43.17 48.01 -17.81
C ASP B 293 42.25 49.08 -17.26
N GLY B 294 41.21 48.66 -16.55
CA GLY B 294 40.18 49.58 -16.14
C GLY B 294 39.22 49.95 -17.24
N LYS B 295 39.51 49.56 -18.48
CA LYS B 295 38.63 49.72 -19.62
C LYS B 295 38.14 48.36 -20.08
N VAL B 296 36.94 48.33 -20.60
CA VAL B 296 36.33 47.11 -21.11
C VAL B 296 36.63 46.96 -22.60
N SER B 297 36.73 45.71 -23.04
CA SER B 297 36.97 45.42 -24.45
C SER B 297 36.43 44.03 -24.72
N ALA B 298 35.92 43.84 -25.94
CA ALA B 298 35.33 42.57 -26.37
C ALA B 298 36.45 41.61 -26.77
N ASP B 299 37.10 41.05 -25.76
CA ASP B 299 38.13 40.05 -26.02
C ASP B 299 37.55 38.67 -26.31
N TYR B 300 36.33 38.39 -25.86
CA TYR B 300 35.77 37.07 -26.12
C TYR B 300 34.52 37.22 -26.99
N TYR B 301 34.07 36.08 -27.50
CA TYR B 301 32.82 35.98 -28.24
C TYR B 301 32.10 34.73 -27.79
N ALA B 302 30.79 34.83 -27.68
CA ALA B 302 29.97 33.69 -27.31
C ALA B 302 29.30 33.18 -28.57
N ILE B 303 29.41 31.89 -28.81
CA ILE B 303 28.76 31.25 -29.95
C ILE B 303 27.65 30.37 -29.40
N VAL B 304 26.56 30.27 -30.14
CA VAL B 304 25.48 29.36 -29.78
C VAL B 304 25.14 28.56 -31.02
N ILE B 305 25.10 27.24 -30.85
CA ILE B 305 24.75 26.30 -31.91
C ILE B 305 23.86 25.23 -31.30
N CYS B 306 23.03 24.64 -32.15
CA CYS B 306 22.37 23.39 -31.82
C CYS B 306 23.31 22.23 -32.05
N VAL B 307 23.34 21.30 -31.12
CA VAL B 307 24.13 20.08 -31.28
C VAL B 307 23.24 18.88 -31.03
N PRO B 308 23.23 17.88 -31.92
CA PRO B 308 22.49 16.64 -31.62
C PRO B 308 23.04 16.02 -30.35
N LYS B 309 22.15 15.42 -29.56
CA LYS B 309 22.59 14.88 -28.27
C LYS B 309 23.65 13.80 -28.48
N LYS B 310 23.45 12.92 -29.47
CA LYS B 310 24.40 11.84 -29.72
C LYS B 310 25.77 12.36 -30.09
N ALA B 311 25.86 13.59 -30.57
CA ALA B 311 27.11 14.22 -30.98
C ALA B 311 27.73 15.08 -29.89
N LEU B 312 27.09 15.19 -28.73
CA LEU B 312 27.51 16.19 -27.74
C LEU B 312 28.97 16.01 -27.33
N TYR B 313 29.35 14.81 -26.87
CA TYR B 313 30.67 14.62 -26.28
C TYR B 313 31.77 15.01 -27.25
N LYS B 314 31.73 14.48 -28.47
CA LYS B 314 32.78 14.83 -29.41
C LYS B 314 32.71 16.31 -29.77
N SER B 315 31.49 16.87 -29.83
CA SER B 315 31.37 18.31 -30.08
C SER B 315 32.11 19.09 -29.02
N ILE B 316 32.00 18.65 -27.76
CA ILE B 316 32.73 19.33 -26.70
C ILE B 316 34.22 19.28 -27.00
N GLN B 317 34.71 18.09 -27.37
CA GLN B 317 36.12 17.96 -27.74
C GLN B 317 36.46 18.95 -28.84
N GLN B 318 35.62 19.02 -29.87
CA GLN B 318 35.90 19.93 -30.97
C GLN B 318 35.91 21.37 -30.48
N LEU B 319 34.97 21.72 -29.61
CA LEU B 319 34.93 23.08 -29.10
C LEU B 319 36.18 23.37 -28.28
N ARG B 320 36.70 22.39 -27.56
CA ARG B 320 37.91 22.67 -26.80
C ARG B 320 39.10 22.85 -27.74
N ALA B 321 39.08 22.18 -28.88
CA ALA B 321 40.20 22.26 -29.81
C ALA B 321 40.33 23.65 -30.41
N ILE B 322 39.21 24.35 -30.59
CA ILE B 322 39.23 25.67 -31.20
C ILE B 322 39.21 26.78 -30.15
N GLY B 323 39.43 26.44 -28.88
CA GLY B 323 39.58 27.41 -27.83
C GLY B 323 38.32 27.77 -27.07
N GLY B 324 37.23 27.00 -27.22
CA GLY B 324 36.02 27.29 -26.50
C GLY B 324 36.10 26.83 -25.06
N SER B 325 35.43 27.58 -24.19
CA SER B 325 35.37 27.30 -22.77
C SER B 325 34.03 27.76 -22.23
N GLY B 326 33.71 27.32 -21.01
CA GLY B 326 32.47 27.68 -20.35
C GLY B 326 31.28 27.29 -21.19
N VAL B 327 31.28 26.04 -21.65
CA VAL B 327 30.30 25.57 -22.63
C VAL B 327 29.02 25.18 -21.90
N LEU B 328 28.00 26.01 -22.02
CA LEU B 328 26.67 25.76 -21.45
C LEU B 328 25.89 24.83 -22.36
N VAL B 329 25.31 23.78 -21.78
CA VAL B 329 24.49 22.83 -22.53
C VAL B 329 23.11 22.78 -21.86
N SER B 330 22.06 22.93 -22.66
CA SER B 330 20.71 22.98 -22.08
C SER B 330 19.70 22.37 -23.03
N PRO B 331 18.57 21.87 -22.51
CA PRO B 331 17.59 21.20 -23.36
C PRO B 331 16.56 22.16 -23.94
N LEU B 332 15.73 21.64 -24.84
CA LEU B 332 14.71 22.39 -25.53
C LEU B 332 13.36 21.72 -25.38
N THR B 333 12.31 22.52 -25.24
CA THR B 333 10.96 21.98 -25.28
C THR B 333 10.51 21.70 -26.71
N TYR B 334 10.70 22.66 -27.62
CA TYR B 334 10.29 22.52 -29.00
C TYR B 334 11.38 23.07 -29.91
N ILE B 335 11.44 22.53 -31.13
CA ILE B 335 12.15 23.16 -32.24
C ILE B 335 11.19 23.17 -33.42
N PHE B 336 10.64 24.33 -33.74
CA PHE B 336 9.69 24.46 -34.85
C PHE B 336 10.45 24.80 -36.13
N ASP B 337 10.15 24.06 -37.19
CA ASP B 337 10.80 24.27 -38.47
C ASP B 337 9.72 24.28 -39.55
N GLU B 338 10.10 23.95 -40.78
CA GLU B 338 9.14 23.81 -41.86
C GLU B 338 8.29 22.56 -41.66
N GLU B 339 7.01 22.69 -41.96
CA GLU B 339 6.04 21.62 -41.70
C GLU B 339 6.34 20.37 -42.52
N THR B 340 6.26 19.22 -41.88
CA THR B 340 6.47 17.98 -42.60
C THR B 340 5.28 17.68 -43.51
N PRO B 341 5.45 16.77 -44.47
CA PRO B 341 4.31 16.39 -45.33
C PRO B 341 3.15 15.78 -44.58
N ARG B 342 3.26 15.56 -43.26
CA ARG B 342 2.23 14.84 -42.52
C ARG B 342 0.88 15.56 -42.57
N TRP B 343 0.90 16.88 -42.53
CA TRP B 343 -0.34 17.66 -42.58
C TRP B 343 -0.99 17.52 -43.95
N ARG B 344 -0.19 17.67 -45.01
CA ARG B 344 -0.70 17.53 -46.37
C ARG B 344 -1.19 16.12 -46.67
N GLN B 345 -0.50 15.10 -46.13
CA GLN B 345 -0.97 13.73 -46.32
C GLN B 345 -2.29 13.50 -45.58
N LEU B 346 -2.44 14.12 -44.40
CA LEU B 346 -3.73 14.05 -43.71
C LEU B 346 -4.82 14.70 -44.55
N LEU B 347 -4.54 15.88 -45.12
CA LEU B 347 -5.55 16.52 -45.95
C LEU B 347 -5.83 15.72 -47.21
N SER B 348 -4.82 15.04 -47.76
CA SER B 348 -5.06 14.17 -48.90
C SER B 348 -5.97 13.00 -48.51
N LYS B 349 -5.79 12.47 -47.29
CA LYS B 349 -6.68 11.41 -46.82
C LYS B 349 -8.08 11.92 -46.55
N LEU B 350 -8.24 13.21 -46.24
CA LEU B 350 -9.57 13.79 -46.00
C LEU B 350 -10.24 14.35 -47.25
N GLY B 351 -9.49 14.69 -48.28
CA GLY B 351 -10.04 15.37 -49.44
C GLY B 351 -9.49 16.76 -49.70
N ASN C 12 35.46 -11.97 -15.26
CA ASN C 12 36.88 -12.21 -15.08
C ASN C 12 37.63 -12.17 -16.42
N THR C 13 37.39 -13.22 -17.24
CA THR C 13 37.93 -13.38 -18.59
C THR C 13 36.80 -13.91 -19.47
N VAL C 14 35.88 -13.04 -19.85
CA VAL C 14 34.70 -13.40 -20.64
C VAL C 14 34.63 -12.49 -21.85
N SER C 15 34.46 -13.09 -23.03
CA SER C 15 34.29 -12.31 -24.27
C SER C 15 32.98 -11.54 -24.18
N ARG C 16 33.09 -10.23 -24.00
CA ARG C 16 31.93 -9.39 -23.69
C ARG C 16 32.14 -8.03 -24.33
N GLN C 17 31.21 -7.62 -25.20
CA GLN C 17 31.39 -6.42 -26.00
C GLN C 17 31.08 -5.14 -25.22
N GLU C 18 30.37 -5.27 -24.10
CA GLU C 18 29.69 -4.17 -23.43
C GLU C 18 30.37 -3.78 -22.12
N ILE C 19 30.31 -2.50 -21.81
CA ILE C 19 30.86 -1.97 -20.55
C ILE C 19 29.76 -2.01 -19.51
N ARG C 20 30.07 -2.52 -18.33
CA ARG C 20 29.05 -2.74 -17.30
C ARG C 20 29.24 -1.77 -16.14
N LEU C 21 28.17 -1.06 -15.81
CA LEU C 21 28.17 -0.06 -14.74
C LEU C 21 27.15 -0.47 -13.71
N GLY C 22 27.61 -0.71 -12.48
CA GLY C 22 26.72 -1.09 -11.41
C GLY C 22 26.12 0.13 -10.72
N LEU C 23 24.83 0.06 -10.45
CA LEU C 23 24.12 1.15 -9.80
C LEU C 23 23.29 0.57 -8.67
N PRO C 24 23.08 1.33 -7.60
CA PRO C 24 22.37 0.77 -6.45
C PRO C 24 20.94 0.40 -6.83
N SER C 25 20.50 -0.77 -6.37
CA SER C 25 19.21 -1.32 -6.75
C SER C 25 18.11 -0.87 -5.81
N LYS C 26 18.39 -0.76 -4.52
CA LYS C 26 17.38 -0.39 -3.54
C LYS C 26 17.96 0.69 -2.64
N GLY C 27 17.07 1.42 -1.99
CA GLY C 27 17.48 2.49 -1.10
C GLY C 27 17.30 3.84 -1.77
N ARG C 28 17.60 4.89 -1.00
CA ARG C 28 17.61 6.21 -1.59
C ARG C 28 18.78 6.39 -2.55
N MET C 29 19.87 5.64 -2.37
CA MET C 29 20.94 5.70 -3.35
C MET C 29 20.44 5.35 -4.75
N SER C 30 19.48 4.44 -4.84
CA SER C 30 18.91 4.10 -6.14
C SER C 30 18.16 5.29 -6.73
N SER C 31 17.27 5.88 -5.94
CA SER C 31 16.46 6.99 -6.45
C SER C 31 17.31 8.22 -6.77
N ASP C 32 18.29 8.53 -5.93
CA ASP C 32 19.18 9.65 -6.20
C ASP C 32 20.10 9.38 -7.38
N THR C 33 20.50 8.13 -7.58
CA THR C 33 21.36 7.82 -8.71
C THR C 33 20.59 7.95 -10.02
N LEU C 34 19.38 7.41 -10.06
CA LEU C 34 18.55 7.59 -11.24
C LEU C 34 18.21 9.07 -11.44
N ASP C 35 18.09 9.83 -10.34
CA ASP C 35 17.90 11.29 -10.43
C ASP C 35 19.11 11.98 -11.03
N LEU C 36 20.30 11.53 -10.67
CA LEU C 36 21.52 12.11 -11.24
C LEU C 36 21.59 11.86 -12.73
N LEU C 37 21.27 10.63 -13.15
CA LEU C 37 21.30 10.30 -14.56
C LEU C 37 20.24 11.09 -15.32
N LYS C 38 19.03 11.24 -14.76
CA LYS C 38 18.02 12.03 -15.45
C LYS C 38 18.43 13.50 -15.53
N ASP C 39 19.13 14.01 -14.52
CA ASP C 39 19.61 15.39 -14.61
C ASP C 39 20.73 15.53 -15.62
N CYS C 40 21.42 14.44 -15.95
CA CYS C 40 22.43 14.47 -16.98
C CYS C 40 21.85 14.20 -18.36
N GLN C 41 20.53 14.12 -18.49
CA GLN C 41 19.87 13.71 -19.73
C GLN C 41 20.38 12.35 -20.20
N LEU C 42 20.75 11.49 -19.25
CA LEU C 42 21.18 10.11 -19.54
C LEU C 42 20.06 9.14 -19.21
N SER C 43 19.06 9.11 -20.08
CA SER C 43 17.91 8.25 -19.86
C SER C 43 18.30 6.77 -19.96
N VAL C 44 17.75 5.97 -19.05
CA VAL C 44 18.00 4.53 -18.97
C VAL C 44 16.88 3.78 -19.67
N LYS C 45 17.24 2.75 -20.44
CA LYS C 45 16.25 1.90 -21.10
C LYS C 45 15.75 0.79 -20.18
N GLN C 51 12.95 -5.84 -14.98
CA GLN C 51 14.16 -6.65 -14.92
C GLN C 51 15.28 -5.93 -14.18
N TYR C 52 16.53 -6.33 -14.43
CA TYR C 52 17.66 -5.83 -13.66
C TYR C 52 18.80 -5.26 -14.50
N VAL C 53 18.76 -5.38 -15.83
CA VAL C 53 19.82 -4.87 -16.71
C VAL C 53 19.17 -3.90 -17.70
N ALA C 54 19.76 -2.72 -17.83
CA ALA C 54 19.26 -1.71 -18.75
C ALA C 54 20.43 -1.17 -19.57
N GLN C 55 20.11 -0.28 -20.51
CA GLN C 55 21.11 0.28 -21.40
C GLN C 55 21.05 1.80 -21.32
N ILE C 56 22.20 2.44 -21.42
CA ILE C 56 22.24 3.89 -21.59
C ILE C 56 22.70 4.16 -23.01
N PRO C 57 21.79 4.51 -23.89
CA PRO C 57 22.02 4.72 -25.31
C PRO C 57 22.94 5.85 -25.59
N GLN C 58 22.84 6.89 -24.82
CA GLN C 58 23.68 8.04 -25.09
C GLN C 58 25.15 7.78 -25.02
N ILE C 59 25.58 6.96 -24.07
CA ILE C 59 26.99 6.65 -23.98
C ILE C 59 27.11 5.39 -24.81
N SER C 60 28.01 5.41 -25.78
CA SER C 60 28.07 4.28 -26.70
C SER C 60 28.38 2.98 -25.98
N ASN C 61 27.49 2.01 -26.14
CA ASN C 61 27.70 0.64 -25.68
C ASN C 61 27.95 0.59 -24.16
N LEU C 62 27.06 1.23 -23.41
CA LEU C 62 27.14 1.30 -21.96
C LEU C 62 25.89 0.67 -21.36
N GLU C 63 26.11 -0.27 -20.46
CA GLU C 63 25.07 -1.16 -19.96
C GLU C 63 25.08 -1.15 -18.44
N VAL C 64 23.90 -0.93 -17.85
CA VAL C 64 23.73 -0.68 -16.43
C VAL C 64 23.17 -1.92 -15.78
N TRP C 65 23.72 -2.28 -14.62
CA TRP C 65 23.26 -3.39 -13.80
C TRP C 65 22.87 -2.83 -12.45
N PHE C 66 21.62 -3.07 -12.03
CA PHE C 66 21.14 -2.62 -10.74
C PHE C 66 21.41 -3.72 -9.72
N GLN C 67 22.17 -3.38 -8.69
CA GLN C 67 22.61 -4.35 -7.71
C GLN C 67 22.57 -3.72 -6.33
N ARG C 68 22.55 -4.58 -5.32
CA ARG C 68 22.81 -4.13 -3.97
C ARG C 68 24.21 -3.51 -3.95
N PRO C 69 24.43 -2.46 -3.15
CA PRO C 69 25.76 -1.81 -3.17
C PRO C 69 26.91 -2.75 -2.83
N LYS C 70 26.75 -3.61 -1.81
CA LYS C 70 27.79 -4.61 -1.55
C LYS C 70 27.96 -5.51 -2.75
N ASP C 71 26.88 -5.84 -3.44
CA ASP C 71 27.02 -6.65 -4.64
C ASP C 71 27.72 -5.89 -5.76
N ILE C 72 27.57 -4.57 -5.83
CA ILE C 72 28.33 -3.81 -6.82
C ILE C 72 29.82 -3.92 -6.54
N VAL C 73 30.22 -3.78 -5.26
CA VAL C 73 31.64 -3.90 -4.95
C VAL C 73 32.13 -5.32 -5.20
N ARG C 74 31.33 -6.30 -4.78
CA ARG C 74 31.70 -7.70 -4.96
C ARG C 74 31.82 -8.05 -6.44
N LYS C 75 30.90 -7.56 -7.26
CA LYS C 75 30.95 -7.91 -8.68
C LYS C 75 32.03 -7.13 -9.40
N LEU C 76 32.37 -5.93 -8.91
CA LEU C 76 33.52 -5.24 -9.47
C LEU C 76 34.78 -6.03 -9.21
N LEU C 77 34.92 -6.58 -8.00
CA LEU C 77 36.11 -7.39 -7.73
C LEU C 77 36.09 -8.71 -8.50
N SER C 78 34.91 -9.34 -8.61
CA SER C 78 34.84 -10.62 -9.31
C SER C 78 34.96 -10.45 -10.82
N GLY C 79 34.76 -9.23 -11.32
CA GLY C 79 34.89 -8.94 -12.73
C GLY C 79 33.60 -8.82 -13.50
N ASP C 80 32.44 -9.00 -12.84
CA ASP C 80 31.18 -8.88 -13.55
C ASP C 80 30.78 -7.43 -13.82
N LEU C 81 31.44 -6.47 -13.18
CA LEU C 81 31.17 -5.07 -13.44
C LEU C 81 32.47 -4.38 -13.80
N ASP C 82 32.36 -3.27 -14.52
CA ASP C 82 33.51 -2.46 -14.88
C ASP C 82 33.51 -1.13 -14.15
N LEU C 83 32.34 -0.52 -13.97
CA LEU C 83 32.20 0.70 -13.19
C LEU C 83 31.04 0.51 -12.24
N GLY C 84 31.01 1.33 -11.20
CA GLY C 84 29.90 1.32 -10.27
C GLY C 84 29.77 2.67 -9.64
N ILE C 85 28.57 2.97 -9.16
CA ILE C 85 28.33 4.14 -8.32
C ILE C 85 27.89 3.65 -6.98
N VAL C 86 28.69 3.94 -5.94
CA VAL C 86 28.44 3.41 -4.60
C VAL C 86 28.97 4.41 -3.58
N GLY C 87 28.40 4.36 -2.38
CA GLY C 87 28.93 5.13 -1.29
C GLY C 87 30.32 4.68 -0.89
N LEU C 88 31.13 5.64 -0.45
CA LEU C 88 32.49 5.32 -0.05
C LEU C 88 32.53 4.40 1.16
N ASP C 89 31.48 4.40 1.99
CA ASP C 89 31.40 3.45 3.10
C ASP C 89 31.30 2.01 2.60
N VAL C 90 30.38 1.74 1.67
CA VAL C 90 30.23 0.41 1.11
C VAL C 90 31.51 0.00 0.40
N LEU C 91 32.13 0.96 -0.28
CA LEU C 91 33.37 0.68 -1.02
C LEU C 91 34.50 0.31 -0.08
N THR C 92 34.67 1.06 1.01
CA THR C 92 35.80 0.80 1.91
C THR C 92 35.57 -0.45 2.75
N GLU C 93 34.32 -0.72 3.17
CA GLU C 93 34.08 -1.91 3.98
C GLU C 93 34.16 -3.17 3.16
N PHE C 94 33.46 -3.20 2.03
CA PHE C 94 33.40 -4.44 1.29
C PHE C 94 34.57 -4.62 0.34
N GLY C 95 35.29 -3.54 0.01
CA GLY C 95 36.46 -3.68 -0.82
C GLY C 95 37.66 -3.97 0.07
N GLN C 96 37.53 -3.53 1.32
CA GLN C 96 38.54 -3.79 2.36
C GLN C 96 39.89 -3.19 1.99
N GLY C 97 39.88 -2.11 1.22
CA GLY C 97 41.09 -1.45 0.78
C GLY C 97 41.83 -2.16 -0.34
N ASN C 98 41.14 -2.96 -1.13
CA ASN C 98 41.75 -3.64 -2.28
C ASN C 98 42.23 -2.61 -3.31
N GLU C 99 43.43 -2.83 -3.83
CA GLU C 99 44.03 -1.88 -4.76
C GLU C 99 43.44 -1.92 -6.16
N ASP C 100 42.61 -2.93 -6.49
CA ASP C 100 42.00 -2.97 -7.81
C ASP C 100 40.87 -1.95 -7.96
N LEU C 101 40.30 -1.49 -6.85
CA LEU C 101 39.22 -0.51 -6.88
C LEU C 101 39.82 0.89 -6.89
N ILE C 102 39.51 1.64 -7.94
CA ILE C 102 39.94 3.02 -8.09
C ILE C 102 38.70 3.89 -8.04
N VAL C 103 38.69 4.87 -7.13
CA VAL C 103 37.63 5.87 -7.17
C VAL C 103 37.95 6.83 -8.30
N VAL C 104 37.06 6.87 -9.28
CA VAL C 104 37.24 7.81 -10.39
C VAL C 104 36.73 9.19 -10.00
N HIS C 105 35.51 9.27 -9.46
CA HIS C 105 35.02 10.53 -8.92
C HIS C 105 34.64 10.26 -7.49
N GLU C 106 35.31 10.95 -6.57
CA GLU C 106 35.19 10.63 -5.15
C GLU C 106 34.09 11.43 -4.47
N ALA C 107 33.38 12.31 -5.21
CA ALA C 107 32.47 13.25 -4.55
C ALA C 107 31.33 13.65 -5.50
N LEU C 108 30.36 12.74 -5.64
CA LEU C 108 29.17 13.03 -6.44
C LEU C 108 28.13 13.85 -5.69
N GLU C 109 28.44 14.34 -4.48
CA GLU C 109 27.63 15.36 -3.81
C GLU C 109 26.21 14.89 -3.49
N TYR C 110 26.02 13.59 -3.31
CA TYR C 110 24.83 13.07 -2.68
C TYR C 110 25.19 11.80 -1.91
N GLY C 111 24.29 11.38 -1.03
CA GLY C 111 24.61 10.32 -0.10
C GLY C 111 25.58 10.73 0.99
N ASP C 112 25.63 12.02 1.29
CA ASP C 112 26.55 12.56 2.28
C ASP C 112 26.26 11.99 3.67
N CYS C 113 27.29 11.45 4.32
CA CYS C 113 27.17 11.03 5.71
C CYS C 113 28.57 10.80 6.26
N ARG C 114 28.66 10.49 7.55
CA ARG C 114 29.94 10.06 8.09
C ARG C 114 29.73 8.90 9.04
N LEU C 115 30.57 7.88 8.90
CA LEU C 115 30.56 6.75 9.82
C LEU C 115 31.42 7.09 11.03
N SER C 116 30.81 7.09 12.21
CA SER C 116 31.52 7.54 13.40
C SER C 116 31.02 6.78 14.63
N ILE C 117 31.68 7.06 15.73
CA ILE C 117 31.39 6.42 17.01
C ILE C 117 30.55 7.38 17.83
N ALA C 118 29.46 6.88 18.37
CA ALA C 118 28.60 7.67 19.23
C ALA C 118 28.53 7.00 20.59
N ILE C 119 28.62 7.81 21.63
CA ILE C 119 28.58 7.30 23.00
C ILE C 119 27.54 8.09 23.78
N PRO C 120 27.01 7.50 24.86
CA PRO C 120 25.97 8.19 25.63
C PRO C 120 26.49 9.49 26.24
N GLN C 121 25.59 10.46 26.37
CA GLN C 121 25.91 11.67 27.09
C GLN C 121 25.86 11.49 28.60
N TYR C 122 25.26 10.41 29.07
CA TYR C 122 24.98 10.14 30.48
C TYR C 122 25.88 9.02 31.00
N GLY C 123 25.56 8.54 32.19
CA GLY C 123 26.31 7.43 32.75
C GLY C 123 27.76 7.80 32.97
N ILE C 124 28.66 6.89 32.58
CA ILE C 124 30.09 7.11 32.78
C ILE C 124 30.71 7.96 31.68
N PHE C 125 30.00 8.18 30.57
CA PHE C 125 30.55 8.90 29.43
C PHE C 125 30.23 10.38 29.46
N GLU C 126 29.91 10.94 30.62
CA GLU C 126 29.50 12.33 30.68
C GLU C 126 30.64 13.25 30.30
N ASN C 127 31.83 13.02 30.85
CA ASN C 127 33.03 13.76 30.52
C ASN C 127 33.98 12.93 29.68
N VAL C 128 33.41 12.07 28.82
CA VAL C 128 34.16 11.41 27.77
C VAL C 128 33.79 12.10 26.46
N ASN C 129 34.60 13.07 26.05
CA ASN C 129 34.30 13.89 24.90
C ASN C 129 35.31 13.76 23.78
N SER C 130 36.28 12.85 23.92
CA SER C 130 37.22 12.54 22.87
C SER C 130 37.44 11.04 22.83
N LEU C 131 37.88 10.56 21.67
CA LEU C 131 38.23 9.15 21.53
C LEU C 131 39.34 8.75 22.50
N GLU C 132 40.27 9.67 22.78
CA GLU C 132 41.39 9.37 23.66
C GLU C 132 40.93 9.04 25.07
N GLU C 133 40.04 9.86 25.63
CA GLU C 133 39.54 9.61 26.97
C GLU C 133 38.55 8.45 27.02
N LEU C 134 37.90 8.15 25.90
CA LEU C 134 37.14 6.90 25.81
C LEU C 134 38.06 5.71 25.98
N ALA C 135 39.25 5.77 25.36
CA ALA C 135 40.21 4.68 25.47
C ALA C 135 40.60 4.43 26.92
N LYS C 136 41.10 5.46 27.60
CA LYS C 136 41.59 5.31 28.97
C LYS C 136 40.42 5.28 29.96
N MET C 137 39.71 4.14 29.95
CA MET C 137 38.63 3.91 30.89
C MET C 137 38.87 2.54 31.53
N PRO C 138 39.06 2.48 32.84
CA PRO C 138 39.42 1.20 33.47
C PRO C 138 38.26 0.21 33.57
N GLN C 139 37.14 0.52 32.91
CA GLN C 139 35.98 -0.37 33.00
C GLN C 139 36.15 -1.64 32.17
N TRP C 140 36.99 -1.61 31.13
CA TRP C 140 37.01 -2.69 30.16
C TRP C 140 38.37 -3.37 30.09
N THR C 141 38.38 -4.66 30.37
CA THR C 141 39.54 -5.56 30.32
C THR C 141 39.14 -6.82 29.58
N GLU C 142 40.15 -7.56 29.11
CA GLU C 142 40.02 -8.88 28.48
C GLU C 142 38.74 -9.65 28.78
N ASP C 143 38.31 -9.72 30.04
CA ASP C 143 37.06 -10.38 30.35
C ASP C 143 35.85 -9.58 29.88
N LYS C 144 35.65 -8.38 30.44
CA LYS C 144 34.51 -7.55 30.06
C LYS C 144 34.97 -6.44 29.13
N PRO C 145 34.89 -6.62 27.81
CA PRO C 145 35.39 -5.60 26.88
C PRO C 145 34.35 -4.52 26.60
N LEU C 146 34.78 -3.52 25.84
CA LEU C 146 33.88 -2.46 25.40
C LEU C 146 33.03 -2.98 24.24
N ARG C 147 31.73 -3.06 24.46
CA ARG C 147 30.80 -3.60 23.48
C ARG C 147 30.36 -2.48 22.56
N VAL C 148 30.59 -2.65 21.26
CA VAL C 148 30.17 -1.68 20.26
C VAL C 148 29.26 -2.40 19.28
N ALA C 149 28.02 -1.95 19.19
CA ALA C 149 27.06 -2.49 18.25
C ALA C 149 27.16 -1.74 16.92
N THR C 150 27.21 -2.48 15.83
CA THR C 150 27.38 -1.90 14.50
C THR C 150 27.05 -2.95 13.46
N GLY C 151 26.65 -2.48 12.29
CA GLY C 151 26.54 -3.38 11.15
C GLY C 151 27.81 -3.43 10.35
N PHE C 152 28.79 -2.62 10.71
CA PHE C 152 30.06 -2.50 9.99
C PHE C 152 31.06 -3.46 10.63
N THR C 153 30.95 -4.74 10.25
CA THR C 153 31.73 -5.79 10.88
C THR C 153 33.23 -5.65 10.64
N TYR C 154 33.62 -5.05 9.51
CA TYR C 154 35.03 -4.95 9.12
C TYR C 154 35.66 -3.66 9.64
N LEU C 155 34.97 -2.54 9.53
CA LEU C 155 35.63 -1.26 9.75
C LEU C 155 35.83 -0.92 11.22
N GLY C 156 34.98 -1.43 12.11
CA GLY C 156 35.14 -1.16 13.53
C GLY C 156 36.47 -1.63 14.07
N PRO C 157 36.73 -2.95 13.94
CA PRO C 157 38.03 -3.47 14.38
C PRO C 157 39.16 -2.69 13.76
N LYS C 158 39.03 -2.27 12.50
CA LYS C 158 40.12 -1.56 11.87
C LYS C 158 40.33 -0.19 12.51
N PHE C 159 39.24 0.56 12.76
CA PHE C 159 39.37 1.89 13.33
C PHE C 159 40.04 1.85 14.69
N MET C 160 39.68 0.88 15.52
CA MET C 160 40.25 0.91 16.86
C MET C 160 41.55 0.14 16.96
N LYS C 161 41.85 -0.75 16.00
CA LYS C 161 43.21 -1.28 15.96
C LYS C 161 44.17 -0.22 15.46
N ASP C 162 43.65 0.80 14.75
CA ASP C 162 44.50 1.90 14.30
C ASP C 162 44.72 2.94 15.39
N ASN C 163 43.83 3.00 16.39
CA ASN C 163 43.91 4.00 17.45
C ASN C 163 44.16 3.38 18.81
N GLY C 164 44.52 2.10 18.87
CA GLY C 164 45.03 1.52 20.10
C GLY C 164 44.03 1.28 21.22
N ILE C 165 42.83 0.81 20.91
CA ILE C 165 41.85 0.47 21.95
C ILE C 165 41.84 -1.05 22.10
N LYS C 166 42.22 -1.51 23.29
CA LYS C 166 42.66 -2.89 23.45
C LYS C 166 41.49 -3.87 23.37
N HIS C 167 40.41 -3.59 24.07
CA HIS C 167 39.40 -4.58 24.43
C HIS C 167 38.01 -4.15 24.00
N VAL C 168 37.68 -4.42 22.74
CA VAL C 168 36.41 -4.05 22.14
C VAL C 168 35.88 -5.27 21.40
N ALA C 169 34.64 -5.61 21.68
CA ALA C 169 33.93 -6.62 20.92
C ALA C 169 32.84 -5.92 20.15
N PHE C 170 32.59 -6.37 18.93
CA PHE C 170 31.62 -5.75 18.06
C PHE C 170 30.45 -6.71 17.89
N SER C 171 29.25 -6.16 17.83
CA SER C 171 28.07 -6.99 17.69
C SER C 171 27.13 -6.36 16.68
N THR C 172 26.24 -7.19 16.15
CA THR C 172 25.08 -6.70 15.41
C THR C 172 23.89 -6.78 16.35
N ALA C 173 23.21 -5.64 16.54
CA ALA C 173 22.18 -5.51 17.55
C ALA C 173 20.81 -5.83 16.99
N ASP C 174 19.96 -6.39 17.84
CA ASP C 174 18.60 -6.76 17.44
C ASP C 174 17.75 -5.50 17.31
N GLY C 175 17.19 -5.28 16.13
CA GLY C 175 16.32 -4.14 15.92
C GLY C 175 17.08 -2.83 15.89
N ALA C 176 16.46 -1.80 16.48
CA ALA C 176 16.94 -0.43 16.50
C ALA C 176 18.37 -0.28 17.01
N LEU C 177 19.34 -0.15 16.08
CA LEU C 177 20.74 -0.02 16.46
C LEU C 177 20.99 1.11 17.45
N GLU C 178 20.35 2.25 17.24
CA GLU C 178 20.59 3.42 18.09
C GLU C 178 20.12 3.22 19.52
N ALA C 179 19.13 2.36 19.73
CA ALA C 179 18.60 2.17 21.08
C ALA C 179 19.40 1.18 21.92
N ALA C 180 20.42 0.56 21.35
CA ALA C 180 21.19 -0.44 22.09
C ALA C 180 21.85 0.10 23.36
N PRO C 181 22.45 1.29 23.39
CA PRO C 181 23.03 1.76 24.67
C PRO C 181 21.98 1.98 25.75
N ALA C 182 20.76 2.37 25.39
CA ALA C 182 19.71 2.56 26.39
C ALA C 182 19.22 1.22 26.92
N MET C 183 19.18 0.19 26.07
CA MET C 183 18.71 -1.11 26.48
C MET C 183 19.74 -1.91 27.29
N GLY C 184 21.01 -1.52 27.26
CA GLY C 184 22.05 -2.29 27.91
C GLY C 184 22.74 -3.31 27.04
N ILE C 185 22.46 -3.32 25.73
CA ILE C 185 23.11 -4.26 24.83
C ILE C 185 24.57 -3.88 24.61
N ALA C 186 24.85 -2.60 24.52
CA ALA C 186 26.21 -2.13 24.24
C ALA C 186 26.48 -0.86 25.03
N ASP C 187 27.75 -0.46 25.05
CA ASP C 187 28.13 0.78 25.68
C ASP C 187 28.28 1.93 24.70
N ALA C 188 28.53 1.63 23.43
CA ALA C 188 28.66 2.65 22.41
C ALA C 188 28.05 2.12 21.11
N ILE C 189 28.05 2.97 20.09
CA ILE C 189 27.55 2.61 18.78
C ILE C 189 28.56 3.06 17.74
N LEU C 190 28.58 2.34 16.61
CA LEU C 190 29.35 2.75 15.44
C LEU C 190 28.40 2.79 14.26
N ASP C 191 28.04 3.99 13.83
CA ASP C 191 26.98 4.04 12.83
C ASP C 191 27.16 5.26 11.94
N LEU C 192 26.31 5.33 10.93
CA LEU C 192 26.29 6.42 9.97
C LEU C 192 25.45 7.56 10.52
N VAL C 193 26.02 8.76 10.47
CA VAL C 193 25.42 9.99 10.96
C VAL C 193 25.27 10.94 9.79
N SER C 194 24.07 11.49 9.63
CA SER C 194 23.85 12.49 8.60
C SER C 194 23.53 13.84 9.22
N SER C 195 22.27 14.05 9.61
CA SER C 195 21.89 15.26 10.32
C SER C 195 22.18 15.18 11.81
N GLY C 196 22.43 13.98 12.34
CA GLY C 196 22.72 13.80 13.74
C GLY C 196 21.51 13.76 14.65
N THR C 197 20.29 13.85 14.10
CA THR C 197 19.10 13.87 14.94
C THR C 197 18.83 12.51 15.58
N THR C 198 19.16 11.41 14.90
CA THR C 198 18.99 10.10 15.51
C THR C 198 19.85 9.97 16.76
N LEU C 199 21.07 10.51 16.72
CA LEU C 199 21.94 10.50 17.89
C LEU C 199 21.36 11.33 19.02
N LYS C 200 20.77 12.47 18.69
CA LYS C 200 20.22 13.37 19.69
C LYS C 200 18.97 12.79 20.34
N GLU C 201 18.14 12.07 19.57
CA GLU C 201 16.93 11.46 20.10
C GLU C 201 17.20 10.37 21.12
N ASN C 202 18.38 9.74 21.07
CA ASN C 202 18.69 8.64 21.99
C ASN C 202 19.73 9.01 23.03
N ASN C 203 20.00 10.29 23.23
CA ASN C 203 21.00 10.77 24.20
C ASN C 203 22.38 10.19 23.90
N LEU C 204 22.77 10.28 22.63
CA LEU C 204 24.08 9.86 22.17
C LEU C 204 24.83 11.05 21.61
N LYS C 205 26.14 11.08 21.84
CA LYS C 205 27.01 12.12 21.31
C LYS C 205 28.13 11.48 20.52
N GLU C 206 28.63 12.21 19.51
CA GLU C 206 29.89 11.89 18.88
C GLU C 206 31.04 12.34 19.79
N ILE C 207 32.26 12.17 19.31
CA ILE C 207 33.45 12.52 20.08
C ILE C 207 34.47 13.13 19.16
N GLU C 208 35.43 13.82 19.75
CA GLU C 208 36.58 14.29 18.99
C GLU C 208 37.39 13.08 18.54
N GLY C 209 37.60 12.99 17.23
CA GLY C 209 38.28 11.84 16.68
C GLY C 209 37.42 10.60 16.53
N GLY C 210 36.14 10.67 16.90
CA GLY C 210 35.25 9.54 16.74
C GLY C 210 34.79 9.26 15.33
N THR C 211 35.03 10.19 14.39
CA THR C 211 34.61 9.99 13.01
C THR C 211 35.51 8.97 12.33
N VAL C 212 34.93 7.86 11.89
CA VAL C 212 35.71 6.85 11.22
C VAL C 212 35.93 7.19 9.75
N LEU C 213 34.91 7.71 9.07
CA LEU C 213 35.05 8.02 7.64
C LEU C 213 34.00 9.03 7.21
N GLU C 214 34.35 9.85 6.22
CA GLU C 214 33.41 10.74 5.53
C GLU C 214 33.01 10.10 4.21
N SER C 215 31.71 10.06 3.90
CA SER C 215 31.24 9.34 2.73
C SER C 215 30.32 10.17 1.85
N GLN C 216 30.49 10.01 0.53
CA GLN C 216 29.57 10.45 -0.50
C GLN C 216 29.37 9.31 -1.49
N ALA C 217 28.44 9.51 -2.42
CA ALA C 217 28.35 8.61 -3.56
C ALA C 217 29.53 8.86 -4.48
N ALA C 218 30.08 7.80 -5.05
CA ALA C 218 31.30 7.91 -5.84
C ALA C 218 31.23 7.02 -7.07
N LEU C 219 31.90 7.46 -8.12
CA LEU C 219 32.08 6.66 -9.33
C LEU C 219 33.38 5.90 -9.19
N VAL C 220 33.27 4.57 -9.16
CA VAL C 220 34.36 3.64 -8.92
C VAL C 220 34.56 2.79 -10.17
N ALA C 221 35.80 2.37 -10.38
CA ALA C 221 36.14 1.57 -11.55
C ALA C 221 37.13 0.51 -11.16
N SER C 222 37.09 -0.61 -11.88
CA SER C 222 38.01 -1.71 -11.68
C SER C 222 39.27 -1.47 -12.49
N ARG C 223 40.43 -1.60 -11.84
CA ARG C 223 41.68 -1.37 -12.55
C ARG C 223 41.88 -2.40 -13.64
N ARG C 224 41.60 -3.67 -13.34
CA ARG C 224 41.75 -4.74 -14.33
C ARG C 224 40.79 -4.56 -15.50
N SER C 225 39.57 -4.07 -15.23
CA SER C 225 38.62 -3.86 -16.31
C SER C 225 39.08 -2.73 -17.22
N MET C 226 39.56 -1.63 -16.63
CA MET C 226 40.00 -0.48 -17.40
C MET C 226 41.25 -0.81 -18.21
N ILE C 227 42.12 -1.66 -17.67
CA ILE C 227 43.36 -1.99 -18.37
C ILE C 227 43.13 -3.04 -19.45
N GLY C 228 42.26 -4.00 -19.20
CA GLY C 228 42.19 -5.16 -20.07
C GLY C 228 41.02 -5.23 -21.01
N ARG C 229 39.90 -4.58 -20.67
CA ARG C 229 38.67 -4.71 -21.43
C ARG C 229 38.51 -3.49 -22.33
N LYS C 230 38.37 -3.74 -23.63
CA LYS C 230 38.32 -2.68 -24.63
C LYS C 230 37.10 -1.79 -24.44
N GLY C 231 37.32 -0.49 -24.44
CA GLY C 231 36.23 0.48 -24.35
C GLY C 231 35.93 0.98 -22.95
N VAL C 232 36.41 0.30 -21.92
CA VAL C 232 36.08 0.68 -20.55
C VAL C 232 36.68 2.04 -20.21
N LEU C 233 37.92 2.28 -20.61
CA LEU C 233 38.59 3.53 -20.24
C LEU C 233 37.93 4.73 -20.92
N GLU C 234 37.52 4.58 -22.19
CA GLU C 234 36.91 5.70 -22.89
C GLU C 234 35.54 6.03 -22.34
N THR C 235 34.75 5.02 -21.96
CA THR C 235 33.44 5.35 -21.40
C THR C 235 33.57 5.81 -19.97
N THR C 236 34.60 5.37 -19.24
CA THR C 236 34.89 5.96 -17.95
C THR C 236 35.28 7.42 -18.10
N HIS C 237 36.03 7.74 -19.16
CA HIS C 237 36.37 9.12 -19.44
C HIS C 237 35.11 9.94 -19.71
N GLU C 238 34.23 9.43 -20.57
CA GLU C 238 33.03 10.17 -20.91
C GLU C 238 32.15 10.37 -19.67
N MET C 239 32.01 9.33 -18.85
CA MET C 239 31.20 9.48 -17.65
C MET C 239 31.82 10.47 -16.68
N LEU C 240 33.14 10.44 -16.51
CA LEU C 240 33.75 11.39 -15.59
C LEU C 240 33.55 12.81 -16.08
N GLU C 241 33.77 13.06 -17.36
CA GLU C 241 33.60 14.43 -17.84
C GLU C 241 32.14 14.86 -17.77
N ARG C 242 31.20 13.95 -18.07
CA ARG C 242 29.80 14.29 -17.97
C ARG C 242 29.41 14.61 -16.52
N LEU C 243 29.88 13.81 -15.58
CA LEU C 243 29.58 14.06 -14.18
C LEU C 243 30.19 15.37 -13.72
N GLU C 244 31.43 15.65 -14.13
CA GLU C 244 32.04 16.91 -13.71
C GLU C 244 31.31 18.12 -14.28
N ALA C 245 30.93 18.05 -15.55
CA ALA C 245 30.25 19.19 -16.16
C ALA C 245 28.87 19.38 -15.58
N HIS C 246 28.19 18.27 -15.28
CA HIS C 246 26.87 18.37 -14.68
C HIS C 246 26.94 18.93 -13.25
N LEU C 247 27.91 18.47 -12.46
CA LEU C 247 28.05 19.02 -11.12
C LEU C 247 28.39 20.49 -11.18
N ARG C 248 29.19 20.90 -12.18
CA ARG C 248 29.51 22.32 -12.28
C ARG C 248 28.23 23.11 -12.54
N ALA C 249 27.32 22.55 -13.33
CA ALA C 249 26.13 23.25 -13.77
C ALA C 249 25.05 23.39 -12.71
N MET C 250 25.13 22.68 -11.59
CA MET C 250 23.93 22.47 -10.81
C MET C 250 23.73 23.34 -9.54
N GLY C 251 24.58 24.31 -9.18
CA GLY C 251 25.74 24.82 -9.86
C GLY C 251 25.52 26.30 -10.10
N GLN C 252 25.08 26.58 -11.34
CA GLN C 252 24.90 27.92 -11.88
C GLN C 252 23.49 28.09 -12.41
N PHE C 253 23.17 29.34 -12.74
CA PHE C 253 22.02 29.73 -13.54
C PHE C 253 22.53 30.53 -14.73
N THR C 254 21.82 30.43 -15.85
CA THR C 254 21.96 31.40 -16.92
C THR C 254 20.99 32.54 -16.66
N VAL C 255 21.51 33.77 -16.70
CA VAL C 255 20.75 34.98 -16.39
C VAL C 255 20.86 35.91 -17.58
N VAL C 256 19.73 36.35 -18.12
CA VAL C 256 19.67 37.21 -19.30
C VAL C 256 18.84 38.44 -18.97
N ALA C 257 19.39 39.64 -19.18
CA ALA C 257 18.69 40.83 -18.75
C ALA C 257 18.60 41.85 -19.89
N ASN C 258 17.45 42.52 -19.97
CA ASN C 258 17.30 43.69 -20.83
C ASN C 258 17.78 44.93 -20.09
N MET C 259 18.54 45.78 -20.77
CA MET C 259 19.10 47.00 -20.17
C MET C 259 19.07 48.11 -21.20
N ARG C 260 18.59 49.30 -20.81
CA ARG C 260 18.60 50.42 -21.72
C ARG C 260 20.00 51.01 -21.80
N GLY C 261 20.47 51.29 -23.01
CA GLY C 261 21.79 51.86 -23.22
C GLY C 261 21.95 52.36 -24.63
N SER C 262 22.96 53.21 -24.82
CA SER C 262 23.24 53.79 -26.13
C SER C 262 24.11 52.86 -26.98
N SER C 263 25.05 52.17 -26.35
CA SER C 263 25.92 51.24 -27.05
C SER C 263 26.08 49.99 -26.20
N ALA C 264 26.56 48.92 -26.83
CA ALA C 264 26.83 47.70 -26.10
C ALA C 264 27.94 47.90 -25.08
N GLU C 265 28.94 48.72 -25.40
CA GLU C 265 30.11 48.87 -24.54
C GLU C 265 29.77 49.61 -23.25
N GLU C 266 28.90 50.62 -23.35
CA GLU C 266 28.45 51.32 -22.15
C GLU C 266 27.72 50.37 -21.21
N VAL C 267 26.85 49.54 -21.78
CA VAL C 267 26.09 48.57 -20.99
C VAL C 267 27.04 47.59 -20.32
N ALA C 268 28.02 47.10 -21.07
CA ALA C 268 28.98 46.17 -20.49
C ALA C 268 29.73 46.81 -19.34
N GLU C 269 30.16 48.07 -19.50
CA GLU C 269 30.81 48.76 -18.39
C GLU C 269 29.90 48.85 -17.18
N ARG C 270 28.59 49.02 -17.41
CA ARG C 270 27.67 49.10 -16.29
C ARG C 270 27.58 47.77 -15.55
N VAL C 271 27.43 46.66 -16.28
CA VAL C 271 27.29 45.40 -15.55
C VAL C 271 28.61 45.02 -14.86
N LEU C 272 29.75 45.35 -15.47
CA LEU C 272 31.02 44.91 -14.88
C LEU C 272 31.43 45.72 -13.67
N SER C 273 30.83 46.90 -13.46
CA SER C 273 31.05 47.63 -12.21
C SER C 273 30.52 46.88 -11.01
N GLN C 274 29.62 45.99 -11.23
CA GLN C 274 28.93 45.25 -10.20
C GLN C 274 29.72 43.99 -9.82
N PRO C 275 29.90 43.72 -8.53
CA PRO C 275 30.85 42.65 -8.14
C PRO C 275 30.46 41.27 -8.63
N SER C 276 29.21 40.85 -8.42
CA SER C 276 28.83 39.47 -8.70
C SER C 276 28.14 39.31 -10.04
N LEU C 277 28.22 40.29 -10.94
CA LEU C 277 27.76 40.15 -12.31
C LEU C 277 28.87 39.81 -13.27
N ALA C 278 29.96 39.20 -12.78
CA ALA C 278 31.11 38.94 -13.65
C ALA C 278 30.82 37.85 -14.67
N GLY C 279 30.00 36.88 -14.33
CA GLY C 279 29.87 35.75 -15.23
C GLY C 279 31.14 34.91 -15.24
N LEU C 280 31.16 33.95 -16.16
CA LEU C 280 32.35 33.10 -16.29
C LEU C 280 33.52 33.86 -16.86
N GLN C 281 33.31 34.58 -17.97
CA GLN C 281 34.34 35.40 -18.58
C GLN C 281 33.91 36.85 -18.79
N GLY C 282 32.62 37.16 -18.61
CA GLY C 282 32.09 38.48 -18.87
C GLY C 282 30.71 38.42 -19.51
N PRO C 283 29.99 39.54 -19.49
CA PRO C 283 28.64 39.55 -20.08
C PRO C 283 28.66 39.47 -21.59
N THR C 284 27.80 38.62 -22.15
CA THR C 284 27.49 38.71 -23.57
C THR C 284 26.50 39.85 -23.76
N VAL C 285 26.79 40.76 -24.69
CA VAL C 285 25.94 41.92 -24.90
C VAL C 285 25.51 41.97 -26.36
N SER C 286 24.20 42.07 -26.58
CA SER C 286 23.61 42.11 -27.91
C SER C 286 22.55 43.20 -28.00
N PRO C 287 22.28 43.71 -29.20
CA PRO C 287 21.29 44.78 -29.33
C PRO C 287 19.86 44.29 -29.19
N VAL C 288 19.03 45.14 -28.60
CA VAL C 288 17.58 44.93 -28.48
C VAL C 288 16.87 46.13 -29.09
N PHE C 289 16.08 45.88 -30.13
CA PHE C 289 15.40 46.90 -30.94
C PHE C 289 13.94 47.03 -30.55
N CYS C 290 13.39 48.23 -30.68
CA CYS C 290 11.98 48.44 -30.47
C CYS C 290 11.52 49.59 -31.36
N LYS C 291 10.24 49.58 -31.72
CA LYS C 291 9.68 50.60 -32.59
C LYS C 291 9.35 51.86 -31.79
N ARG C 292 9.85 53.00 -32.25
CA ARG C 292 9.76 54.27 -31.55
C ARG C 292 8.63 55.14 -32.09
N ASP C 293 8.92 55.85 -33.18
CA ASP C 293 7.92 56.66 -33.87
C ASP C 293 7.76 56.07 -35.27
N GLY C 294 7.55 54.76 -35.33
CA GLY C 294 7.58 54.05 -36.59
C GLY C 294 8.97 53.69 -37.06
N LYS C 295 10.01 54.14 -36.35
CA LYS C 295 11.39 53.75 -36.64
C LYS C 295 11.93 52.87 -35.50
N VAL C 296 12.73 51.87 -35.86
CA VAL C 296 13.37 50.99 -34.90
C VAL C 296 14.80 51.45 -34.65
N SER C 297 15.27 51.23 -33.42
CA SER C 297 16.64 51.54 -33.04
C SER C 297 17.00 50.68 -31.85
N ALA C 298 18.29 50.39 -31.72
CA ALA C 298 18.76 49.57 -30.60
C ALA C 298 18.83 50.47 -29.37
N ASP C 299 17.66 50.71 -28.79
CA ASP C 299 17.54 51.43 -27.52
C ASP C 299 17.89 50.57 -26.32
N TYR C 300 17.81 49.24 -26.46
CA TYR C 300 18.18 48.35 -25.39
C TYR C 300 19.32 47.43 -25.83
N TYR C 301 19.91 46.75 -24.87
CA TYR C 301 20.88 45.69 -25.09
C TYR C 301 20.57 44.59 -24.08
N ALA C 302 20.66 43.34 -24.50
CA ALA C 302 20.46 42.18 -23.65
C ALA C 302 21.81 41.60 -23.28
N ILE C 303 22.02 41.34 -22.00
CA ILE C 303 23.27 40.75 -21.52
C ILE C 303 23.00 39.35 -20.99
N VAL C 304 24.01 38.48 -21.12
CA VAL C 304 23.94 37.10 -20.63
C VAL C 304 25.15 36.83 -19.74
N ILE C 305 24.90 36.33 -18.53
CA ILE C 305 25.96 35.94 -17.60
C ILE C 305 25.53 34.64 -16.91
N CYS C 306 26.52 33.84 -16.52
CA CYS C 306 26.31 32.77 -15.54
C CYS C 306 26.38 33.35 -14.15
N VAL C 307 25.46 32.94 -13.30
CA VAL C 307 25.42 33.37 -11.90
C VAL C 307 25.37 32.14 -11.01
N PRO C 308 26.24 32.02 -10.01
CA PRO C 308 26.07 30.93 -9.05
C PRO C 308 24.73 31.04 -8.36
N LYS C 309 24.09 29.89 -8.12
CA LYS C 309 22.73 29.88 -7.57
C LYS C 309 22.68 30.59 -6.22
N LYS C 310 23.67 30.35 -5.36
CA LYS C 310 23.68 30.99 -4.06
C LYS C 310 23.83 32.51 -4.17
N ALA C 311 24.27 33.03 -5.31
CA ALA C 311 24.36 34.47 -5.52
C ALA C 311 23.13 35.07 -6.21
N LEU C 312 22.17 34.22 -6.60
CA LEU C 312 21.11 34.65 -7.51
C LEU C 312 20.38 35.89 -6.98
N TYR C 313 19.86 35.80 -5.76
CA TYR C 313 19.06 36.93 -5.28
C TYR C 313 19.88 38.21 -5.28
N LYS C 314 21.11 38.14 -4.76
CA LYS C 314 21.92 39.35 -4.73
C LYS C 314 22.18 39.86 -6.14
N SER C 315 22.41 38.93 -7.07
CA SER C 315 22.63 39.33 -8.46
C SER C 315 21.42 40.07 -9.00
N ILE C 316 20.20 39.61 -8.68
CA ILE C 316 19.03 40.31 -9.18
C ILE C 316 19.03 41.75 -8.68
N GLN C 317 19.29 41.94 -7.40
CA GLN C 317 19.35 43.30 -6.86
C GLN C 317 20.38 44.12 -7.63
N GLN C 318 21.56 43.54 -7.85
CA GLN C 318 22.58 44.27 -8.57
C GLN C 318 22.15 44.57 -10.00
N LEU C 319 21.48 43.61 -10.66
CA LEU C 319 21.03 43.87 -12.01
C LEU C 319 20.01 44.99 -12.04
N ARG C 320 19.20 45.13 -10.99
CA ARG C 320 18.26 46.22 -10.96
C ARG C 320 18.96 47.56 -10.76
N ALA C 321 20.06 47.56 -10.02
CA ALA C 321 20.71 48.83 -9.72
C ALA C 321 21.27 49.48 -10.98
N ILE C 322 21.67 48.68 -11.96
CA ILE C 322 22.23 49.18 -13.21
C ILE C 322 21.18 49.26 -14.31
N GLY C 323 19.89 49.17 -13.97
CA GLY C 323 18.84 49.39 -14.95
C GLY C 323 18.34 48.15 -15.63
N GLY C 324 18.66 46.97 -15.12
CA GLY C 324 18.21 45.74 -15.74
C GLY C 324 16.74 45.44 -15.47
N SER C 325 16.11 44.79 -16.43
CA SER C 325 14.72 44.41 -16.33
C SER C 325 14.50 43.12 -17.11
N GLY C 326 13.35 42.48 -16.86
CA GLY C 326 13.01 41.26 -17.59
C GLY C 326 14.09 40.23 -17.51
N VAL C 327 14.54 39.92 -16.29
CA VAL C 327 15.70 39.07 -16.04
C VAL C 327 15.27 37.61 -16.13
N LEU C 328 15.63 36.94 -17.22
CA LEU C 328 15.32 35.53 -17.40
C LEU C 328 16.34 34.69 -16.65
N VAL C 329 15.87 33.73 -15.85
CA VAL C 329 16.73 32.82 -15.10
C VAL C 329 16.38 31.40 -15.49
N SER C 330 17.39 30.62 -15.90
CA SER C 330 17.12 29.26 -16.35
C SER C 330 18.29 28.36 -16.01
N PRO C 331 18.06 27.05 -15.89
CA PRO C 331 19.11 26.13 -15.48
C PRO C 331 19.84 25.50 -16.66
N LEU C 332 20.91 24.77 -16.33
CA LEU C 332 21.81 24.16 -17.30
C LEU C 332 21.94 22.67 -17.05
N THR C 333 22.03 21.88 -18.12
CA THR C 333 22.32 20.47 -17.89
C THR C 333 23.79 20.26 -17.59
N TYR C 334 24.67 20.83 -18.39
CA TYR C 334 26.12 20.69 -18.26
C TYR C 334 26.80 22.03 -18.38
N ILE C 335 27.97 22.14 -17.77
CA ILE C 335 28.93 23.20 -18.12
C ILE C 335 30.28 22.53 -18.34
N PHE C 336 30.71 22.44 -19.60
CA PHE C 336 32.03 21.86 -19.90
C PHE C 336 33.09 22.95 -19.89
N ASP C 337 34.16 22.71 -19.15
CA ASP C 337 35.26 23.65 -19.12
C ASP C 337 36.56 22.88 -19.28
N GLU C 338 37.65 23.40 -18.74
CA GLU C 338 38.92 22.69 -18.78
C GLU C 338 38.88 21.48 -17.85
N GLU C 339 39.47 20.37 -18.32
CA GLU C 339 39.39 19.11 -17.61
C GLU C 339 40.08 19.21 -16.26
N THR C 340 39.44 18.68 -15.22
CA THR C 340 40.02 18.68 -13.88
C THR C 340 41.15 17.67 -13.82
N PRO C 341 42.01 17.78 -12.80
CA PRO C 341 43.08 16.78 -12.63
C PRO C 341 42.58 15.37 -12.35
N ARG C 342 41.27 15.13 -12.21
CA ARG C 342 40.82 13.79 -11.86
C ARG C 342 41.19 12.77 -12.95
N TRP C 343 41.10 13.18 -14.22
CA TRP C 343 41.48 12.28 -15.31
C TRP C 343 42.97 12.01 -15.30
N ARG C 344 43.78 13.07 -15.21
CA ARG C 344 45.23 12.91 -15.21
C ARG C 344 45.69 12.08 -14.00
N GLN C 345 45.04 12.26 -12.85
CA GLN C 345 45.37 11.46 -11.68
C GLN C 345 44.97 10.00 -11.84
N LEU C 346 43.83 9.74 -12.48
CA LEU C 346 43.46 8.35 -12.78
C LEU C 346 44.49 7.70 -13.68
N LEU C 347 44.90 8.41 -14.75
CA LEU C 347 45.93 7.84 -15.61
C LEU C 347 47.24 7.69 -14.86
N SER C 348 47.50 8.58 -13.90
CA SER C 348 48.69 8.44 -13.08
C SER C 348 48.62 7.16 -12.26
N LYS C 349 47.45 6.85 -11.71
CA LYS C 349 47.28 5.61 -10.97
C LYS C 349 47.33 4.39 -11.87
N LEU C 350 47.06 4.54 -13.15
CA LEU C 350 47.14 3.41 -14.08
C LEU C 350 48.51 3.24 -14.73
N GLY C 351 49.31 4.31 -14.78
CA GLY C 351 50.54 4.32 -15.57
C GLY C 351 50.32 4.22 -17.06
N SER D 15 -8.84 -30.25 -25.02
CA SER D 15 -8.86 -31.54 -24.33
C SER D 15 -8.30 -31.39 -22.91
N ARG D 16 -8.89 -32.11 -21.95
CA ARG D 16 -8.46 -32.04 -20.56
C ARG D 16 -9.02 -33.24 -19.82
N GLN D 17 -8.55 -33.43 -18.59
CA GLN D 17 -8.86 -34.65 -17.86
C GLN D 17 -9.35 -34.46 -16.44
N GLU D 18 -9.17 -33.30 -15.82
CA GLU D 18 -9.58 -33.10 -14.45
C GLU D 18 -10.51 -31.89 -14.35
N ILE D 19 -11.48 -32.01 -13.44
CA ILE D 19 -12.54 -31.03 -13.21
C ILE D 19 -12.01 -29.64 -12.87
N ARG D 20 -12.60 -28.64 -13.52
CA ARG D 20 -12.28 -27.23 -13.38
C ARG D 20 -13.45 -26.48 -12.74
N LEU D 21 -13.16 -25.68 -11.72
CA LEU D 21 -14.12 -24.89 -10.96
C LEU D 21 -13.75 -23.42 -11.05
N GLY D 22 -14.65 -22.59 -11.55
CA GLY D 22 -14.41 -21.15 -11.63
C GLY D 22 -14.83 -20.44 -10.36
N LEU D 23 -13.98 -19.53 -9.89
CA LEU D 23 -14.21 -18.71 -8.70
C LEU D 23 -13.91 -17.25 -9.01
N PRO D 24 -14.59 -16.33 -8.35
CA PRO D 24 -14.35 -14.90 -8.63
C PRO D 24 -12.95 -14.48 -8.23
N SER D 25 -12.33 -13.64 -9.05
CA SER D 25 -10.93 -13.27 -8.88
C SER D 25 -10.72 -12.06 -7.99
N LYS D 26 -11.55 -11.03 -8.11
CA LYS D 26 -11.33 -9.80 -7.36
C LYS D 26 -12.64 -9.31 -6.75
N GLY D 27 -12.53 -8.51 -5.70
CA GLY D 27 -13.71 -7.99 -5.03
C GLY D 27 -13.99 -8.74 -3.74
N ARG D 28 -15.04 -8.28 -3.05
CA ARG D 28 -15.50 -8.97 -1.86
C ARG D 28 -16.13 -10.31 -2.21
N MET D 29 -16.69 -10.46 -3.41
CA MET D 29 -17.19 -11.75 -3.82
C MET D 29 -16.08 -12.80 -3.80
N SER D 30 -14.87 -12.38 -4.16
CA SER D 30 -13.73 -13.29 -4.15
C SER D 30 -13.35 -13.71 -2.74
N SER D 31 -13.14 -12.73 -1.86
CA SER D 31 -12.73 -13.05 -0.50
C SER D 31 -13.82 -13.80 0.26
N ASP D 32 -15.08 -13.42 0.06
CA ASP D 32 -16.16 -14.13 0.73
C ASP D 32 -16.27 -15.56 0.22
N THR D 33 -15.95 -15.77 -1.06
CA THR D 33 -15.99 -17.11 -1.62
C THR D 33 -14.86 -17.97 -1.04
N LEU D 34 -13.64 -17.44 -1.00
CA LEU D 34 -12.54 -18.18 -0.40
C LEU D 34 -12.75 -18.40 1.09
N ASP D 35 -13.40 -17.47 1.78
CA ASP D 35 -13.73 -17.68 3.19
C ASP D 35 -14.73 -18.82 3.36
N LEU D 36 -15.73 -18.88 2.47
CA LEU D 36 -16.69 -19.98 2.54
C LEU D 36 -16.03 -21.31 2.25
N LEU D 37 -15.22 -21.39 1.20
CA LEU D 37 -14.58 -22.66 0.86
C LEU D 37 -13.61 -23.12 1.93
N LYS D 38 -12.85 -22.19 2.52
CA LYS D 38 -11.96 -22.61 3.59
C LYS D 38 -12.76 -23.09 4.80
N ASP D 39 -13.90 -22.46 5.08
CA ASP D 39 -14.71 -22.93 6.19
C ASP D 39 -15.44 -24.23 5.86
N CYS D 40 -15.59 -24.56 4.58
CA CYS D 40 -16.20 -25.81 4.15
C CYS D 40 -15.20 -26.93 3.99
N GLN D 41 -13.96 -26.72 4.43
CA GLN D 41 -12.87 -27.65 4.17
C GLN D 41 -12.67 -27.90 2.69
N LEU D 42 -13.03 -26.93 1.85
CA LEU D 42 -12.62 -26.95 0.45
C LEU D 42 -11.57 -25.87 0.27
N SER D 43 -10.45 -26.07 0.97
CA SER D 43 -9.39 -25.08 0.99
C SER D 43 -8.70 -25.04 -0.37
N VAL D 44 -8.42 -23.83 -0.83
CA VAL D 44 -7.78 -23.62 -2.12
C VAL D 44 -6.28 -23.43 -1.87
N LYS D 45 -5.46 -24.14 -2.64
CA LYS D 45 -4.00 -24.15 -2.48
C LYS D 45 -3.38 -23.30 -3.59
N GLN D 46 -3.38 -21.98 -3.40
CA GLN D 46 -2.88 -21.07 -4.42
C GLN D 46 -1.35 -21.15 -4.50
N VAL D 47 -0.84 -21.63 -5.64
CA VAL D 47 0.60 -21.75 -5.83
C VAL D 47 1.25 -20.37 -5.87
N ASN D 48 0.92 -19.58 -6.89
CA ASN D 48 1.42 -18.22 -7.02
C ASN D 48 0.54 -17.47 -8.04
N PRO D 49 0.37 -16.15 -7.87
CA PRO D 49 -0.41 -15.33 -8.80
C PRO D 49 0.44 -14.69 -9.88
N VAL D 53 -4.53 -20.16 -11.32
CA VAL D 53 -4.92 -21.57 -11.27
C VAL D 53 -4.46 -22.23 -9.96
N ALA D 54 -5.37 -22.88 -9.24
CA ALA D 54 -5.09 -23.52 -7.97
C ALA D 54 -5.76 -24.90 -7.92
N GLN D 55 -5.62 -25.56 -6.76
CA GLN D 55 -6.14 -26.90 -6.53
C GLN D 55 -6.93 -26.96 -5.23
N ILE D 56 -7.97 -27.78 -5.21
CA ILE D 56 -8.63 -28.15 -3.95
C ILE D 56 -8.35 -29.61 -3.64
N PRO D 57 -7.42 -29.92 -2.74
CA PRO D 57 -7.06 -31.33 -2.49
C PRO D 57 -8.08 -32.08 -1.65
N GLN D 58 -8.95 -31.38 -0.92
CA GLN D 58 -9.84 -32.08 -0.01
C GLN D 58 -10.88 -32.90 -0.76
N ILE D 59 -11.19 -32.51 -1.98
CA ILE D 59 -11.99 -33.32 -2.88
C ILE D 59 -11.04 -33.98 -3.84
N SER D 60 -11.10 -35.32 -3.92
CA SER D 60 -10.09 -36.01 -4.72
C SER D 60 -10.15 -35.47 -6.14
N ASN D 61 -9.02 -34.91 -6.59
CA ASN D 61 -8.89 -34.42 -7.96
C ASN D 61 -9.90 -33.33 -8.26
N LEU D 62 -9.58 -32.09 -7.92
CA LEU D 62 -10.46 -30.94 -8.18
C LEU D 62 -9.60 -29.68 -8.33
N GLU D 63 -9.81 -28.93 -9.42
CA GLU D 63 -8.90 -27.87 -9.83
C GLU D 63 -9.63 -26.55 -10.02
N VAL D 64 -9.08 -25.47 -9.47
CA VAL D 64 -9.75 -24.16 -9.38
C VAL D 64 -9.12 -23.16 -10.34
N TRP D 65 -9.96 -22.37 -11.02
CA TRP D 65 -9.56 -21.25 -11.88
C TRP D 65 -10.20 -19.96 -11.38
N PHE D 66 -9.38 -18.94 -11.17
CA PHE D 66 -9.82 -17.61 -10.73
C PHE D 66 -10.07 -16.71 -11.92
N GLN D 67 -11.28 -16.18 -12.05
CA GLN D 67 -11.67 -15.35 -13.19
C GLN D 67 -12.60 -14.22 -12.79
N ARG D 68 -12.83 -13.35 -13.74
CA ARG D 68 -13.80 -12.31 -13.55
C ARG D 68 -15.12 -13.03 -13.66
N PRO D 69 -16.10 -12.62 -12.87
CA PRO D 69 -17.45 -13.17 -12.81
C PRO D 69 -18.03 -13.37 -14.19
N LYS D 70 -17.97 -12.38 -15.07
CA LYS D 70 -18.53 -12.55 -16.41
C LYS D 70 -17.82 -13.65 -17.14
N ASP D 71 -16.51 -13.72 -17.01
CA ASP D 71 -15.75 -14.73 -17.67
C ASP D 71 -16.11 -16.12 -17.21
N ILE D 72 -16.41 -16.31 -15.94
CA ILE D 72 -16.77 -17.63 -15.50
C ILE D 72 -17.99 -18.14 -16.20
N VAL D 73 -18.99 -17.29 -16.35
CA VAL D 73 -20.18 -17.71 -17.01
C VAL D 73 -19.87 -18.07 -18.43
N ARG D 74 -19.11 -17.23 -19.11
CA ARG D 74 -18.78 -17.46 -20.49
C ARG D 74 -17.96 -18.69 -20.68
N LYS D 75 -17.02 -18.90 -19.80
CA LYS D 75 -16.20 -20.09 -19.94
C LYS D 75 -16.97 -21.36 -19.61
N LEU D 76 -17.98 -21.27 -18.74
CA LEU D 76 -18.87 -22.41 -18.55
C LEU D 76 -19.63 -22.70 -19.84
N LEU D 77 -20.10 -21.64 -20.50
CA LEU D 77 -20.85 -21.82 -21.74
C LEU D 77 -19.97 -22.37 -22.86
N SER D 78 -18.70 -21.93 -22.90
CA SER D 78 -17.79 -22.34 -23.96
C SER D 78 -17.29 -23.77 -23.79
N GLY D 79 -17.29 -24.30 -22.58
CA GLY D 79 -16.83 -25.65 -22.34
C GLY D 79 -15.60 -25.72 -21.49
N ASP D 80 -14.95 -24.59 -21.25
CA ASP D 80 -13.69 -24.58 -20.53
C ASP D 80 -13.85 -24.80 -19.04
N LEU D 81 -15.03 -24.50 -18.48
CA LEU D 81 -15.30 -24.71 -17.06
C LEU D 81 -16.41 -25.74 -16.88
N ASP D 82 -16.41 -26.36 -15.70
CA ASP D 82 -17.44 -27.31 -15.31
C ASP D 82 -18.33 -26.79 -14.20
N LEU D 83 -17.76 -26.08 -13.24
CA LEU D 83 -18.50 -25.47 -12.16
C LEU D 83 -18.09 -24.02 -12.06
N GLY D 84 -18.90 -23.27 -11.34
CA GLY D 84 -18.59 -21.88 -11.06
C GLY D 84 -19.34 -21.46 -9.83
N ILE D 85 -18.82 -20.43 -9.18
CA ILE D 85 -19.55 -19.73 -8.11
C ILE D 85 -19.65 -18.28 -8.54
N VAL D 86 -20.88 -17.79 -8.71
CA VAL D 86 -21.14 -16.47 -9.25
C VAL D 86 -22.45 -15.96 -8.70
N GLY D 87 -22.59 -14.65 -8.62
CA GLY D 87 -23.87 -14.09 -8.27
C GLY D 87 -24.92 -14.41 -9.31
N LEU D 88 -26.15 -14.57 -8.87
CA LEU D 88 -27.22 -14.85 -9.82
C LEU D 88 -27.43 -13.70 -10.78
N ASP D 89 -27.08 -12.47 -10.41
CA ASP D 89 -27.20 -11.36 -11.35
C ASP D 89 -26.28 -11.57 -12.55
N VAL D 90 -25.09 -12.09 -12.36
CA VAL D 90 -24.16 -12.22 -13.42
C VAL D 90 -24.61 -13.36 -14.20
N LEU D 91 -25.07 -14.38 -13.51
CA LEU D 91 -25.53 -15.54 -14.24
C LEU D 91 -26.69 -15.20 -15.17
N THR D 92 -27.66 -14.44 -14.70
CA THR D 92 -28.84 -14.14 -15.51
C THR D 92 -28.53 -13.12 -16.59
N GLU D 93 -27.65 -12.17 -16.30
CA GLU D 93 -27.33 -11.12 -17.26
C GLU D 93 -26.47 -11.67 -18.40
N PHE D 94 -25.45 -12.43 -18.07
CA PHE D 94 -24.55 -12.96 -19.07
C PHE D 94 -24.85 -14.33 -19.61
N GLY D 95 -25.60 -15.11 -18.87
CA GLY D 95 -25.98 -16.44 -19.32
C GLY D 95 -27.16 -16.35 -20.26
N GLN D 96 -27.90 -15.24 -20.18
CA GLN D 96 -29.00 -14.97 -21.10
C GLN D 96 -30.09 -16.03 -21.00
N GLY D 97 -30.20 -16.71 -19.86
CA GLY D 97 -31.16 -17.78 -19.74
C GLY D 97 -30.77 -19.03 -20.51
N ASN D 98 -29.48 -19.20 -20.79
CA ASN D 98 -29.01 -20.39 -21.50
C ASN D 98 -29.33 -21.65 -20.70
N GLU D 99 -29.86 -22.65 -21.40
CA GLU D 99 -30.28 -23.89 -20.78
C GLU D 99 -29.13 -24.83 -20.41
N ASP D 100 -27.89 -24.55 -20.87
CA ASP D 100 -26.77 -25.41 -20.50
C ASP D 100 -26.30 -25.15 -19.08
N LEU D 101 -26.60 -23.97 -18.54
CA LEU D 101 -26.21 -23.59 -17.20
C LEU D 101 -27.31 -24.00 -16.21
N ILE D 102 -26.95 -24.82 -15.22
CA ILE D 102 -27.84 -25.24 -14.14
C ILE D 102 -27.31 -24.71 -12.82
N VAL D 103 -28.14 -24.00 -12.06
CA VAL D 103 -27.75 -23.60 -10.70
C VAL D 103 -27.90 -24.80 -9.77
N VAL D 104 -26.80 -25.21 -9.18
CA VAL D 104 -26.83 -26.32 -8.25
C VAL D 104 -27.26 -25.85 -6.86
N HIS D 105 -26.64 -24.79 -6.36
CA HIS D 105 -27.07 -24.19 -5.12
C HIS D 105 -27.36 -22.74 -5.39
N GLU D 106 -28.59 -22.31 -5.16
CA GLU D 106 -28.99 -20.98 -5.57
C GLU D 106 -28.77 -19.93 -4.50
N ALA D 107 -28.25 -20.31 -3.31
CA ALA D 107 -28.21 -19.41 -2.16
C ALA D 107 -27.06 -19.78 -1.21
N LEU D 108 -25.85 -19.40 -1.58
CA LEU D 108 -24.69 -19.61 -0.73
C LEU D 108 -24.58 -18.55 0.38
N GLU D 109 -25.61 -17.72 0.53
CA GLU D 109 -25.80 -16.83 1.67
C GLU D 109 -24.71 -15.75 1.78
N TYR D 110 -24.11 -15.36 0.67
CA TYR D 110 -23.33 -14.14 0.63
C TYR D 110 -23.44 -13.55 -0.76
N GLY D 111 -23.00 -12.31 -0.91
CA GLY D 111 -23.28 -11.60 -2.14
C GLY D 111 -24.74 -11.22 -2.27
N ASP D 112 -25.44 -11.09 -1.16
CA ASP D 112 -26.85 -10.74 -1.16
C ASP D 112 -27.08 -9.35 -1.74
N CYS D 113 -27.97 -9.24 -2.71
CA CYS D 113 -28.38 -7.94 -3.23
C CYS D 113 -29.62 -8.14 -4.08
N ARG D 114 -30.15 -7.03 -4.60
CA ARG D 114 -31.22 -7.12 -5.58
C ARG D 114 -30.97 -6.10 -6.68
N LEU D 115 -31.15 -6.51 -7.92
CA LEU D 115 -31.10 -5.59 -9.04
C LEU D 115 -32.47 -4.96 -9.20
N SER D 116 -32.55 -3.64 -9.04
CA SER D 116 -33.84 -2.97 -9.08
C SER D 116 -33.72 -1.56 -9.68
N ILE D 117 -34.87 -0.95 -9.86
CA ILE D 117 -35.00 0.35 -10.52
C ILE D 117 -35.17 1.40 -9.44
N ALA D 118 -34.38 2.47 -9.56
CA ALA D 118 -34.44 3.60 -8.66
C ALA D 118 -34.73 4.87 -9.45
N ILE D 119 -35.61 5.70 -8.89
CA ILE D 119 -36.04 6.97 -9.48
C ILE D 119 -35.90 8.05 -8.41
N PRO D 120 -35.82 9.32 -8.82
CA PRO D 120 -35.73 10.40 -7.83
C PRO D 120 -36.98 10.46 -6.97
N GLN D 121 -36.86 11.13 -5.84
CA GLN D 121 -38.00 11.40 -4.97
C GLN D 121 -38.60 12.79 -5.19
N TYR D 122 -37.84 13.69 -5.80
CA TYR D 122 -38.21 15.07 -6.08
C TYR D 122 -38.73 15.19 -7.53
N GLY D 123 -39.22 16.37 -7.86
CA GLY D 123 -39.63 16.66 -9.22
C GLY D 123 -40.78 15.79 -9.68
N ILE D 124 -40.79 15.49 -10.98
CA ILE D 124 -41.86 14.73 -11.61
C ILE D 124 -42.24 13.51 -10.77
N PHE D 125 -41.24 12.83 -10.21
CA PHE D 125 -41.42 11.52 -9.61
C PHE D 125 -41.88 11.59 -8.16
N GLU D 126 -42.27 12.77 -7.67
CA GLU D 126 -42.68 12.88 -6.28
C GLU D 126 -43.84 11.93 -5.97
N ASN D 127 -44.94 12.08 -6.71
CA ASN D 127 -46.15 11.27 -6.50
C ASN D 127 -46.16 10.03 -7.38
N VAL D 128 -45.06 9.28 -7.39
CA VAL D 128 -44.91 8.07 -8.20
C VAL D 128 -44.21 7.03 -7.33
N ASN D 129 -44.91 5.96 -6.98
CA ASN D 129 -44.35 5.02 -6.01
C ASN D 129 -44.60 3.57 -6.39
N SER D 130 -44.76 3.28 -7.68
CA SER D 130 -44.87 1.91 -8.14
C SER D 130 -44.55 1.86 -9.63
N LEU D 131 -44.29 0.64 -10.09
CA LEU D 131 -43.91 0.45 -11.49
C LEU D 131 -45.03 0.84 -12.44
N GLU D 132 -46.28 0.47 -12.12
CA GLU D 132 -47.37 0.79 -13.02
C GLU D 132 -47.63 2.28 -13.07
N GLU D 133 -47.30 3.02 -12.01
CA GLU D 133 -47.44 4.47 -12.03
C GLU D 133 -46.29 5.14 -12.78
N LEU D 134 -45.13 4.50 -12.83
CA LEU D 134 -44.08 4.94 -13.75
C LEU D 134 -44.52 4.70 -15.19
N ALA D 135 -45.25 3.62 -15.45
CA ALA D 135 -45.77 3.35 -16.78
C ALA D 135 -46.79 4.40 -17.20
N LYS D 136 -47.80 4.64 -16.36
CA LYS D 136 -48.81 5.65 -16.64
C LYS D 136 -48.27 7.03 -16.24
N MET D 137 -47.11 7.35 -16.78
CA MET D 137 -46.47 8.65 -16.76
C MET D 137 -46.09 8.97 -18.21
N PRO D 138 -46.29 10.19 -18.64
CA PRO D 138 -46.42 10.44 -20.08
C PRO D 138 -45.31 11.30 -20.68
N GLN D 139 -44.33 11.63 -19.85
CA GLN D 139 -43.18 12.41 -20.27
C GLN D 139 -42.40 11.73 -21.42
N TRP D 140 -42.66 10.47 -21.76
CA TRP D 140 -41.74 9.71 -22.61
C TRP D 140 -42.41 9.29 -23.91
N THR D 141 -41.77 9.68 -25.01
CA THR D 141 -42.19 9.42 -26.38
C THR D 141 -41.00 8.86 -27.16
N GLU D 142 -41.32 8.07 -28.18
CA GLU D 142 -40.36 7.59 -29.18
C GLU D 142 -39.17 8.54 -29.38
N ASP D 143 -39.45 9.85 -29.51
CA ASP D 143 -38.39 10.85 -29.62
C ASP D 143 -37.63 11.01 -28.31
N LYS D 144 -38.33 11.34 -27.23
CA LYS D 144 -37.73 11.58 -25.93
C LYS D 144 -38.15 10.47 -24.97
N PRO D 145 -37.40 9.36 -24.92
CA PRO D 145 -37.78 8.23 -24.07
C PRO D 145 -37.24 8.36 -22.65
N LEU D 146 -37.73 7.47 -21.78
CA LEU D 146 -37.25 7.38 -20.41
C LEU D 146 -35.81 6.88 -20.41
N ARG D 147 -34.88 7.73 -19.99
CA ARG D 147 -33.47 7.39 -20.02
C ARG D 147 -33.12 6.71 -18.70
N VAL D 148 -32.62 5.48 -18.80
CA VAL D 148 -32.20 4.71 -17.64
C VAL D 148 -30.74 4.34 -17.80
N ALA D 149 -29.94 4.77 -16.83
CA ALA D 149 -28.54 4.39 -16.77
C ALA D 149 -28.42 3.05 -16.06
N THR D 150 -27.59 2.17 -16.62
CA THR D 150 -27.49 0.83 -16.05
C THR D 150 -26.25 0.14 -16.61
N GLY D 151 -25.75 -0.80 -15.83
CA GLY D 151 -24.73 -1.69 -16.37
C GLY D 151 -25.28 -2.97 -16.97
N PHE D 152 -26.58 -3.21 -16.85
CA PHE D 152 -27.17 -4.46 -17.33
C PHE D 152 -27.71 -4.26 -18.74
N THR D 153 -26.83 -4.47 -19.72
CA THR D 153 -27.18 -4.25 -21.13
C THR D 153 -28.29 -5.18 -21.57
N TYR D 154 -28.35 -6.38 -21.01
CA TYR D 154 -29.30 -7.38 -21.49
C TYR D 154 -30.62 -7.41 -20.75
N LEU D 155 -30.53 -7.53 -19.45
CA LEU D 155 -31.63 -7.72 -18.52
C LEU D 155 -32.70 -6.69 -18.38
N GLY D 156 -32.31 -5.46 -18.46
CA GLY D 156 -33.19 -4.34 -18.27
C GLY D 156 -34.34 -4.28 -19.29
N PRO D 157 -34.00 -4.23 -20.58
CA PRO D 157 -35.05 -4.23 -21.62
C PRO D 157 -36.03 -5.38 -21.47
N LYS D 158 -35.50 -6.56 -21.14
CA LYS D 158 -36.36 -7.72 -20.97
C LYS D 158 -37.34 -7.46 -19.85
N PHE D 159 -36.87 -6.86 -18.76
CA PHE D 159 -37.77 -6.55 -17.66
C PHE D 159 -38.87 -5.57 -18.05
N MET D 160 -38.56 -4.54 -18.85
CA MET D 160 -39.60 -3.53 -19.05
C MET D 160 -40.56 -3.85 -20.18
N LYS D 161 -40.19 -4.73 -21.10
CA LYS D 161 -41.24 -5.13 -22.03
C LYS D 161 -42.31 -5.97 -21.36
N ASP D 162 -42.02 -6.50 -20.16
CA ASP D 162 -42.93 -7.41 -19.47
C ASP D 162 -44.07 -6.67 -18.79
N ASN D 163 -43.87 -5.41 -18.40
CA ASN D 163 -44.88 -4.66 -17.66
C ASN D 163 -44.61 -3.16 -17.68
N GLY D 164 -43.71 -2.70 -18.55
CA GLY D 164 -43.50 -1.29 -18.75
C GLY D 164 -43.66 -0.84 -20.18
N ILE D 165 -43.22 0.37 -20.49
CA ILE D 165 -43.39 0.93 -21.83
C ILE D 165 -42.18 0.61 -22.69
N LYS D 166 -42.32 0.82 -24.00
CA LYS D 166 -41.20 0.77 -24.93
C LYS D 166 -40.49 2.11 -25.03
N HIS D 167 -41.03 3.16 -24.39
CA HIS D 167 -40.40 4.47 -24.44
C HIS D 167 -39.28 4.50 -23.39
N VAL D 168 -38.26 3.67 -23.63
CA VAL D 168 -37.14 3.54 -22.70
C VAL D 168 -35.85 3.40 -23.50
N ALA D 169 -34.86 4.22 -23.16
CA ALA D 169 -33.52 4.06 -23.69
C ALA D 169 -32.59 3.74 -22.54
N PHE D 170 -31.60 2.90 -22.82
CA PHE D 170 -30.62 2.53 -21.81
C PHE D 170 -29.27 3.09 -22.19
N SER D 171 -28.51 3.48 -21.17
CA SER D 171 -27.17 3.97 -21.42
C SER D 171 -26.24 3.43 -20.35
N THR D 172 -24.95 3.41 -20.69
CA THR D 172 -23.89 3.20 -19.72
C THR D 172 -23.43 4.57 -19.23
N ALA D 173 -23.55 4.81 -17.94
CA ALA D 173 -23.12 6.08 -17.38
C ALA D 173 -21.61 6.08 -17.18
N ASP D 174 -20.99 7.22 -17.47
CA ASP D 174 -19.60 7.42 -17.09
C ASP D 174 -19.55 7.68 -15.59
N GLY D 175 -18.72 6.91 -14.88
CA GLY D 175 -18.50 7.17 -13.47
C GLY D 175 -19.67 6.74 -12.60
N ALA D 176 -20.08 7.65 -11.74
CA ALA D 176 -20.99 7.40 -10.62
C ALA D 176 -22.42 7.17 -11.12
N LEU D 177 -22.80 5.89 -11.25
CA LEU D 177 -24.14 5.56 -11.72
C LEU D 177 -25.22 6.24 -10.87
N GLU D 178 -25.06 6.23 -9.55
CA GLU D 178 -26.08 6.79 -8.67
C GLU D 178 -26.26 8.29 -8.86
N ALA D 179 -25.22 9.01 -9.29
CA ALA D 179 -25.35 10.44 -9.49
C ALA D 179 -25.91 10.80 -10.86
N ALA D 180 -26.16 9.82 -11.72
CA ALA D 180 -26.64 10.12 -13.07
C ALA D 180 -27.98 10.85 -13.09
N PRO D 181 -28.98 10.50 -12.27
CA PRO D 181 -30.23 11.28 -12.30
C PRO D 181 -30.06 12.73 -11.85
N ALA D 182 -29.14 13.01 -10.91
CA ALA D 182 -28.93 14.40 -10.53
C ALA D 182 -28.20 15.18 -11.60
N MET D 183 -27.28 14.53 -12.31
CA MET D 183 -26.51 15.22 -13.34
C MET D 183 -27.31 15.49 -14.61
N GLY D 184 -28.48 14.86 -14.78
CA GLY D 184 -29.27 15.00 -15.98
C GLY D 184 -28.99 13.98 -17.06
N ILE D 185 -27.99 13.10 -16.85
CA ILE D 185 -27.69 12.05 -17.82
C ILE D 185 -28.89 11.14 -18.01
N ALA D 186 -29.41 10.59 -16.93
CA ALA D 186 -30.57 9.72 -16.99
C ALA D 186 -31.69 10.27 -16.14
N ASP D 187 -32.86 9.69 -16.33
CA ASP D 187 -33.98 9.98 -15.44
C ASP D 187 -34.11 8.93 -14.36
N ALA D 188 -33.67 7.70 -14.60
CA ALA D 188 -33.67 6.67 -13.58
C ALA D 188 -32.45 5.77 -13.76
N ILE D 189 -32.20 4.92 -12.76
CA ILE D 189 -31.09 3.98 -12.84
C ILE D 189 -31.61 2.59 -12.52
N LEU D 190 -30.89 1.59 -13.04
CA LEU D 190 -31.11 0.18 -12.73
C LEU D 190 -29.82 -0.35 -12.12
N ASP D 191 -29.83 -0.61 -10.82
CA ASP D 191 -28.58 -0.88 -10.13
C ASP D 191 -28.78 -1.89 -9.02
N LEU D 192 -27.67 -2.32 -8.43
CA LEU D 192 -27.69 -3.29 -7.34
C LEU D 192 -27.86 -2.57 -6.01
N VAL D 193 -28.79 -3.08 -5.21
CA VAL D 193 -29.10 -2.51 -3.91
C VAL D 193 -28.84 -3.57 -2.86
N SER D 194 -28.10 -3.20 -1.83
CA SER D 194 -27.82 -4.07 -0.70
C SER D 194 -28.41 -3.48 0.57
N SER D 195 -27.70 -2.55 1.20
CA SER D 195 -28.22 -1.87 2.38
C SER D 195 -29.12 -0.70 2.06
N GLY D 196 -29.13 -0.23 0.83
CA GLY D 196 -29.95 0.90 0.44
C GLY D 196 -29.40 2.26 0.81
N THR D 197 -28.19 2.34 1.37
CA THR D 197 -27.64 3.64 1.75
C THR D 197 -27.23 4.48 0.54
N THR D 198 -26.72 3.86 -0.52
CA THR D 198 -26.35 4.63 -1.72
C THR D 198 -27.54 5.34 -2.33
N LEU D 199 -28.68 4.66 -2.39
CA LEU D 199 -29.86 5.29 -2.94
C LEU D 199 -30.32 6.43 -2.05
N LYS D 200 -30.27 6.24 -0.74
CA LYS D 200 -30.74 7.29 0.16
C LYS D 200 -29.80 8.48 0.15
N GLU D 201 -28.49 8.23 0.02
CA GLU D 201 -27.49 9.29 -0.06
C GLU D 201 -27.65 10.11 -1.33
N ASN D 202 -28.18 9.50 -2.39
CA ASN D 202 -28.34 10.20 -3.65
C ASN D 202 -29.81 10.52 -3.95
N ASN D 203 -30.63 10.62 -2.91
CA ASN D 203 -32.04 11.02 -3.05
C ASN D 203 -32.74 10.23 -4.14
N LEU D 204 -32.53 8.92 -4.11
CA LEU D 204 -33.19 8.00 -5.01
C LEU D 204 -34.06 7.06 -4.19
N LYS D 205 -34.98 6.39 -4.87
CA LYS D 205 -35.97 5.58 -4.17
C LYS D 205 -36.36 4.42 -5.06
N GLU D 206 -36.68 3.30 -4.42
CA GLU D 206 -37.23 2.14 -5.08
C GLU D 206 -38.74 2.30 -5.23
N ILE D 207 -39.31 1.55 -6.18
CA ILE D 207 -40.75 1.54 -6.40
C ILE D 207 -41.25 0.14 -6.06
N GLU D 208 -42.54 0.03 -5.78
CA GLU D 208 -43.12 -1.29 -5.58
C GLU D 208 -43.19 -2.02 -6.92
N GLY D 209 -42.65 -3.24 -6.96
CA GLY D 209 -42.54 -3.97 -8.21
C GLY D 209 -41.36 -3.60 -9.08
N GLY D 210 -40.48 -2.71 -8.61
CA GLY D 210 -39.28 -2.31 -9.32
C GLY D 210 -38.13 -3.29 -9.29
N THR D 211 -38.21 -4.33 -8.45
CA THR D 211 -37.13 -5.30 -8.34
C THR D 211 -37.10 -6.19 -9.58
N VAL D 212 -36.01 -6.14 -10.32
CA VAL D 212 -35.83 -7.00 -11.48
C VAL D 212 -35.36 -8.39 -11.07
N LEU D 213 -34.49 -8.48 -10.07
CA LEU D 213 -34.01 -9.79 -9.68
C LEU D 213 -33.44 -9.75 -8.26
N GLU D 214 -33.54 -10.88 -7.58
CA GLU D 214 -32.88 -11.12 -6.31
C GLU D 214 -31.63 -11.96 -6.56
N SER D 215 -30.52 -11.57 -5.96
CA SER D 215 -29.25 -12.22 -6.26
C SER D 215 -28.51 -12.60 -4.98
N GLN D 216 -27.94 -13.80 -4.99
CA GLN D 216 -26.91 -14.21 -4.05
C GLN D 216 -25.82 -14.85 -4.86
N ALA D 217 -24.72 -15.19 -4.17
CA ALA D 217 -23.74 -16.06 -4.80
C ALA D 217 -24.33 -17.45 -4.89
N ALA D 218 -24.04 -18.13 -5.99
CA ALA D 218 -24.65 -19.41 -6.30
C ALA D 218 -23.61 -20.34 -6.90
N LEU D 219 -23.80 -21.63 -6.65
CA LEU D 219 -23.01 -22.68 -7.28
C LEU D 219 -23.71 -23.13 -8.55
N VAL D 220 -23.05 -22.92 -9.69
CA VAL D 220 -23.59 -23.14 -11.02
C VAL D 220 -22.76 -24.23 -11.71
N ALA D 221 -23.40 -25.00 -12.58
CA ALA D 221 -22.73 -26.09 -13.26
C ALA D 221 -23.25 -26.20 -14.70
N SER D 222 -22.41 -26.77 -15.57
CA SER D 222 -22.77 -27.00 -16.96
C SER D 222 -23.38 -28.39 -17.18
N ARG D 223 -24.47 -28.43 -17.95
CA ARG D 223 -25.15 -29.69 -18.25
C ARG D 223 -24.26 -30.64 -19.05
N ARG D 224 -23.55 -30.11 -20.05
CA ARG D 224 -22.64 -30.94 -20.84
C ARG D 224 -21.53 -31.54 -19.98
N SER D 225 -21.03 -30.79 -19.01
CA SER D 225 -19.98 -31.35 -18.16
C SER D 225 -20.52 -32.42 -17.22
N MET D 226 -21.64 -32.15 -16.55
CA MET D 226 -22.16 -33.11 -15.59
C MET D 226 -22.61 -34.40 -16.26
N ILE D 227 -23.24 -34.31 -17.42
CA ILE D 227 -23.66 -35.56 -18.04
C ILE D 227 -22.50 -36.21 -18.80
N GLY D 228 -21.63 -35.40 -19.42
CA GLY D 228 -20.71 -35.86 -20.43
C GLY D 228 -19.27 -36.08 -20.04
N ARG D 229 -18.81 -35.37 -19.02
CA ARG D 229 -17.43 -35.48 -18.54
C ARG D 229 -17.44 -36.32 -17.28
N LYS D 230 -16.75 -37.46 -17.32
CA LYS D 230 -16.75 -38.39 -16.20
C LYS D 230 -16.02 -37.76 -15.01
N GLY D 231 -16.63 -37.86 -13.84
CA GLY D 231 -16.07 -37.34 -12.61
C GLY D 231 -16.63 -35.99 -12.19
N VAL D 232 -17.27 -35.26 -13.09
CA VAL D 232 -17.78 -33.93 -12.75
C VAL D 232 -18.96 -34.03 -11.80
N LEU D 233 -19.92 -34.92 -12.11
CA LEU D 233 -21.16 -34.97 -11.35
C LEU D 233 -20.94 -35.35 -9.89
N GLU D 234 -20.04 -36.28 -9.62
CA GLU D 234 -19.83 -36.69 -8.23
C GLU D 234 -19.05 -35.64 -7.45
N THR D 235 -18.15 -34.89 -8.09
CA THR D 235 -17.47 -33.85 -7.30
C THR D 235 -18.35 -32.64 -7.10
N THR D 236 -19.31 -32.35 -8.00
CA THR D 236 -20.34 -31.39 -7.63
C THR D 236 -21.23 -31.95 -6.53
N HIS D 237 -21.45 -33.26 -6.51
CA HIS D 237 -22.18 -33.84 -5.40
C HIS D 237 -21.45 -33.58 -4.08
N GLU D 238 -20.14 -33.84 -4.06
CA GLU D 238 -19.40 -33.65 -2.82
C GLU D 238 -19.38 -32.19 -2.41
N MET D 239 -19.06 -31.28 -3.35
CA MET D 239 -19.03 -29.88 -2.93
C MET D 239 -20.42 -29.37 -2.59
N LEU D 240 -21.47 -29.84 -3.28
CA LEU D 240 -22.82 -29.41 -2.91
C LEU D 240 -23.16 -29.86 -1.51
N GLU D 241 -22.84 -31.10 -1.15
CA GLU D 241 -23.17 -31.57 0.19
C GLU D 241 -22.32 -30.87 1.25
N ARG D 242 -21.04 -30.64 0.98
CA ARG D 242 -20.24 -29.88 1.94
C ARG D 242 -20.75 -28.45 2.11
N LEU D 243 -21.10 -27.78 1.01
CA LEU D 243 -21.63 -26.42 1.11
C LEU D 243 -22.97 -26.39 1.84
N GLU D 244 -23.88 -27.31 1.52
CA GLU D 244 -25.16 -27.32 2.20
C GLU D 244 -25.00 -27.64 3.68
N ALA D 245 -24.11 -28.56 3.99
CA ALA D 245 -23.87 -28.92 5.35
C ALA D 245 -23.32 -27.78 6.13
N HIS D 246 -22.37 -27.10 5.57
CA HIS D 246 -21.77 -25.99 6.26
C HIS D 246 -22.75 -24.88 6.47
N LEU D 247 -23.56 -24.62 5.47
CA LEU D 247 -24.54 -23.58 5.59
C LEU D 247 -25.52 -23.90 6.67
N ARG D 248 -25.93 -25.15 6.79
CA ARG D 248 -26.86 -25.50 7.86
C ARG D 248 -26.26 -25.23 9.23
N ALA D 249 -24.97 -25.47 9.37
CA ALA D 249 -24.27 -25.42 10.64
C ALA D 249 -24.03 -24.02 11.15
N MET D 250 -24.29 -23.00 10.33
CA MET D 250 -23.68 -21.69 10.50
C MET D 250 -24.52 -20.62 11.23
N GLY D 251 -25.78 -20.81 11.62
CA GLY D 251 -26.59 -22.01 11.60
C GLY D 251 -27.05 -22.33 13.01
N GLN D 252 -26.31 -23.23 13.64
CA GLN D 252 -26.62 -23.76 14.96
C GLN D 252 -25.43 -23.61 15.89
N PHE D 253 -25.72 -23.86 17.17
CA PHE D 253 -24.77 -24.08 18.24
C PHE D 253 -25.02 -25.44 18.86
N THR D 254 -23.95 -26.06 19.34
CA THR D 254 -24.09 -27.15 20.31
C THR D 254 -24.07 -26.53 21.70
N VAL D 255 -25.06 -26.89 22.50
CA VAL D 255 -25.28 -26.38 23.84
C VAL D 255 -25.33 -27.56 24.81
N VAL D 256 -24.52 -27.52 25.86
CA VAL D 256 -24.40 -28.60 26.81
C VAL D 256 -24.58 -28.03 28.21
N ALA D 257 -25.48 -28.61 29.00
CA ALA D 257 -25.77 -28.04 30.31
C ALA D 257 -25.69 -29.10 31.40
N ASN D 258 -25.17 -28.69 32.56
CA ASN D 258 -25.27 -29.47 33.78
C ASN D 258 -26.57 -29.14 34.49
N MET D 259 -27.25 -30.17 35.00
CA MET D 259 -28.54 -30.01 35.66
C MET D 259 -28.61 -30.96 36.84
N ARG D 260 -29.06 -30.48 37.99
CA ARG D 260 -29.29 -31.38 39.10
C ARG D 260 -30.60 -32.11 38.88
N GLY D 261 -30.59 -33.41 39.10
CA GLY D 261 -31.79 -34.20 38.92
C GLY D 261 -31.62 -35.58 39.52
N SER D 262 -32.75 -36.23 39.75
CA SER D 262 -32.74 -37.55 40.34
C SER D 262 -32.57 -38.61 39.27
N SER D 263 -33.17 -38.40 38.10
CA SER D 263 -33.10 -39.36 37.00
C SER D 263 -32.89 -38.61 35.70
N ALA D 264 -32.46 -39.35 34.67
CA ALA D 264 -32.34 -38.76 33.35
C ALA D 264 -33.69 -38.34 32.81
N GLU D 265 -34.75 -39.12 33.09
CA GLU D 265 -36.06 -38.83 32.52
C GLU D 265 -36.65 -37.57 33.11
N GLU D 266 -36.42 -37.35 34.41
CA GLU D 266 -36.86 -36.11 35.01
C GLU D 266 -36.21 -34.91 34.34
N VAL D 267 -34.90 -35.00 34.11
CA VAL D 267 -34.19 -33.90 33.48
C VAL D 267 -34.71 -33.66 32.07
N ALA D 268 -34.89 -34.75 31.31
CA ALA D 268 -35.42 -34.61 29.96
C ALA D 268 -36.79 -33.96 29.96
N GLU D 269 -37.67 -34.37 30.89
CA GLU D 269 -38.99 -33.74 30.99
C GLU D 269 -38.84 -32.25 31.25
N ARG D 270 -37.85 -31.86 32.06
CA ARG D 270 -37.64 -30.44 32.33
C ARG D 270 -37.24 -29.68 31.08
N VAL D 271 -36.31 -30.23 30.30
CA VAL D 271 -35.87 -29.54 29.11
C VAL D 271 -37.00 -29.45 28.10
N LEU D 272 -37.80 -30.51 28.01
CA LEU D 272 -38.87 -30.53 27.02
C LEU D 272 -40.09 -29.73 27.46
N SER D 273 -40.23 -29.44 28.76
CA SER D 273 -41.26 -28.52 29.20
C SER D 273 -40.99 -27.12 28.67
N GLN D 274 -39.77 -26.83 28.34
CA GLN D 274 -39.33 -25.54 27.85
C GLN D 274 -39.49 -25.48 26.35
N PRO D 275 -40.04 -24.40 25.81
CA PRO D 275 -40.42 -24.40 24.38
C PRO D 275 -39.24 -24.53 23.43
N SER D 276 -38.21 -23.71 23.62
CA SER D 276 -37.14 -23.59 22.64
C SER D 276 -35.90 -24.43 22.95
N LEU D 277 -35.98 -25.36 23.90
CA LEU D 277 -34.90 -26.30 24.16
C LEU D 277 -35.14 -27.65 23.48
N ALA D 278 -35.91 -27.66 22.38
CA ALA D 278 -36.32 -28.92 21.78
C ALA D 278 -35.15 -29.66 21.15
N GLY D 279 -34.14 -28.94 20.63
CA GLY D 279 -33.07 -29.60 19.90
C GLY D 279 -33.59 -30.16 18.59
N LEU D 280 -32.71 -30.90 17.91
CA LEU D 280 -33.08 -31.52 16.62
C LEU D 280 -34.10 -32.62 16.82
N GLN D 281 -33.81 -33.55 17.73
CA GLN D 281 -34.71 -34.64 18.06
C GLN D 281 -35.00 -34.72 19.54
N GLY D 282 -34.28 -33.96 20.37
CA GLY D 282 -34.44 -34.03 21.80
C GLY D 282 -33.10 -33.98 22.50
N PRO D 283 -33.10 -33.68 23.79
CA PRO D 283 -31.83 -33.57 24.51
C PRO D 283 -31.19 -34.94 24.71
N THR D 284 -29.88 -35.00 24.49
CA THR D 284 -29.10 -36.14 24.95
C THR D 284 -28.86 -35.97 26.44
N VAL D 285 -29.08 -37.03 27.22
CA VAL D 285 -28.96 -36.94 28.66
C VAL D 285 -28.01 -38.02 29.15
N SER D 286 -26.95 -37.63 29.87
CA SER D 286 -25.97 -38.56 30.43
C SER D 286 -25.67 -38.22 31.88
N PRO D 287 -25.25 -39.20 32.69
CA PRO D 287 -25.01 -38.92 34.11
C PRO D 287 -23.73 -38.13 34.37
N VAL D 288 -23.79 -37.27 35.38
CA VAL D 288 -22.66 -36.49 35.86
C VAL D 288 -22.43 -36.82 37.33
N PHE D 289 -21.24 -37.32 37.63
CA PHE D 289 -20.85 -37.83 38.94
C PHE D 289 -20.00 -36.83 39.70
N CYS D 290 -20.18 -36.80 41.01
CA CYS D 290 -19.37 -35.95 41.88
C CYS D 290 -19.26 -36.59 43.25
N LYS D 291 -18.19 -36.28 43.95
CA LYS D 291 -17.87 -36.90 45.23
C LYS D 291 -18.70 -36.26 46.34
N ARG D 292 -19.38 -37.10 47.12
CA ARG D 292 -20.25 -36.61 48.18
C ARG D 292 -19.55 -36.69 49.53
N ASP D 293 -19.57 -37.89 50.11
CA ASP D 293 -18.89 -38.17 51.36
C ASP D 293 -17.82 -39.22 51.14
N GLY D 294 -16.95 -39.00 50.16
CA GLY D 294 -16.03 -40.05 49.77
C GLY D 294 -16.64 -41.06 48.83
N LYS D 295 -17.94 -40.95 48.54
CA LYS D 295 -18.62 -41.76 47.55
C LYS D 295 -18.98 -40.90 46.34
N VAL D 296 -18.95 -41.51 45.17
CA VAL D 296 -19.39 -40.85 43.95
C VAL D 296 -20.83 -41.24 43.71
N SER D 297 -21.58 -40.31 43.13
CA SER D 297 -22.97 -40.55 42.79
C SER D 297 -23.35 -39.59 41.69
N ALA D 298 -24.26 -40.01 40.81
CA ALA D 298 -24.71 -39.19 39.71
C ALA D 298 -25.78 -38.22 40.21
N ASP D 299 -25.33 -37.17 40.91
CA ASP D 299 -26.25 -36.15 41.36
C ASP D 299 -26.64 -35.21 40.22
N TYR D 300 -25.83 -35.13 39.17
CA TYR D 300 -26.16 -34.25 38.07
C TYR D 300 -26.34 -35.07 36.80
N TYR D 301 -26.88 -34.43 35.77
CA TYR D 301 -27.03 -34.98 34.42
C TYR D 301 -26.70 -33.88 33.43
N ALA D 302 -25.98 -34.23 32.37
CA ALA D 302 -25.60 -33.29 31.32
C ALA D 302 -26.49 -33.52 30.11
N ILE D 303 -27.05 -32.44 29.57
CA ILE D 303 -27.90 -32.53 28.38
C ILE D 303 -27.21 -31.83 27.22
N VAL D 304 -27.46 -32.35 26.01
CA VAL D 304 -26.89 -31.79 24.79
C VAL D 304 -28.03 -31.53 23.81
N ILE D 305 -28.11 -30.29 23.31
CA ILE D 305 -29.11 -29.89 22.32
C ILE D 305 -28.46 -28.95 21.32
N CYS D 306 -29.00 -28.96 20.10
CA CYS D 306 -28.74 -27.88 19.15
C CYS D 306 -29.64 -26.68 19.42
N VAL D 307 -29.06 -25.50 19.35
CA VAL D 307 -29.84 -24.27 19.50
C VAL D 307 -29.54 -23.39 18.30
N PRO D 308 -30.56 -22.92 17.58
CA PRO D 308 -30.30 -21.95 16.50
C PRO D 308 -29.67 -20.70 17.08
N LYS D 309 -28.72 -20.12 16.35
CA LYS D 309 -27.92 -19.02 16.90
C LYS D 309 -28.81 -17.84 17.29
N LYS D 310 -29.81 -17.53 16.45
CA LYS D 310 -30.72 -16.42 16.71
C LYS D 310 -31.50 -16.60 18.00
N ALA D 311 -31.60 -17.84 18.51
CA ALA D 311 -32.32 -18.15 19.74
C ALA D 311 -31.42 -18.27 20.96
N LEU D 312 -30.09 -18.19 20.79
CA LEU D 312 -29.18 -18.61 21.84
C LEU D 312 -29.51 -17.95 23.18
N TYR D 313 -29.54 -16.62 23.21
CA TYR D 313 -29.69 -15.92 24.47
C TYR D 313 -30.98 -16.35 25.17
N LYS D 314 -32.10 -16.40 24.43
CA LYS D 314 -33.35 -16.77 25.07
C LYS D 314 -33.28 -18.18 25.63
N SER D 315 -32.66 -19.10 24.88
CA SER D 315 -32.50 -20.46 25.37
C SER D 315 -31.69 -20.48 26.65
N ILE D 316 -30.66 -19.65 26.74
CA ILE D 316 -29.88 -19.60 27.98
C ILE D 316 -30.80 -19.26 29.14
N GLN D 317 -31.64 -18.24 28.99
CA GLN D 317 -32.56 -17.90 30.05
C GLN D 317 -33.40 -19.11 30.43
N GLN D 318 -33.94 -19.78 29.41
CA GLN D 318 -34.77 -20.94 29.67
C GLN D 318 -34.00 -22.03 30.39
N LEU D 319 -32.74 -22.25 29.99
CA LEU D 319 -31.96 -23.29 30.66
C LEU D 319 -31.74 -22.96 32.12
N ARG D 320 -31.58 -21.68 32.43
CA ARG D 320 -31.40 -21.32 33.82
C ARG D 320 -32.67 -21.55 34.60
N ALA D 321 -33.84 -21.38 33.95
CA ALA D 321 -35.10 -21.48 34.67
C ALA D 321 -35.34 -22.90 35.17
N ILE D 322 -34.82 -23.90 34.47
CA ILE D 322 -34.97 -25.30 34.85
C ILE D 322 -33.75 -25.84 35.60
N GLY D 323 -32.85 -24.97 36.05
CA GLY D 323 -31.77 -25.41 36.91
C GLY D 323 -30.46 -25.78 36.23
N GLY D 324 -30.29 -25.42 34.95
CA GLY D 324 -29.06 -25.73 34.25
C GLY D 324 -27.92 -24.80 34.66
N SER D 325 -26.70 -25.32 34.56
CA SER D 325 -25.52 -24.55 34.88
C SER D 325 -24.37 -25.00 33.98
N GLY D 326 -23.31 -24.19 33.94
CA GLY D 326 -22.16 -24.55 33.16
C GLY D 326 -22.52 -24.84 31.73
N VAL D 327 -23.22 -23.91 31.10
CA VAL D 327 -23.76 -24.15 29.77
C VAL D 327 -22.64 -23.88 28.77
N LEU D 328 -22.08 -24.95 28.20
CA LEU D 328 -21.06 -24.85 27.17
C LEU D 328 -21.69 -24.61 25.80
N VAL D 329 -21.22 -23.59 25.08
CA VAL D 329 -21.69 -23.26 23.74
C VAL D 329 -20.51 -23.33 22.78
N SER D 330 -20.68 -24.04 21.68
CA SER D 330 -19.61 -24.21 20.72
C SER D 330 -20.16 -24.36 19.31
N PRO D 331 -19.39 -23.99 18.28
CA PRO D 331 -19.91 -24.02 16.91
C PRO D 331 -19.65 -25.34 16.19
N LEU D 332 -20.26 -25.45 15.01
CA LEU D 332 -20.24 -26.66 14.21
C LEU D 332 -19.67 -26.35 12.82
N THR D 333 -18.89 -27.29 12.30
CA THR D 333 -18.43 -27.18 10.92
C THR D 333 -19.50 -27.60 9.93
N TYR D 334 -20.12 -28.75 10.16
CA TYR D 334 -21.14 -29.32 9.27
C TYR D 334 -22.30 -29.82 10.12
N ILE D 335 -23.48 -29.81 9.52
CA ILE D 335 -24.60 -30.59 10.00
C ILE D 335 -25.19 -31.35 8.82
N PHE D 336 -24.95 -32.65 8.75
CA PHE D 336 -25.52 -33.51 7.73
C PHE D 336 -26.83 -34.11 8.22
N ASP D 337 -27.83 -34.12 7.35
CA ASP D 337 -29.12 -34.71 7.69
C ASP D 337 -29.58 -35.66 6.59
N GLU D 338 -30.89 -35.83 6.47
CA GLU D 338 -31.42 -36.58 5.34
C GLU D 338 -31.15 -35.77 4.08
N GLU D 339 -30.87 -36.47 2.99
CA GLU D 339 -30.35 -35.83 1.80
C GLU D 339 -31.26 -34.69 1.38
N THR D 340 -30.66 -33.58 0.99
CA THR D 340 -31.45 -32.44 0.61
C THR D 340 -32.08 -32.63 -0.77
N PRO D 341 -33.25 -32.03 -1.00
CA PRO D 341 -33.86 -32.10 -2.34
C PRO D 341 -33.07 -31.37 -3.42
N ARG D 342 -32.01 -30.63 -3.08
CA ARG D 342 -31.26 -29.94 -4.12
C ARG D 342 -30.58 -30.95 -5.05
N TRP D 343 -30.11 -32.07 -4.50
CA TRP D 343 -29.52 -33.13 -5.32
C TRP D 343 -30.57 -33.83 -6.17
N ARG D 344 -31.71 -34.20 -5.57
CA ARG D 344 -32.74 -34.88 -6.35
C ARG D 344 -33.27 -33.98 -7.45
N GLN D 345 -33.39 -32.68 -7.17
CA GLN D 345 -33.87 -31.74 -8.19
C GLN D 345 -32.84 -31.55 -9.29
N LEU D 346 -31.55 -31.50 -8.93
CA LEU D 346 -30.51 -31.43 -9.95
C LEU D 346 -30.61 -32.62 -10.89
N LEU D 347 -30.71 -33.83 -10.31
CA LEU D 347 -30.82 -35.01 -11.15
C LEU D 347 -32.09 -35.01 -11.96
N SER D 348 -33.16 -34.40 -11.45
CA SER D 348 -34.36 -34.29 -12.27
C SER D 348 -34.13 -33.38 -13.47
N LYS D 349 -33.42 -32.27 -13.27
CA LYS D 349 -33.12 -31.34 -14.37
C LYS D 349 -32.20 -31.96 -15.38
N LEU D 350 -31.41 -32.95 -14.97
CA LEU D 350 -30.47 -33.63 -15.85
C LEU D 350 -31.08 -34.78 -16.62
N GLY D 351 -32.27 -35.23 -16.25
CA GLY D 351 -32.78 -36.48 -16.74
C GLY D 351 -32.05 -37.63 -16.12
N LEU D 352 -31.56 -37.44 -14.89
CA LEU D 352 -30.82 -38.43 -14.10
C LEU D 352 -29.46 -38.71 -14.74
N ASN E 10 -30.62 17.28 20.22
CA ASN E 10 -30.03 16.00 20.60
C ASN E 10 -30.59 14.86 19.77
N GLY E 11 -29.78 13.80 19.64
CA GLY E 11 -30.21 12.60 18.94
C GLY E 11 -30.99 11.66 19.82
N ASN E 12 -31.51 12.19 20.94
CA ASN E 12 -32.35 11.42 21.84
C ASN E 12 -33.80 11.38 21.37
N THR E 13 -34.19 12.28 20.45
CA THR E 13 -35.53 12.37 19.90
C THR E 13 -35.70 11.73 18.54
N VAL E 14 -34.60 11.34 17.87
CA VAL E 14 -34.69 10.82 16.51
C VAL E 14 -35.28 9.42 16.52
N SER E 15 -36.30 9.20 15.69
CA SER E 15 -36.98 7.91 15.64
C SER E 15 -36.21 6.95 14.74
N ARG E 16 -35.77 5.85 15.32
CA ARG E 16 -34.99 4.85 14.60
C ARG E 16 -35.15 3.51 15.29
N GLN E 17 -35.37 2.47 14.51
CA GLN E 17 -35.58 1.14 15.06
C GLN E 17 -34.28 0.48 15.55
N GLU E 18 -33.13 1.02 15.18
CA GLU E 18 -31.86 0.33 15.39
C GLU E 18 -31.24 0.70 16.73
N ILE E 19 -30.59 -0.28 17.36
CA ILE E 19 -29.78 -0.07 18.55
C ILE E 19 -28.35 0.08 18.06
N ARG E 20 -27.66 1.13 18.48
CA ARG E 20 -26.38 1.49 17.87
C ARG E 20 -25.22 1.28 18.83
N LEU E 21 -24.21 0.55 18.37
CA LEU E 21 -23.03 0.24 19.16
C LEU E 21 -21.82 0.80 18.43
N GLY E 22 -21.10 1.71 19.09
CA GLY E 22 -19.92 2.32 18.50
C GLY E 22 -18.70 1.46 18.77
N LEU E 23 -17.87 1.31 17.76
CA LEU E 23 -16.66 0.53 17.86
C LEU E 23 -15.51 1.34 17.31
N PRO E 24 -14.30 1.14 17.82
CA PRO E 24 -13.17 1.95 17.35
C PRO E 24 -12.91 1.66 15.88
N SER E 25 -12.64 2.72 15.12
CA SER E 25 -12.50 2.62 13.68
C SER E 25 -11.08 2.27 13.26
N LYS E 26 -10.08 2.78 13.97
CA LYS E 26 -8.69 2.60 13.59
C LYS E 26 -7.89 2.24 14.84
N GLY E 27 -6.73 1.64 14.64
CA GLY E 27 -5.84 1.27 15.73
C GLY E 27 -5.84 -0.22 16.03
N ARG E 28 -5.03 -0.58 17.03
CA ARG E 28 -5.04 -1.94 17.56
C ARG E 28 -6.34 -2.25 18.30
N MET E 29 -6.96 -1.24 18.91
CA MET E 29 -8.24 -1.46 19.56
C MET E 29 -9.28 -1.93 18.56
N SER E 30 -9.21 -1.43 17.32
CA SER E 30 -10.18 -1.83 16.31
C SER E 30 -10.04 -3.31 15.96
N SER E 31 -8.83 -3.75 15.63
CA SER E 31 -8.64 -5.15 15.26
C SER E 31 -8.90 -6.08 16.44
N ASP E 32 -8.49 -5.71 17.64
CA ASP E 32 -8.75 -6.58 18.78
C ASP E 32 -10.25 -6.67 19.07
N THR E 33 -11.00 -5.59 18.80
CA THR E 33 -12.44 -5.60 19.02
C THR E 33 -13.13 -6.47 17.99
N LEU E 34 -12.72 -6.38 16.72
CA LEU E 34 -13.26 -7.27 15.70
C LEU E 34 -12.88 -8.73 15.98
N ASP E 35 -11.70 -8.97 16.53
CA ASP E 35 -11.34 -10.33 16.95
C ASP E 35 -12.24 -10.81 18.07
N LEU E 36 -12.55 -9.93 19.03
CA LEU E 36 -13.44 -10.30 20.12
C LEU E 36 -14.80 -10.67 19.57
N LEU E 37 -15.30 -9.88 18.63
CA LEU E 37 -16.62 -10.18 18.07
C LEU E 37 -16.59 -11.49 17.30
N LYS E 38 -15.53 -11.74 16.53
CA LYS E 38 -15.47 -12.99 15.79
C LYS E 38 -15.38 -14.19 16.72
N ASP E 39 -14.70 -14.04 17.86
CA ASP E 39 -14.64 -15.12 18.83
C ASP E 39 -15.97 -15.35 19.52
N CYS E 40 -16.86 -14.37 19.52
CA CYS E 40 -18.19 -14.56 20.08
C CYS E 40 -19.20 -15.05 19.05
N GLN E 41 -18.75 -15.39 17.83
CA GLN E 41 -19.65 -15.72 16.74
C GLN E 41 -20.66 -14.61 16.48
N LEU E 42 -20.26 -13.36 16.77
CA LEU E 42 -21.04 -12.19 16.40
C LEU E 42 -20.35 -11.50 15.24
N SER E 43 -20.36 -12.17 14.10
CA SER E 43 -19.67 -11.64 12.93
C SER E 43 -20.42 -10.43 12.39
N VAL E 44 -19.67 -9.41 11.98
CA VAL E 44 -20.24 -8.17 11.48
C VAL E 44 -20.35 -8.24 9.97
N LYS E 45 -21.57 -8.07 9.46
CA LYS E 45 -21.81 -8.10 8.02
C LYS E 45 -21.52 -6.72 7.46
N GLN E 46 -20.25 -6.49 7.14
CA GLN E 46 -19.80 -5.21 6.57
C GLN E 46 -20.40 -5.07 5.18
N VAL E 47 -21.52 -4.36 5.09
CA VAL E 47 -22.24 -4.24 3.82
C VAL E 47 -21.39 -3.48 2.80
N ASN E 48 -20.88 -2.32 3.18
CA ASN E 48 -19.85 -1.64 2.43
C ASN E 48 -18.64 -1.42 3.32
N PRO E 49 -17.42 -1.72 2.83
CA PRO E 49 -16.24 -1.53 3.66
C PRO E 49 -15.85 -0.06 3.75
N ARG E 50 -16.15 0.68 2.68
CA ARG E 50 -15.97 2.13 2.70
C ARG E 50 -16.95 2.78 3.66
N GLN E 51 -18.17 2.25 3.75
CA GLN E 51 -19.15 2.80 4.68
C GLN E 51 -18.81 2.43 6.12
N TYR E 52 -19.31 3.25 7.04
CA TYR E 52 -18.92 3.20 8.43
C TYR E 52 -19.89 2.41 9.30
N VAL E 53 -20.98 1.89 8.73
CA VAL E 53 -22.04 1.25 9.48
C VAL E 53 -22.23 -0.17 8.99
N ALA E 54 -22.26 -1.12 9.91
CA ALA E 54 -22.45 -2.53 9.58
C ALA E 54 -23.51 -3.10 10.51
N GLN E 55 -23.85 -4.36 10.32
CA GLN E 55 -24.95 -4.96 11.05
C GLN E 55 -24.42 -6.13 11.86
N ILE E 56 -24.99 -6.35 13.03
CA ILE E 56 -24.75 -7.63 13.69
C ILE E 56 -26.08 -8.36 13.68
N PRO E 57 -26.28 -9.31 12.76
CA PRO E 57 -27.62 -9.89 12.60
C PRO E 57 -28.01 -10.84 13.70
N GLN E 58 -27.05 -11.35 14.47
CA GLN E 58 -27.36 -12.34 15.49
C GLN E 58 -28.09 -11.71 16.67
N ILE E 59 -27.92 -10.41 16.92
CA ILE E 59 -28.64 -9.68 17.96
C ILE E 59 -29.71 -8.79 17.33
N SER E 60 -30.94 -8.90 17.82
CA SER E 60 -32.08 -8.21 17.24
C SER E 60 -31.83 -6.70 17.20
N ASN E 61 -31.92 -6.13 15.99
CA ASN E 61 -31.83 -4.69 15.76
C ASN E 61 -30.53 -4.11 16.30
N LEU E 62 -29.42 -4.74 15.97
CA LEU E 62 -28.13 -4.29 16.49
C LEU E 62 -27.24 -3.88 15.32
N GLU E 63 -26.80 -2.64 15.38
CA GLU E 63 -26.13 -1.97 14.28
C GLU E 63 -24.89 -1.30 14.82
N VAL E 64 -23.76 -1.51 14.16
CA VAL E 64 -22.47 -1.07 14.67
C VAL E 64 -21.98 0.11 13.81
N TRP E 65 -21.45 1.13 14.48
CA TRP E 65 -20.87 2.29 13.82
C TRP E 65 -19.38 2.33 14.14
N PHE E 66 -18.55 2.37 13.11
CA PHE E 66 -17.12 2.44 13.30
C PHE E 66 -16.74 3.91 13.41
N GLN E 67 -16.17 4.30 14.54
CA GLN E 67 -15.90 5.70 14.84
C GLN E 67 -14.56 5.82 15.53
N ARG E 68 -14.01 7.04 15.51
CA ARG E 68 -12.90 7.33 16.39
C ARG E 68 -13.37 7.16 17.84
N PRO E 69 -12.53 6.67 18.74
CA PRO E 69 -13.00 6.46 20.12
C PRO E 69 -13.49 7.74 20.76
N LYS E 70 -12.78 8.84 20.52
CA LYS E 70 -13.20 10.16 20.97
C LYS E 70 -14.59 10.49 20.44
N ASP E 71 -14.88 10.10 19.19
CA ASP E 71 -16.20 10.32 18.60
C ASP E 71 -17.23 9.40 19.21
N ILE E 72 -16.83 8.21 19.65
CA ILE E 72 -17.74 7.31 20.36
C ILE E 72 -18.20 7.96 21.67
N VAL E 73 -17.28 8.59 22.39
CA VAL E 73 -17.68 9.23 23.64
C VAL E 73 -18.57 10.44 23.36
N ARG E 74 -18.20 11.25 22.36
CA ARG E 74 -19.03 12.42 22.04
C ARG E 74 -20.43 11.99 21.64
N LYS E 75 -20.53 10.92 20.85
CA LYS E 75 -21.83 10.51 20.35
C LYS E 75 -22.66 9.82 21.43
N LEU E 76 -22.02 9.12 22.35
CA LEU E 76 -22.77 8.56 23.48
C LEU E 76 -23.34 9.66 24.36
N LEU E 77 -22.58 10.74 24.58
CA LEU E 77 -23.10 11.83 25.38
C LEU E 77 -24.26 12.53 24.68
N SER E 78 -24.16 12.72 23.35
CA SER E 78 -25.23 13.38 22.60
C SER E 78 -26.44 12.48 22.36
N GLY E 79 -26.29 11.16 22.49
CA GLY E 79 -27.40 10.27 22.29
C GLY E 79 -27.50 9.69 20.90
N ASP E 80 -26.47 9.87 20.08
CA ASP E 80 -26.44 9.33 18.72
C ASP E 80 -25.90 7.90 18.69
N LEU E 81 -25.24 7.48 19.76
CA LEU E 81 -24.91 6.09 19.99
C LEU E 81 -25.58 5.65 21.28
N ASP E 82 -25.77 4.34 21.43
CA ASP E 82 -26.37 3.78 22.63
C ASP E 82 -25.40 2.95 23.44
N LEU E 83 -24.51 2.24 22.77
CA LEU E 83 -23.45 1.46 23.41
C LEU E 83 -22.14 1.82 22.74
N GLY E 84 -21.05 1.52 23.42
CA GLY E 84 -19.73 1.69 22.83
C GLY E 84 -18.76 0.74 23.47
N ILE E 85 -17.71 0.41 22.74
CA ILE E 85 -16.58 -0.31 23.29
C ILE E 85 -15.38 0.58 23.12
N VAL E 86 -14.79 0.97 24.23
CA VAL E 86 -13.73 1.96 24.20
C VAL E 86 -12.83 1.74 25.42
N GLY E 87 -11.56 2.11 25.28
CA GLY E 87 -10.66 2.07 26.41
C GLY E 87 -11.06 3.05 27.49
N LEU E 88 -10.80 2.67 28.73
CA LEU E 88 -11.16 3.51 29.86
C LEU E 88 -10.38 4.83 29.86
N ASP E 89 -9.18 4.86 29.27
CA ASP E 89 -8.44 6.11 29.14
C ASP E 89 -9.19 7.10 28.27
N VAL E 90 -9.69 6.64 27.12
CA VAL E 90 -10.49 7.48 26.24
C VAL E 90 -11.75 7.94 26.93
N LEU E 91 -12.38 7.04 27.70
CA LEU E 91 -13.59 7.39 28.41
C LEU E 91 -13.33 8.47 29.43
N THR E 92 -12.21 8.38 30.16
CA THR E 92 -11.94 9.40 31.18
C THR E 92 -11.52 10.71 30.54
N GLU E 93 -10.77 10.65 29.43
CA GLU E 93 -10.29 11.89 28.81
C GLU E 93 -11.42 12.64 28.14
N PHE E 94 -12.21 11.96 27.31
CA PHE E 94 -13.23 12.67 26.57
C PHE E 94 -14.58 12.70 27.28
N GLY E 95 -14.81 11.80 28.22
CA GLY E 95 -16.06 11.80 28.95
C GLY E 95 -15.97 12.69 30.16
N GLN E 96 -14.75 12.88 30.67
CA GLN E 96 -14.50 13.81 31.76
C GLN E 96 -15.33 13.50 33.00
N GLY E 97 -15.68 12.24 33.20
CA GLY E 97 -16.48 11.86 34.35
C GLY E 97 -17.94 12.25 34.27
N ASN E 98 -18.49 12.38 33.06
CA ASN E 98 -19.90 12.68 32.91
C ASN E 98 -20.73 11.55 33.55
N GLU E 99 -21.78 11.94 34.26
CA GLU E 99 -22.62 11.01 35.00
C GLU E 99 -23.50 10.15 34.09
N ASP E 100 -23.66 10.56 32.82
CA ASP E 100 -24.45 9.84 31.84
C ASP E 100 -23.75 8.61 31.30
N LEU E 101 -22.42 8.56 31.38
CA LEU E 101 -21.68 7.42 30.86
C LEU E 101 -21.60 6.36 31.97
N ILE E 102 -22.14 5.19 31.69
CA ILE E 102 -22.14 4.07 32.60
C ILE E 102 -21.24 3.00 32.02
N VAL E 103 -20.23 2.60 32.78
CA VAL E 103 -19.44 1.44 32.40
C VAL E 103 -20.23 0.19 32.77
N VAL E 104 -20.61 -0.58 31.75
CA VAL E 104 -21.34 -1.82 31.98
C VAL E 104 -20.38 -2.97 32.26
N HIS E 105 -19.33 -3.09 31.46
CA HIS E 105 -18.31 -4.09 31.70
C HIS E 105 -17.02 -3.34 31.71
N GLU E 106 -16.30 -3.44 32.80
CA GLU E 106 -15.16 -2.56 33.01
C GLU E 106 -13.82 -3.18 32.64
N ALA E 107 -13.81 -4.45 32.21
CA ALA E 107 -12.55 -5.18 32.05
C ALA E 107 -12.79 -6.26 31.01
N LEU E 108 -12.70 -5.88 29.74
CA LEU E 108 -12.80 -6.83 28.64
C LEU E 108 -11.49 -7.55 28.35
N GLU E 109 -10.46 -7.33 29.17
CA GLU E 109 -9.25 -8.15 29.14
C GLU E 109 -8.50 -8.05 27.81
N TYR E 110 -8.63 -6.91 27.14
CA TYR E 110 -7.70 -6.56 26.07
C TYR E 110 -7.54 -5.05 26.08
N GLY E 111 -6.53 -4.57 25.38
CA GLY E 111 -6.20 -3.16 25.49
C GLY E 111 -5.60 -2.78 26.82
N ASP E 112 -4.94 -3.73 27.49
CA ASP E 112 -4.34 -3.47 28.79
C ASP E 112 -3.24 -2.42 28.68
N CYS E 113 -3.31 -1.39 29.52
CA CYS E 113 -2.24 -0.41 29.63
C CYS E 113 -2.47 0.42 30.89
N ARG E 114 -1.52 1.31 31.19
CA ARG E 114 -1.71 2.28 32.24
C ARG E 114 -1.17 3.63 31.76
N LEU E 115 -1.96 4.68 31.97
CA LEU E 115 -1.52 6.03 31.71
C LEU E 115 -0.72 6.50 32.91
N SER E 116 0.54 6.83 32.68
CA SER E 116 1.44 7.12 33.78
C SER E 116 2.46 8.18 33.37
N ILE E 117 3.24 8.61 34.35
CA ILE E 117 4.24 9.64 34.21
C ILE E 117 5.60 8.97 34.11
N ALA E 118 6.37 9.35 33.10
CA ALA E 118 7.71 8.83 32.91
C ALA E 118 8.72 9.97 32.89
N ILE E 119 9.84 9.76 33.59
CA ILE E 119 10.92 10.73 33.65
C ILE E 119 12.23 10.02 33.32
N PRO E 120 13.26 10.77 32.93
CA PRO E 120 14.53 10.14 32.56
C PRO E 120 15.16 9.36 33.71
N GLN E 121 15.83 8.25 33.34
CA GLN E 121 16.52 7.43 34.34
C GLN E 121 17.75 8.14 34.87
N TYR E 122 18.43 8.90 34.01
CA TYR E 122 19.68 9.57 34.34
C TYR E 122 19.46 11.08 34.30
N GLY E 123 20.30 11.80 35.05
CA GLY E 123 20.20 13.24 35.19
C GLY E 123 19.86 13.63 36.63
N ILE E 124 19.11 14.74 36.75
CA ILE E 124 18.63 15.16 38.06
C ILE E 124 17.61 14.18 38.61
N PHE E 125 17.02 13.35 37.74
CA PHE E 125 15.94 12.46 38.12
C PHE E 125 16.43 11.07 38.50
N GLU E 126 17.72 10.88 38.72
CA GLU E 126 18.24 9.54 39.00
C GLU E 126 17.79 9.05 40.38
N ASN E 127 17.78 9.94 41.38
CA ASN E 127 17.28 9.60 42.71
C ASN E 127 15.81 9.94 42.86
N VAL E 128 15.17 10.45 41.81
CA VAL E 128 13.75 10.75 41.83
C VAL E 128 13.02 9.46 41.45
N ASN E 129 12.53 8.74 42.47
CA ASN E 129 11.70 7.55 42.27
C ASN E 129 10.26 7.73 42.72
N SER E 130 9.98 8.74 43.52
CA SER E 130 8.64 9.00 44.03
C SER E 130 8.05 10.20 43.33
N LEU E 131 6.72 10.29 43.37
CA LEU E 131 6.04 11.39 42.71
C LEU E 131 6.21 12.69 43.47
N GLU E 132 6.16 12.64 44.81
CA GLU E 132 6.40 13.84 45.59
C GLU E 132 7.87 14.07 45.90
N GLU E 133 8.73 13.08 45.66
CA GLU E 133 10.15 13.38 45.50
C GLU E 133 10.35 14.30 44.31
N LEU E 134 9.54 14.11 43.26
CA LEU E 134 9.57 15.00 42.10
C LEU E 134 8.98 16.36 42.43
N ALA E 135 8.04 16.41 43.38
CA ALA E 135 7.43 17.68 43.75
C ALA E 135 8.36 18.53 44.60
N LYS E 136 9.00 17.93 45.60
CA LYS E 136 9.95 18.64 46.45
C LYS E 136 11.28 18.82 45.71
N MET E 137 11.19 19.42 44.53
CA MET E 137 12.34 19.69 43.68
C MET E 137 12.41 21.20 43.42
N PRO E 138 13.56 21.85 43.68
CA PRO E 138 13.57 23.32 43.66
C PRO E 138 13.65 23.93 42.27
N GLN E 139 13.37 23.16 41.22
CA GLN E 139 13.70 23.62 39.88
C GLN E 139 12.57 24.39 39.18
N TRP E 140 11.32 24.24 39.60
CA TRP E 140 10.18 24.74 38.83
C TRP E 140 9.36 25.74 39.63
N THR E 141 9.20 26.95 39.09
CA THR E 141 8.36 28.01 39.64
C THR E 141 7.50 28.59 38.53
N GLU E 142 6.63 29.54 38.91
CA GLU E 142 5.92 30.35 37.93
C GLU E 142 6.83 30.82 36.79
N ASP E 143 8.09 31.13 37.11
CA ASP E 143 9.02 31.58 36.07
C ASP E 143 9.32 30.48 35.05
N LYS E 144 9.73 29.30 35.52
CA LYS E 144 10.11 28.20 34.63
C LYS E 144 9.52 26.88 35.13
N PRO E 145 8.37 26.48 34.57
CA PRO E 145 7.67 25.31 35.09
C PRO E 145 8.18 23.99 34.52
N LEU E 146 7.65 22.90 35.09
CA LEU E 146 7.95 21.55 34.64
C LEU E 146 7.19 21.24 33.36
N ARG E 147 7.93 20.98 32.29
CA ARG E 147 7.32 20.74 30.99
C ARG E 147 7.01 19.26 30.84
N VAL E 148 5.75 18.95 30.56
CA VAL E 148 5.27 17.58 30.36
C VAL E 148 4.64 17.49 28.98
N ALA E 149 5.17 16.59 28.15
CA ALA E 149 4.57 16.27 26.86
C ALA E 149 3.53 15.17 27.02
N THR E 150 2.37 15.36 26.38
CA THR E 150 1.26 14.42 26.49
C THR E 150 0.23 14.71 25.41
N GLY E 151 -0.50 13.67 25.02
CA GLY E 151 -1.66 13.84 24.18
C GLY E 151 -2.94 14.04 24.94
N PHE E 152 -2.88 13.94 26.27
CA PHE E 152 -4.04 14.00 27.14
C PHE E 152 -4.23 15.45 27.57
N THR E 153 -4.93 16.21 26.73
CA THR E 153 -5.11 17.64 26.98
C THR E 153 -5.86 17.86 28.30
N TYR E 154 -6.69 16.91 28.69
CA TYR E 154 -7.53 17.04 29.88
C TYR E 154 -6.96 16.38 31.14
N LEU E 155 -6.39 15.18 31.05
CA LEU E 155 -6.09 14.44 32.29
C LEU E 155 -4.85 14.94 33.00
N GLY E 156 -3.89 15.52 32.30
CA GLY E 156 -2.68 15.99 32.92
C GLY E 156 -2.92 17.01 34.03
N PRO E 157 -3.56 18.13 33.67
CA PRO E 157 -3.87 19.13 34.71
C PRO E 157 -4.62 18.56 35.89
N LYS E 158 -5.57 17.65 35.64
CA LYS E 158 -6.35 17.09 36.74
C LYS E 158 -5.46 16.26 37.65
N PHE E 159 -4.61 15.40 37.09
CA PHE E 159 -3.74 14.59 37.95
C PHE E 159 -2.80 15.44 38.78
N MET E 160 -2.22 16.49 38.21
CA MET E 160 -1.20 17.17 39.02
C MET E 160 -1.78 18.25 39.92
N LYS E 161 -2.99 18.73 39.67
CA LYS E 161 -3.60 19.58 40.69
C LYS E 161 -3.94 18.78 41.93
N ASP E 162 -4.04 17.46 41.81
CA ASP E 162 -4.42 16.57 42.90
C ASP E 162 -3.24 16.14 43.78
N ASN E 163 -2.00 16.20 43.27
CA ASN E 163 -0.86 15.61 43.95
C ASN E 163 0.14 16.66 44.45
N GLY E 164 -0.31 17.90 44.60
CA GLY E 164 0.48 18.91 45.26
C GLY E 164 1.59 19.48 44.42
N ILE E 165 1.48 19.39 43.10
CA ILE E 165 2.46 19.95 42.18
C ILE E 165 1.81 21.10 41.44
N LYS E 166 2.35 22.29 41.63
CA LYS E 166 1.71 23.51 41.12
C LYS E 166 2.23 23.90 39.73
N HIS E 167 3.54 23.92 39.58
CA HIS E 167 4.21 24.65 38.50
C HIS E 167 4.53 23.70 37.34
N VAL E 168 3.52 23.46 36.49
CA VAL E 168 3.62 22.50 35.40
C VAL E 168 2.99 23.08 34.13
N ALA E 169 3.71 22.99 33.01
CA ALA E 169 3.23 23.34 31.67
C ALA E 169 3.15 22.09 30.78
N PHE E 170 2.16 22.09 29.87
CA PHE E 170 1.91 20.96 28.97
C PHE E 170 2.10 21.27 27.50
N SER E 171 2.55 20.25 26.76
CA SER E 171 2.71 20.35 25.32
C SER E 171 2.22 19.09 24.63
N THR E 172 1.60 19.28 23.47
CA THR E 172 1.34 18.18 22.53
C THR E 172 2.56 18.10 21.61
N ALA E 173 3.50 17.21 21.97
CA ALA E 173 4.81 17.20 21.35
C ALA E 173 4.75 16.74 19.89
N ASP E 174 5.71 17.22 19.10
CA ASP E 174 5.77 16.89 17.69
C ASP E 174 6.34 15.50 17.49
N GLY E 175 5.57 14.64 16.83
CA GLY E 175 6.08 13.33 16.44
C GLY E 175 6.17 12.39 17.63
N ALA E 176 7.35 11.79 17.78
CA ALA E 176 7.64 10.74 18.76
C ALA E 176 7.54 11.29 20.18
N LEU E 177 6.40 11.06 20.84
CA LEU E 177 6.20 11.56 22.20
C LEU E 177 7.33 11.15 23.13
N GLU E 178 7.75 9.89 23.06
CA GLU E 178 8.76 9.37 23.99
C GLU E 178 10.12 10.06 23.83
N ALA E 179 10.42 10.56 22.64
CA ALA E 179 11.69 11.25 22.40
C ALA E 179 11.66 12.71 22.81
N ALA E 180 10.51 13.20 23.28
CA ALA E 180 10.42 14.62 23.69
C ALA E 180 11.36 14.97 24.82
N PRO E 181 11.52 14.16 25.88
CA PRO E 181 12.48 14.54 26.93
C PRO E 181 13.93 14.52 26.45
N ALA E 182 14.27 13.59 25.55
CA ALA E 182 15.65 13.54 25.06
C ALA E 182 15.95 14.72 24.16
N MET E 183 14.97 15.17 23.38
CA MET E 183 15.21 16.29 22.47
C MET E 183 15.27 17.62 23.20
N GLY E 184 14.80 17.67 24.45
CA GLY E 184 14.71 18.93 25.15
C GLY E 184 13.39 19.64 24.98
N ILE E 185 12.42 19.00 24.32
CA ILE E 185 11.09 19.57 24.16
C ILE E 185 10.39 19.69 25.50
N ALA E 186 10.51 18.68 26.34
CA ALA E 186 9.87 18.65 27.64
C ALA E 186 10.83 18.04 28.64
N ASP E 187 10.47 18.14 29.92
CA ASP E 187 11.22 17.49 30.98
C ASP E 187 10.65 16.14 31.35
N ALA E 188 9.39 15.85 31.01
CA ALA E 188 8.82 14.54 31.28
C ALA E 188 7.70 14.25 30.29
N ILE E 189 7.18 13.02 30.34
CA ILE E 189 6.02 12.69 29.51
C ILE E 189 4.94 12.02 30.36
N LEU E 190 3.71 12.16 29.87
CA LEU E 190 2.55 11.47 30.40
C LEU E 190 1.97 10.64 29.26
N ASP E 191 2.13 9.32 29.34
CA ASP E 191 1.78 8.51 28.18
C ASP E 191 1.29 7.16 28.64
N LEU E 192 0.83 6.38 27.67
CA LEU E 192 0.34 5.04 27.92
C LEU E 192 1.50 4.06 27.90
N VAL E 193 1.58 3.22 28.93
CA VAL E 193 2.61 2.21 29.07
C VAL E 193 1.91 0.87 29.12
N SER E 194 2.39 -0.06 28.30
CA SER E 194 1.83 -1.40 28.31
C SER E 194 2.90 -2.38 28.80
N SER E 195 3.80 -2.78 27.90
CA SER E 195 4.93 -3.61 28.29
C SER E 195 6.08 -2.79 28.85
N GLY E 196 6.08 -1.48 28.62
CA GLY E 196 7.14 -0.63 29.12
C GLY E 196 8.43 -0.63 28.33
N THR E 197 8.48 -1.33 27.19
CA THR E 197 9.74 -1.38 26.44
C THR E 197 10.06 -0.03 25.80
N THR E 198 9.03 0.71 25.36
CA THR E 198 9.27 2.06 24.86
C THR E 198 9.91 2.95 25.92
N LEU E 199 9.53 2.75 27.19
CA LEU E 199 10.15 3.50 28.27
C LEU E 199 11.62 3.13 28.44
N LYS E 200 11.95 1.84 28.35
CA LYS E 200 13.33 1.41 28.52
C LYS E 200 14.21 1.82 27.35
N GLU E 201 13.65 1.83 26.13
CA GLU E 201 14.41 2.20 24.94
C GLU E 201 14.86 3.66 25.01
N ASN E 202 14.14 4.49 25.74
CA ASN E 202 14.43 5.91 25.83
C ASN E 202 14.97 6.32 27.20
N ASN E 203 15.45 5.33 27.97
CA ASN E 203 16.06 5.58 29.28
C ASN E 203 15.14 6.42 30.18
N LEU E 204 13.87 6.06 30.19
CA LEU E 204 12.88 6.65 31.08
C LEU E 204 12.38 5.59 32.07
N LYS E 205 11.73 6.07 33.12
CA LYS E 205 11.26 5.17 34.16
C LYS E 205 9.96 5.71 34.73
N GLU E 206 9.16 4.77 35.25
CA GLU E 206 7.94 5.08 35.96
C GLU E 206 8.25 5.40 37.42
N ILE E 207 7.22 5.76 38.19
CA ILE E 207 7.40 6.33 39.51
C ILE E 207 6.33 5.78 40.44
N GLU E 208 6.62 5.82 41.74
CA GLU E 208 5.59 5.50 42.73
C GLU E 208 4.55 6.62 42.72
N GLY E 209 3.29 6.25 42.48
CA GLY E 209 2.26 7.26 42.32
C GLY E 209 2.25 7.93 40.98
N GLY E 210 3.17 7.58 40.08
CA GLY E 210 3.18 8.17 38.75
C GLY E 210 2.11 7.62 37.83
N THR E 211 1.46 6.53 38.22
CA THR E 211 0.41 5.92 37.43
C THR E 211 -0.86 6.76 37.55
N VAL E 212 -1.32 7.30 36.43
CA VAL E 212 -2.54 8.11 36.46
C VAL E 212 -3.77 7.22 36.48
N LEU E 213 -3.80 6.17 35.63
CA LEU E 213 -4.95 5.27 35.67
C LEU E 213 -4.60 3.95 34.98
N GLU E 214 -5.25 2.88 35.41
CA GLU E 214 -5.17 1.59 34.74
C GLU E 214 -6.35 1.45 33.78
N SER E 215 -6.06 1.05 32.55
CA SER E 215 -7.07 1.05 31.50
C SER E 215 -7.11 -0.28 30.76
N GLN E 216 -8.32 -0.72 30.44
CA GLN E 216 -8.62 -1.80 29.51
C GLN E 216 -9.71 -1.33 28.55
N ALA E 217 -10.03 -2.17 27.59
CA ALA E 217 -11.24 -1.97 26.80
C ALA E 217 -12.47 -2.25 27.68
N ALA E 218 -13.53 -1.47 27.46
CA ALA E 218 -14.72 -1.53 28.30
C ALA E 218 -15.98 -1.40 27.46
N LEU E 219 -17.04 -2.04 27.92
CA LEU E 219 -18.37 -1.88 27.36
C LEU E 219 -19.09 -0.81 28.16
N VAL E 220 -19.41 0.30 27.49
CA VAL E 220 -20.00 1.49 28.11
C VAL E 220 -21.33 1.76 27.43
N ALA E 221 -22.23 2.40 28.19
CA ALA E 221 -23.57 2.70 27.69
C ALA E 221 -24.00 4.07 28.17
N SER E 222 -24.93 4.68 27.43
CA SER E 222 -25.51 5.97 27.77
C SER E 222 -26.72 5.74 28.66
N ARG E 223 -26.75 6.42 29.81
CA ARG E 223 -27.87 6.22 30.73
C ARG E 223 -29.17 6.76 30.15
N ARG E 224 -29.13 7.93 29.49
CA ARG E 224 -30.33 8.46 28.86
C ARG E 224 -30.84 7.52 27.77
N SER E 225 -29.91 6.89 27.04
CA SER E 225 -30.32 5.94 26.01
C SER E 225 -30.91 4.68 26.64
N MET E 226 -30.28 4.19 27.71
CA MET E 226 -30.72 2.94 28.33
C MET E 226 -32.10 3.10 28.95
N ILE E 227 -32.38 4.25 29.54
CA ILE E 227 -33.67 4.45 30.19
C ILE E 227 -34.74 4.88 29.19
N GLY E 228 -34.38 5.64 28.17
CA GLY E 228 -35.37 6.29 27.33
C GLY E 228 -35.64 5.64 26.00
N ARG E 229 -34.68 4.88 25.46
CA ARG E 229 -34.80 4.31 24.13
C ARG E 229 -35.18 2.83 24.18
N LYS E 230 -36.29 2.50 23.51
CA LYS E 230 -36.83 1.15 23.52
C LYS E 230 -35.82 0.18 22.94
N GLY E 231 -35.57 -0.91 23.68
CA GLY E 231 -34.70 -1.97 23.22
C GLY E 231 -33.26 -1.87 23.66
N VAL E 232 -32.83 -0.70 24.15
CA VAL E 232 -31.42 -0.54 24.48
C VAL E 232 -31.06 -1.39 25.69
N LEU E 233 -31.87 -1.34 26.74
CA LEU E 233 -31.49 -2.02 27.98
C LEU E 233 -31.35 -3.51 27.79
N GLU E 234 -32.25 -4.11 26.98
CA GLU E 234 -32.22 -5.55 26.78
C GLU E 234 -31.01 -5.95 25.95
N THR E 235 -30.63 -5.15 24.94
CA THR E 235 -29.47 -5.55 24.17
C THR E 235 -28.16 -5.26 24.91
N THR E 236 -28.09 -4.25 25.78
CA THR E 236 -26.91 -4.20 26.63
C THR E 236 -26.88 -5.37 27.61
N HIS E 237 -28.05 -5.82 28.09
CA HIS E 237 -28.10 -7.01 28.93
C HIS E 237 -27.52 -8.21 28.17
N GLU E 238 -27.98 -8.43 26.94
CA GLU E 238 -27.47 -9.55 26.15
C GLU E 238 -25.97 -9.41 25.88
N MET E 239 -25.51 -8.20 25.54
CA MET E 239 -24.09 -8.01 25.26
C MET E 239 -23.25 -8.30 26.50
N LEU E 240 -23.69 -7.84 27.65
CA LEU E 240 -22.93 -8.06 28.83
C LEU E 240 -22.90 -9.51 29.14
N GLU E 241 -24.01 -10.18 28.99
CA GLU E 241 -24.03 -11.58 29.27
C GLU E 241 -23.14 -12.31 28.35
N ARG E 242 -23.20 -12.00 27.08
CA ARG E 242 -22.36 -12.68 26.12
C ARG E 242 -20.91 -12.42 26.39
N LEU E 243 -20.57 -11.21 26.71
CA LEU E 243 -19.19 -10.93 27.01
C LEU E 243 -18.74 -11.67 28.24
N GLU E 244 -19.55 -11.74 29.26
CA GLU E 244 -19.11 -12.42 30.45
C GLU E 244 -18.87 -13.86 30.20
N ALA E 245 -19.75 -14.49 29.46
CA ALA E 245 -19.59 -15.86 29.13
C ALA E 245 -18.40 -16.10 28.25
N HIS E 246 -18.14 -15.22 27.31
CA HIS E 246 -17.02 -15.42 26.45
C HIS E 246 -15.75 -15.38 27.22
N LEU E 247 -15.61 -14.48 28.17
CA LEU E 247 -14.43 -14.42 28.96
C LEU E 247 -14.22 -15.67 29.77
N ARG E 248 -15.28 -16.26 30.29
CA ARG E 248 -15.16 -17.46 31.04
C ARG E 248 -14.71 -18.60 30.18
N ALA E 249 -15.14 -18.62 28.94
CA ALA E 249 -14.80 -19.68 27.99
C ALA E 249 -13.35 -19.65 27.52
N MET E 250 -12.62 -18.61 27.83
CA MET E 250 -11.46 -18.24 27.02
C MET E 250 -10.08 -18.71 27.49
N GLY E 251 -9.88 -19.33 28.67
CA GLY E 251 -10.83 -19.78 29.64
C GLY E 251 -10.65 -21.27 29.91
N GLN E 252 -11.45 -22.08 29.21
CA GLN E 252 -11.49 -23.50 29.44
C GLN E 252 -11.31 -24.25 28.13
N PHE E 253 -11.11 -25.56 28.27
CA PHE E 253 -11.21 -26.53 27.20
C PHE E 253 -12.27 -27.54 27.61
N THR E 254 -13.00 -28.09 26.64
CA THR E 254 -13.70 -29.35 26.88
C THR E 254 -12.76 -30.49 26.54
N VAL E 255 -12.66 -31.44 27.45
CA VAL E 255 -11.77 -32.58 27.37
C VAL E 255 -12.62 -33.84 27.49
N VAL E 256 -12.44 -34.75 26.53
CA VAL E 256 -13.22 -35.98 26.46
C VAL E 256 -12.26 -37.15 26.33
N ALA E 257 -12.43 -38.15 27.18
CA ALA E 257 -11.47 -39.25 27.20
C ALA E 257 -12.17 -40.59 27.15
N ASN E 258 -11.56 -41.53 26.43
CA ASN E 258 -11.91 -42.94 26.47
C ASN E 258 -11.17 -43.60 27.62
N MET E 259 -11.88 -44.46 28.36
CA MET E 259 -11.32 -45.16 29.50
C MET E 259 -11.84 -46.59 29.55
N ARG E 260 -10.97 -47.50 29.91
CA ARG E 260 -11.38 -48.87 30.10
C ARG E 260 -11.98 -48.91 31.47
N GLY E 261 -13.15 -49.53 31.61
CA GLY E 261 -13.74 -49.64 32.93
C GLY E 261 -14.91 -50.61 32.90
N SER E 262 -15.28 -51.07 34.09
CA SER E 262 -16.38 -52.01 34.24
C SER E 262 -17.72 -51.32 34.36
N SER E 263 -17.78 -50.20 35.07
CA SER E 263 -19.01 -49.44 35.21
C SER E 263 -18.69 -47.95 35.15
N ALA E 264 -19.73 -47.15 34.95
CA ALA E 264 -19.54 -45.70 34.95
C ALA E 264 -19.07 -45.19 36.32
N GLU E 265 -19.52 -45.82 37.40
CA GLU E 265 -19.19 -45.35 38.74
C GLU E 265 -17.73 -45.60 39.08
N GLU E 266 -17.19 -46.73 38.62
CA GLU E 266 -15.77 -46.99 38.83
C GLU E 266 -14.93 -45.96 38.08
N VAL E 267 -15.30 -45.66 36.84
CA VAL E 267 -14.57 -44.67 36.05
C VAL E 267 -14.67 -43.30 36.71
N ALA E 268 -15.87 -42.92 37.14
CA ALA E 268 -16.04 -41.64 37.84
C ALA E 268 -15.18 -41.60 39.09
N GLU E 269 -15.14 -42.69 39.84
CA GLU E 269 -14.27 -42.76 41.01
C GLU E 269 -12.82 -42.54 40.62
N ARG E 270 -12.42 -43.05 39.45
CA ARG E 270 -11.04 -42.87 39.02
C ARG E 270 -10.74 -41.42 38.64
N VAL E 271 -11.62 -40.79 37.85
CA VAL E 271 -11.35 -39.42 37.42
C VAL E 271 -11.41 -38.46 38.60
N LEU E 272 -12.31 -38.72 39.55
CA LEU E 272 -12.45 -37.79 40.67
C LEU E 272 -11.34 -37.92 41.69
N SER E 273 -10.61 -39.04 41.72
CA SER E 273 -9.44 -39.12 42.56
C SER E 273 -8.34 -38.20 42.09
N GLN E 274 -8.39 -37.81 40.89
CA GLN E 274 -7.35 -37.00 40.29
C GLN E 274 -7.63 -35.52 40.52
N PRO E 275 -6.61 -34.75 40.92
CA PRO E 275 -6.87 -33.37 41.38
C PRO E 275 -7.46 -32.44 40.32
N SER E 276 -6.87 -32.38 39.14
CA SER E 276 -7.32 -31.41 38.14
C SER E 276 -8.28 -32.00 37.11
N LEU E 277 -8.84 -33.18 37.38
CA LEU E 277 -9.91 -33.76 36.57
C LEU E 277 -11.30 -33.53 37.16
N ALA E 278 -11.46 -32.49 37.98
CA ALA E 278 -12.72 -32.25 38.70
C ALA E 278 -13.85 -31.77 37.79
N GLY E 279 -13.55 -30.99 36.76
CA GLY E 279 -14.57 -30.37 35.94
C GLY E 279 -15.37 -29.28 36.66
N LEU E 280 -16.36 -28.73 35.95
CA LEU E 280 -17.22 -27.71 36.54
C LEU E 280 -18.10 -28.31 37.64
N GLN E 281 -18.76 -29.43 37.35
CA GLN E 281 -19.56 -30.11 38.33
C GLN E 281 -19.19 -31.58 38.53
N GLY E 282 -18.35 -32.16 37.68
CA GLY E 282 -18.00 -33.56 37.74
C GLY E 282 -17.97 -34.14 36.35
N PRO E 283 -17.32 -35.30 36.19
CA PRO E 283 -17.20 -35.89 34.84
C PRO E 283 -18.53 -36.43 34.37
N THR E 284 -18.89 -36.11 33.13
CA THR E 284 -19.96 -36.81 32.45
C THR E 284 -19.42 -38.15 31.97
N VAL E 285 -20.14 -39.25 32.27
CA VAL E 285 -19.66 -40.59 31.92
C VAL E 285 -20.70 -41.33 31.10
N SER E 286 -20.29 -41.83 29.93
CA SER E 286 -21.17 -42.57 29.02
C SER E 286 -20.51 -43.84 28.52
N PRO E 287 -21.30 -44.83 28.11
CA PRO E 287 -20.71 -46.09 27.66
C PRO E 287 -20.12 -45.97 26.27
N VAL E 288 -19.02 -46.68 26.05
CA VAL E 288 -18.36 -46.77 24.76
C VAL E 288 -18.31 -48.24 24.38
N PHE E 289 -18.95 -48.58 23.27
CA PHE E 289 -19.12 -49.95 22.80
C PHE E 289 -18.13 -50.26 21.70
N CYS E 290 -17.66 -51.51 21.66
CA CYS E 290 -16.82 -51.97 20.57
C CYS E 290 -17.02 -53.46 20.39
N LYS E 291 -16.86 -53.90 19.14
CA LYS E 291 -17.05 -55.30 18.79
C LYS E 291 -15.79 -56.10 19.10
N ARG E 292 -15.96 -57.18 19.86
CA ARG E 292 -14.84 -57.97 20.34
C ARG E 292 -14.66 -59.16 19.40
N ASP E 293 -15.49 -60.18 19.60
CA ASP E 293 -15.53 -61.34 18.71
C ASP E 293 -16.90 -61.44 18.05
N GLY E 294 -17.32 -60.37 17.40
CA GLY E 294 -18.65 -60.26 16.80
C GLY E 294 -19.77 -59.84 17.72
N LYS E 295 -19.56 -59.76 19.03
CA LYS E 295 -20.55 -59.19 19.92
C LYS E 295 -20.02 -57.87 20.48
N VAL E 296 -20.93 -56.92 20.66
CA VAL E 296 -20.61 -55.61 21.20
C VAL E 296 -20.88 -55.64 22.70
N SER E 297 -20.08 -54.87 23.42
CA SER E 297 -20.20 -54.74 24.87
C SER E 297 -19.58 -53.41 25.26
N ALA E 298 -20.10 -52.82 26.34
CA ALA E 298 -19.63 -51.52 26.83
C ALA E 298 -18.35 -51.74 27.62
N ASP E 299 -17.25 -51.93 26.88
CA ASP E 299 -15.93 -52.11 27.48
C ASP E 299 -15.28 -50.80 27.89
N TYR E 300 -15.66 -49.69 27.27
CA TYR E 300 -15.08 -48.41 27.60
C TYR E 300 -16.17 -47.46 28.06
N TYR E 301 -15.72 -46.32 28.58
CA TYR E 301 -16.59 -45.23 28.94
C TYR E 301 -15.89 -43.94 28.55
N ALA E 302 -16.67 -42.99 28.05
CA ALA E 302 -16.16 -41.68 27.70
C ALA E 302 -16.55 -40.71 28.81
N ILE E 303 -15.57 -39.92 29.26
CA ILE E 303 -15.80 -38.89 30.27
C ILE E 303 -15.64 -37.52 29.62
N VAL E 304 -16.40 -36.55 30.11
CA VAL E 304 -16.34 -35.17 29.65
C VAL E 304 -16.13 -34.28 30.86
N ILE E 305 -15.09 -33.44 30.81
CA ILE E 305 -14.83 -32.47 31.87
C ILE E 305 -14.38 -31.17 31.21
N CYS E 306 -14.66 -30.06 31.87
CA CYS E 306 -13.98 -28.82 31.56
C CYS E 306 -12.64 -28.79 32.27
N VAL E 307 -11.61 -28.37 31.54
CA VAL E 307 -10.29 -28.22 32.13
C VAL E 307 -9.81 -26.81 31.83
N PRO E 308 -9.39 -26.03 32.82
CA PRO E 308 -8.79 -24.73 32.51
C PRO E 308 -7.55 -24.89 31.65
N LYS E 309 -7.37 -23.97 30.71
CA LYS E 309 -6.30 -24.10 29.73
C LYS E 309 -4.96 -24.19 30.43
N LYS E 310 -4.77 -23.38 31.47
CA LYS E 310 -3.51 -23.39 32.19
C LYS E 310 -3.23 -24.74 32.84
N ALA E 311 -4.26 -25.57 33.01
CA ALA E 311 -4.08 -26.90 33.59
C ALA E 311 -3.99 -28.01 32.54
N LEU E 312 -4.18 -27.70 31.26
CA LEU E 312 -4.44 -28.72 30.26
C LEU E 312 -3.37 -29.81 30.27
N TYR E 313 -2.11 -29.42 30.10
CA TYR E 313 -1.02 -30.39 29.98
C TYR E 313 -0.98 -31.28 31.21
N LYS E 314 -1.06 -30.68 32.40
CA LYS E 314 -1.02 -31.46 33.63
C LYS E 314 -2.22 -32.40 33.69
N SER E 315 -3.40 -31.90 33.27
CA SER E 315 -4.59 -32.72 33.23
C SER E 315 -4.38 -33.93 32.34
N ILE E 316 -3.74 -33.73 31.19
CA ILE E 316 -3.52 -34.85 30.30
C ILE E 316 -2.72 -35.93 31.01
N GLN E 317 -1.63 -35.53 31.67
CA GLN E 317 -0.83 -36.55 32.35
C GLN E 317 -1.67 -37.33 33.33
N GLN E 318 -2.49 -36.62 34.11
CA GLN E 318 -3.33 -37.28 35.10
C GLN E 318 -4.29 -38.25 34.43
N LEU E 319 -4.89 -37.84 33.31
CA LEU E 319 -5.83 -38.70 32.61
C LEU E 319 -5.15 -39.97 32.10
N ARG E 320 -3.87 -39.88 31.74
CA ARG E 320 -3.19 -41.09 31.31
C ARG E 320 -2.92 -42.03 32.48
N ALA E 321 -2.71 -41.49 33.68
CA ALA E 321 -2.36 -42.34 34.81
C ALA E 321 -3.51 -43.26 35.17
N ILE E 322 -4.74 -42.82 34.93
CA ILE E 322 -5.91 -43.60 35.23
C ILE E 322 -6.42 -44.35 33.99
N GLY E 323 -5.62 -44.43 32.94
CA GLY E 323 -5.95 -45.23 31.79
C GLY E 323 -6.72 -44.54 30.68
N GLY E 324 -6.80 -43.21 30.71
CA GLY E 324 -7.50 -42.52 29.65
C GLY E 324 -6.69 -42.45 28.37
N SER E 325 -7.39 -42.46 27.24
CA SER E 325 -6.77 -42.39 25.92
C SER E 325 -7.71 -41.65 24.99
N GLY E 326 -7.19 -41.28 23.82
CA GLY E 326 -7.97 -40.59 22.81
C GLY E 326 -8.58 -39.34 23.39
N VAL E 327 -7.76 -38.51 24.03
CA VAL E 327 -8.27 -37.37 24.77
C VAL E 327 -8.52 -36.23 23.78
N LEU E 328 -9.78 -35.99 23.47
CA LEU E 328 -10.18 -34.89 22.61
C LEU E 328 -10.19 -33.60 23.40
N VAL E 329 -9.51 -32.58 22.90
CA VAL E 329 -9.50 -31.25 23.50
C VAL E 329 -10.03 -30.27 22.49
N SER E 330 -11.00 -29.46 22.90
CA SER E 330 -11.59 -28.51 21.96
C SER E 330 -11.99 -27.25 22.71
N PRO E 331 -12.06 -26.12 22.04
CA PRO E 331 -12.38 -24.86 22.72
C PRO E 331 -13.88 -24.60 22.74
N LEU E 332 -14.25 -23.55 23.48
CA LEU E 332 -15.63 -23.16 23.71
C LEU E 332 -15.86 -21.72 23.27
N THR E 333 -17.03 -21.45 22.68
CA THR E 333 -17.40 -20.07 22.37
C THR E 333 -17.89 -19.33 23.61
N TYR E 334 -18.84 -19.92 24.35
CA TYR E 334 -19.43 -19.33 25.54
C TYR E 334 -19.52 -20.40 26.62
N ILE E 335 -19.45 -19.96 27.88
CA ILE E 335 -19.82 -20.77 29.04
C ILE E 335 -20.74 -19.92 29.89
N PHE E 336 -22.03 -20.23 29.88
CA PHE E 336 -22.99 -19.46 30.67
C PHE E 336 -23.17 -20.10 32.04
N ASP E 337 -23.08 -19.30 33.10
CA ASP E 337 -23.29 -19.80 34.45
C ASP E 337 -24.21 -18.83 35.17
N GLU E 338 -24.09 -18.72 36.49
CA GLU E 338 -24.86 -17.74 37.24
C GLU E 338 -24.38 -16.31 36.94
N GLU E 339 -25.33 -15.38 36.85
CA GLU E 339 -25.01 -13.99 36.54
C GLU E 339 -24.14 -13.34 37.60
N THR E 340 -23.26 -12.47 37.18
CA THR E 340 -22.44 -11.82 38.13
C THR E 340 -23.21 -10.63 38.64
N PRO E 341 -22.65 -9.97 39.63
CA PRO E 341 -23.37 -8.79 40.15
C PRO E 341 -23.42 -7.62 39.18
N ARG E 342 -22.60 -7.55 38.13
CA ARG E 342 -22.61 -6.46 37.19
C ARG E 342 -23.97 -6.02 36.69
N TRP E 343 -24.84 -6.93 36.34
CA TRP E 343 -26.15 -6.50 35.87
C TRP E 343 -26.93 -5.76 36.96
N ARG E 344 -27.00 -6.33 38.17
CA ARG E 344 -27.71 -5.64 39.24
C ARG E 344 -27.04 -4.31 39.54
N GLN E 345 -25.70 -4.27 39.47
CA GLN E 345 -25.00 -3.02 39.75
C GLN E 345 -25.37 -1.96 38.73
N LEU E 346 -25.52 -2.37 37.47
CA LEU E 346 -25.99 -1.46 36.45
C LEU E 346 -27.36 -0.92 36.80
N LEU E 347 -28.28 -1.80 37.24
CA LEU E 347 -29.62 -1.34 37.59
C LEU E 347 -29.61 -0.40 38.79
N SER E 348 -28.70 -0.62 39.76
CA SER E 348 -28.61 0.32 40.87
C SER E 348 -28.12 1.68 40.39
N LYS E 349 -27.16 1.71 39.46
CA LYS E 349 -26.72 2.98 38.90
C LYS E 349 -27.81 3.65 38.09
N LEU E 350 -28.78 2.89 37.60
CA LEU E 350 -29.87 3.49 36.83
C LEU E 350 -31.00 3.98 37.70
N GLY E 351 -31.15 3.47 38.92
CA GLY E 351 -32.29 3.74 39.78
C GLY E 351 -33.44 2.78 39.58
N GLN F 17 16.36 -17.53 33.50
CA GLN F 17 15.00 -17.72 33.99
C GLN F 17 14.01 -17.85 32.84
N GLU F 18 14.49 -17.63 31.62
CA GLU F 18 13.62 -17.48 30.47
C GLU F 18 13.93 -18.57 29.45
N ILE F 19 12.88 -19.16 28.88
CA ILE F 19 13.02 -20.11 27.79
C ILE F 19 12.64 -19.43 26.48
N ARG F 20 13.52 -19.53 25.49
CA ARG F 20 13.37 -18.82 24.23
C ARG F 20 13.23 -19.77 23.05
N LEU F 21 12.18 -19.55 22.27
CA LEU F 21 11.82 -20.34 21.10
C LEU F 21 11.78 -19.42 19.89
N GLY F 22 12.62 -19.71 18.90
CA GLY F 22 12.68 -18.90 17.69
C GLY F 22 11.68 -19.38 16.65
N LEU F 23 11.05 -18.41 15.97
CA LEU F 23 10.06 -18.67 14.93
C LEU F 23 10.37 -17.80 13.71
N PRO F 24 10.02 -18.29 12.51
CA PRO F 24 10.32 -17.53 11.29
C PRO F 24 9.55 -16.22 11.20
N SER F 25 10.26 -15.18 10.72
CA SER F 25 9.75 -13.82 10.68
C SER F 25 8.98 -13.50 9.40
N LYS F 26 9.45 -13.99 8.26
CA LYS F 26 8.82 -13.72 6.99
C LYS F 26 8.72 -14.99 6.14
N GLY F 27 7.83 -14.93 5.17
CA GLY F 27 7.60 -16.03 4.26
C GLY F 27 6.34 -16.79 4.60
N ARG F 28 6.06 -17.78 3.77
CA ARG F 28 4.96 -18.68 4.09
C ARG F 28 5.26 -19.47 5.34
N MET F 29 6.55 -19.67 5.63
CA MET F 29 6.95 -20.32 6.88
C MET F 29 6.47 -19.52 8.09
N SER F 30 6.50 -18.19 8.00
CA SER F 30 6.04 -17.36 9.12
C SER F 30 4.53 -17.47 9.33
N SER F 31 3.76 -17.26 8.27
CA SER F 31 2.31 -17.31 8.39
C SER F 31 1.84 -18.71 8.75
N ASP F 32 2.49 -19.74 8.20
CA ASP F 32 2.17 -21.12 8.55
C ASP F 32 2.56 -21.45 10.00
N THR F 33 3.63 -20.84 10.53
CA THR F 33 3.99 -21.10 11.92
C THR F 33 3.04 -20.42 12.88
N LEU F 34 2.74 -19.13 12.66
CA LEU F 34 1.76 -18.48 13.52
C LEU F 34 0.38 -19.10 13.36
N ASP F 35 0.07 -19.60 12.16
CA ASP F 35 -1.16 -20.36 12.00
C ASP F 35 -1.11 -21.68 12.77
N LEU F 36 0.07 -22.30 12.84
CA LEU F 36 0.20 -23.53 13.63
C LEU F 36 -0.02 -23.26 15.11
N LEU F 37 0.63 -22.24 15.67
CA LEU F 37 0.40 -21.91 17.08
C LEU F 37 -1.03 -21.45 17.28
N LYS F 38 -1.59 -20.74 16.31
CA LYS F 38 -2.95 -20.25 16.42
C LYS F 38 -3.92 -21.43 16.48
N ASP F 39 -3.63 -22.49 15.74
CA ASP F 39 -4.47 -23.70 15.76
C ASP F 39 -4.30 -24.52 17.03
N CYS F 40 -3.20 -24.32 17.76
CA CYS F 40 -2.94 -25.04 18.99
C CYS F 40 -3.47 -24.34 20.24
N GLN F 41 -4.21 -23.25 20.08
CA GLN F 41 -4.62 -22.40 21.21
C GLN F 41 -3.42 -21.94 22.04
N LEU F 42 -2.26 -21.81 21.41
CA LEU F 42 -1.11 -21.14 22.00
C LEU F 42 -0.95 -19.79 21.32
N SER F 43 -1.86 -18.90 21.64
CA SER F 43 -1.87 -17.59 20.99
C SER F 43 -0.61 -16.84 21.36
N VAL F 44 -0.04 -16.15 20.37
CA VAL F 44 1.21 -15.43 20.54
C VAL F 44 0.90 -13.98 20.91
N LYS F 45 1.32 -13.57 22.10
CA LYS F 45 0.99 -12.25 22.64
C LYS F 45 1.98 -11.22 22.14
N GLN F 46 1.75 -10.75 20.91
CA GLN F 46 2.61 -9.75 20.27
C GLN F 46 2.29 -8.39 20.88
N VAL F 47 3.05 -8.00 21.90
CA VAL F 47 2.76 -6.76 22.62
C VAL F 47 3.14 -5.55 21.77
N ASN F 48 4.29 -5.59 21.12
CA ASN F 48 4.63 -4.63 20.08
C ASN F 48 4.73 -5.37 18.75
N PRO F 49 3.94 -5.00 17.74
CA PRO F 49 4.12 -5.68 16.44
C PRO F 49 5.44 -5.33 15.79
N ARG F 50 5.88 -4.08 15.93
CA ARG F 50 7.18 -3.68 15.41
C ARG F 50 8.32 -4.44 16.10
N GLN F 51 8.17 -4.74 17.39
CA GLN F 51 9.24 -5.44 18.08
C GLN F 51 9.20 -6.94 17.75
N TYR F 52 10.19 -7.65 18.26
CA TYR F 52 10.49 -9.00 17.82
C TYR F 52 10.25 -10.05 18.89
N VAL F 53 9.86 -9.65 20.11
CA VAL F 53 9.65 -10.58 21.22
C VAL F 53 8.17 -10.64 21.56
N ALA F 54 7.64 -11.85 21.66
CA ALA F 54 6.28 -12.06 22.10
C ALA F 54 6.31 -13.20 23.11
N GLN F 55 5.16 -13.50 23.70
CA GLN F 55 5.13 -14.53 24.73
C GLN F 55 4.04 -15.54 24.42
N ILE F 56 4.28 -16.78 24.83
CA ILE F 56 3.23 -17.78 24.87
C ILE F 56 2.87 -17.98 26.34
N PRO F 57 1.75 -17.42 26.78
CA PRO F 57 1.42 -17.47 28.22
C PRO F 57 0.90 -18.81 28.70
N GLN F 58 0.36 -19.65 27.82
CA GLN F 58 -0.21 -20.91 28.29
C GLN F 58 0.88 -21.89 28.70
N ILE F 59 2.08 -21.72 28.17
CA ILE F 59 3.25 -22.48 28.61
C ILE F 59 4.09 -21.55 29.48
N SER F 60 4.33 -21.96 30.72
CA SER F 60 5.01 -21.12 31.69
C SER F 60 6.42 -20.79 31.22
N ASN F 61 6.72 -19.48 31.16
CA ASN F 61 8.03 -18.97 30.79
C ASN F 61 8.44 -19.43 29.38
N LEU F 62 7.57 -19.18 28.41
CA LEU F 62 7.86 -19.53 27.03
C LEU F 62 7.75 -18.24 26.22
N GLU F 63 8.84 -17.92 25.53
CA GLU F 63 9.03 -16.61 24.90
C GLU F 63 9.40 -16.83 23.45
N VAL F 64 8.74 -16.13 22.55
CA VAL F 64 8.87 -16.35 21.11
C VAL F 64 9.67 -15.21 20.50
N TRP F 65 10.65 -15.54 19.66
CA TRP F 65 11.46 -14.55 18.96
C TRP F 65 11.28 -14.72 17.46
N PHE F 66 10.82 -13.67 16.78
CA PHE F 66 10.54 -13.74 15.34
C PHE F 66 11.72 -13.26 14.51
N GLN F 67 12.37 -14.19 13.80
CA GLN F 67 13.51 -13.89 12.92
C GLN F 67 13.53 -14.87 11.76
N ARG F 68 14.34 -14.52 10.75
CA ARG F 68 14.60 -15.41 9.62
C ARG F 68 15.19 -16.75 10.06
N PRO F 69 14.90 -17.82 9.31
CA PRO F 69 15.33 -19.16 9.74
C PRO F 69 16.85 -19.32 9.94
N LYS F 70 17.69 -18.77 9.05
CA LYS F 70 19.13 -18.85 9.29
C LYS F 70 19.50 -18.20 10.61
N ASP F 71 18.77 -17.15 10.99
CA ASP F 71 19.03 -16.53 12.27
C ASP F 71 18.63 -17.46 13.42
N ILE F 72 17.57 -18.26 13.24
CA ILE F 72 17.17 -19.21 14.28
C ILE F 72 18.25 -20.26 14.47
N VAL F 73 18.80 -20.79 13.37
CA VAL F 73 19.88 -21.78 13.50
C VAL F 73 21.09 -21.10 14.12
N ARG F 74 21.34 -19.86 13.72
CA ARG F 74 22.46 -19.09 14.24
C ARG F 74 22.40 -18.97 15.75
N LYS F 75 21.20 -18.67 16.29
CA LYS F 75 21.05 -18.46 17.72
C LYS F 75 20.95 -19.77 18.49
N LEU F 76 20.40 -20.81 17.88
CA LEU F 76 20.43 -22.12 18.54
C LEU F 76 21.88 -22.57 18.67
N LEU F 77 22.69 -22.31 17.64
CA LEU F 77 24.13 -22.60 17.69
C LEU F 77 24.86 -21.67 18.65
N SER F 78 24.35 -20.46 18.88
CA SER F 78 25.00 -19.52 19.79
C SER F 78 24.79 -19.93 21.24
N LEU F 81 19.33 -19.00 22.25
CA LEU F 81 18.02 -19.64 22.17
C LEU F 81 18.04 -21.08 22.67
N ASP F 82 16.86 -21.58 23.01
CA ASP F 82 16.68 -22.95 23.45
C ASP F 82 15.90 -23.81 22.46
N LEU F 83 14.90 -23.25 21.79
CA LEU F 83 14.15 -23.96 20.77
C LEU F 83 14.03 -23.12 19.52
N GLY F 84 13.69 -23.80 18.42
CA GLY F 84 13.39 -23.12 17.18
C GLY F 84 12.51 -23.99 16.33
N ILE F 85 11.79 -23.35 15.43
CA ILE F 85 11.03 -24.03 14.39
C ILE F 85 11.57 -23.55 13.04
N VAL F 86 12.13 -24.46 12.26
CA VAL F 86 12.86 -24.11 11.04
C VAL F 86 12.75 -25.24 10.02
N GLY F 87 12.89 -24.88 8.75
CA GLY F 87 12.98 -25.90 7.72
C GLY F 87 14.20 -26.77 7.92
N LEU F 88 14.06 -28.05 7.54
CA LEU F 88 15.19 -28.97 7.67
C LEU F 88 16.33 -28.59 6.75
N ASP F 89 16.02 -27.91 5.65
CA ASP F 89 17.06 -27.39 4.76
C ASP F 89 17.93 -26.36 5.48
N VAL F 90 17.31 -25.39 6.14
CA VAL F 90 18.07 -24.38 6.87
C VAL F 90 18.89 -25.03 7.98
N LEU F 91 18.31 -26.04 8.66
CA LEU F 91 19.04 -26.73 9.72
C LEU F 91 20.26 -27.47 9.19
N THR F 92 20.12 -28.18 8.06
CA THR F 92 21.25 -28.95 7.58
C THR F 92 22.33 -28.07 6.96
N GLU F 93 21.95 -26.99 6.26
CA GLU F 93 22.99 -26.16 5.65
C GLU F 93 23.72 -25.32 6.69
N PHE F 94 22.99 -24.61 7.54
CA PHE F 94 23.64 -23.70 8.47
C PHE F 94 24.00 -24.36 9.80
N GLY F 95 23.43 -25.54 10.08
CA GLY F 95 23.72 -26.24 11.32
C GLY F 95 24.98 -27.07 11.30
N GLN F 96 25.49 -27.38 10.11
CA GLN F 96 26.74 -28.09 9.91
C GLN F 96 26.70 -29.51 10.45
N GLY F 97 25.52 -30.09 10.64
CA GLY F 97 25.44 -31.43 11.19
C GLY F 97 25.95 -31.49 12.61
N ASN F 98 25.97 -30.35 13.29
CA ASN F 98 26.49 -30.28 14.65
C ASN F 98 25.66 -31.15 15.59
N GLU F 99 26.36 -31.84 16.50
CA GLU F 99 25.66 -32.69 17.45
C GLU F 99 24.92 -31.88 18.51
N ASP F 100 25.16 -30.56 18.57
CA ASP F 100 24.43 -29.76 19.55
C ASP F 100 23.00 -29.48 19.11
N LEU F 101 22.72 -29.50 17.81
CA LEU F 101 21.36 -29.30 17.34
C LEU F 101 20.70 -30.65 17.24
N ILE F 102 19.63 -30.85 18.02
CA ILE F 102 18.87 -32.08 17.99
C ILE F 102 17.50 -31.74 17.44
N VAL F 103 17.12 -32.40 16.35
CA VAL F 103 15.76 -32.29 15.86
C VAL F 103 14.90 -33.18 16.75
N VAL F 104 14.01 -32.56 17.52
CA VAL F 104 13.09 -33.31 18.38
C VAL F 104 11.84 -33.73 17.61
N HIS F 105 11.28 -32.85 16.79
CA HIS F 105 10.20 -33.25 15.91
C HIS F 105 10.62 -32.92 14.49
N GLU F 106 10.74 -33.94 13.65
CA GLU F 106 11.31 -33.78 12.32
C GLU F 106 10.27 -33.51 11.24
N ALA F 107 8.98 -33.49 11.59
CA ALA F 107 7.96 -33.46 10.54
C ALA F 107 6.70 -32.78 11.06
N LEU F 108 6.71 -31.44 11.06
CA LEU F 108 5.55 -30.64 11.41
C LEU F 108 4.60 -30.45 10.24
N GLU F 109 4.85 -31.12 9.12
CA GLU F 109 3.89 -31.25 8.02
C GLU F 109 3.53 -29.91 7.38
N TYR F 110 4.41 -28.92 7.38
CA TYR F 110 4.21 -27.78 6.50
C TYR F 110 5.56 -27.29 6.00
N GLY F 111 5.52 -26.55 4.89
CA GLY F 111 6.74 -26.23 4.19
C GLY F 111 7.37 -27.43 3.52
N ASP F 112 6.57 -28.46 3.21
CA ASP F 112 7.07 -29.69 2.61
C ASP F 112 7.59 -29.45 1.21
N CYS F 113 8.81 -29.94 0.94
CA CYS F 113 9.42 -29.81 -0.36
C CYS F 113 10.59 -30.79 -0.47
N ARG F 114 11.21 -30.80 -1.65
CA ARG F 114 12.46 -31.53 -1.86
C ARG F 114 13.43 -30.66 -2.64
N LEU F 115 14.68 -30.66 -2.20
CA LEU F 115 15.76 -29.95 -2.87
C LEU F 115 16.34 -30.96 -3.84
N SER F 116 16.31 -30.62 -5.12
CA SER F 116 16.66 -31.56 -6.17
C SER F 116 17.24 -30.84 -7.39
N ILE F 117 17.71 -31.64 -8.35
CA ILE F 117 18.37 -31.16 -9.58
C ILE F 117 17.43 -31.28 -10.77
N ALA F 118 17.33 -30.20 -11.56
CA ALA F 118 16.57 -30.18 -12.79
C ALA F 118 17.48 -29.81 -13.95
N ILE F 119 17.28 -30.47 -15.09
CA ILE F 119 18.09 -30.21 -16.28
C ILE F 119 17.16 -29.99 -17.46
N PRO F 120 17.63 -29.29 -18.51
CA PRO F 120 16.74 -29.11 -19.67
C PRO F 120 16.42 -30.42 -20.40
N PHE F 125 21.06 -32.34 -22.66
CA PHE F 125 20.46 -32.73 -21.39
C PHE F 125 19.13 -33.45 -21.62
N GLU F 126 18.93 -33.93 -22.84
CA GLU F 126 17.63 -34.52 -23.19
C GLU F 126 17.52 -35.95 -22.63
N ASN F 127 18.33 -36.87 -23.15
CA ASN F 127 18.26 -38.27 -22.75
C ASN F 127 19.14 -38.61 -21.56
N VAL F 128 19.51 -37.61 -20.76
CA VAL F 128 20.20 -37.83 -19.50
C VAL F 128 19.14 -37.78 -18.39
N ASN F 129 18.94 -38.92 -17.71
CA ASN F 129 17.91 -39.01 -16.68
C ASN F 129 18.45 -39.39 -15.30
N SER F 130 19.72 -39.76 -15.17
CA SER F 130 20.36 -39.97 -13.89
C SER F 130 21.54 -39.03 -13.74
N LEU F 131 21.87 -38.69 -12.49
CA LEU F 131 22.96 -37.75 -12.25
C LEU F 131 24.29 -38.30 -12.75
N GLU F 132 24.45 -39.62 -12.77
CA GLU F 132 25.68 -40.23 -13.22
C GLU F 132 25.93 -39.94 -14.70
N GLU F 133 24.86 -39.88 -15.50
CA GLU F 133 25.02 -39.56 -16.91
C GLU F 133 25.52 -38.14 -17.11
N LEU F 134 25.27 -37.26 -16.16
CA LEU F 134 25.86 -35.93 -16.15
C LEU F 134 27.35 -36.02 -15.82
N GLN F 139 31.12 -31.11 -22.11
CA GLN F 139 31.66 -32.04 -21.12
C GLN F 139 32.28 -31.27 -19.97
N TRP F 140 32.51 -31.98 -18.87
CA TRP F 140 32.87 -31.39 -17.58
C TRP F 140 34.25 -31.88 -17.14
N THR F 141 35.22 -30.98 -17.10
CA THR F 141 36.56 -31.24 -16.59
C THR F 141 37.02 -30.02 -15.78
N GLU F 142 38.31 -29.99 -15.43
CA GLU F 142 38.98 -28.81 -14.89
C GLU F 142 38.47 -27.57 -15.58
N ASP F 143 38.76 -27.44 -16.87
CA ASP F 143 38.15 -26.43 -17.70
C ASP F 143 36.68 -26.77 -17.90
N LYS F 144 35.84 -25.75 -17.92
CA LYS F 144 34.40 -25.95 -17.96
C LYS F 144 33.95 -26.90 -16.86
N PRO F 145 33.92 -26.46 -15.58
CA PRO F 145 33.33 -27.30 -14.53
C PRO F 145 31.84 -27.05 -14.44
N LEU F 146 31.06 -28.13 -14.22
CA LEU F 146 29.60 -28.09 -14.30
C LEU F 146 29.06 -26.88 -13.57
N ARG F 147 28.52 -25.93 -14.32
CA ARG F 147 28.11 -24.66 -13.72
C ARG F 147 26.68 -24.80 -13.23
N VAL F 148 26.48 -24.65 -11.93
CA VAL F 148 25.14 -24.64 -11.36
C VAL F 148 24.98 -23.34 -10.59
N ALA F 149 23.99 -22.55 -10.97
CA ALA F 149 23.68 -21.37 -10.18
C ALA F 149 22.82 -21.87 -9.04
N THR F 150 23.17 -21.49 -7.82
CA THR F 150 22.46 -22.06 -6.70
C THR F 150 22.77 -21.22 -5.48
N GLY F 151 21.80 -21.15 -4.56
CA GLY F 151 21.92 -20.44 -3.32
C GLY F 151 22.45 -21.21 -2.15
N PHE F 152 22.80 -22.48 -2.34
CA PHE F 152 23.21 -23.35 -1.23
C PHE F 152 24.72 -23.23 -1.09
N THR F 153 25.15 -22.22 -0.34
CA THR F 153 26.57 -21.90 -0.22
C THR F 153 27.34 -23.02 0.47
N TYR F 154 26.73 -23.72 1.42
CA TYR F 154 27.42 -24.76 2.18
C TYR F 154 27.13 -26.14 1.61
N LEU F 155 25.87 -26.45 1.34
CA LEU F 155 25.42 -27.80 1.02
C LEU F 155 25.65 -28.19 -0.44
N GLY F 156 25.81 -27.22 -1.34
CA GLY F 156 26.03 -27.51 -2.75
C GLY F 156 27.19 -28.47 -2.97
N PRO F 157 28.37 -28.15 -2.42
CA PRO F 157 29.50 -29.08 -2.51
C PRO F 157 29.19 -30.48 -2.03
N LYS F 158 28.32 -30.64 -1.03
CA LYS F 158 28.13 -31.94 -0.41
C LYS F 158 27.64 -33.00 -1.40
N PHE F 159 26.61 -32.69 -2.18
CA PHE F 159 25.96 -33.71 -3.00
C PHE F 159 26.91 -34.29 -4.05
N MET F 160 27.70 -33.45 -4.73
CA MET F 160 28.60 -33.92 -5.79
C MET F 160 30.00 -34.27 -5.28
N LYS F 161 30.38 -33.75 -4.12
CA LYS F 161 31.61 -34.22 -3.49
C LYS F 161 31.39 -35.64 -2.97
N ASP F 162 30.13 -35.99 -2.73
CA ASP F 162 29.71 -37.33 -2.35
C ASP F 162 29.28 -38.20 -3.53
N ASN F 163 28.89 -37.62 -4.67
CA ASN F 163 28.35 -38.40 -5.77
C ASN F 163 29.28 -38.45 -6.98
N GLY F 164 30.54 -38.06 -6.80
CA GLY F 164 31.57 -38.36 -7.77
C GLY F 164 31.61 -37.60 -9.08
N ILE F 165 31.06 -36.40 -9.15
CA ILE F 165 31.38 -35.49 -10.24
C ILE F 165 32.30 -34.42 -9.66
N LYS F 166 33.59 -34.59 -9.90
CA LYS F 166 34.60 -33.67 -9.39
C LYS F 166 34.74 -32.41 -10.24
N HIS F 167 33.92 -32.26 -11.27
CA HIS F 167 34.06 -31.17 -12.22
C HIS F 167 32.80 -30.31 -12.15
N VAL F 168 32.65 -29.53 -11.07
CA VAL F 168 31.46 -28.71 -10.84
C VAL F 168 31.84 -27.38 -10.19
N ALA F 169 31.36 -26.28 -10.76
CA ALA F 169 31.43 -24.96 -10.12
C ALA F 169 30.02 -24.43 -9.85
N PHE F 170 29.86 -23.74 -8.72
CA PHE F 170 28.60 -23.13 -8.32
C PHE F 170 28.72 -21.61 -8.31
N SER F 171 27.64 -20.93 -8.67
CA SER F 171 27.65 -19.47 -8.61
C SER F 171 26.32 -18.93 -8.09
N GLY F 175 20.14 -14.56 -11.21
CA GLY F 175 18.88 -14.76 -10.52
C GLY F 175 17.77 -15.25 -11.45
N ALA F 176 16.54 -15.30 -10.94
CA ALA F 176 15.38 -15.83 -11.67
C ALA F 176 15.73 -17.22 -12.22
N LEU F 177 15.97 -18.11 -11.27
CA LEU F 177 16.74 -19.32 -11.47
C LEU F 177 16.22 -20.23 -12.58
N GLU F 178 14.91 -20.39 -12.69
CA GLU F 178 14.39 -21.39 -13.63
C GLU F 178 14.79 -21.08 -15.07
N ALA F 179 15.03 -19.80 -15.38
CA ALA F 179 15.48 -19.40 -16.70
C ALA F 179 16.98 -19.55 -16.87
N ALA F 180 17.68 -19.99 -15.83
CA ALA F 180 19.13 -20.14 -15.92
C ALA F 180 19.58 -21.10 -17.02
N PRO F 181 18.92 -22.24 -17.28
CA PRO F 181 19.37 -23.07 -18.40
C PRO F 181 19.25 -22.36 -19.74
N ALA F 182 18.24 -21.51 -19.94
CA ALA F 182 18.17 -20.73 -21.16
C ALA F 182 19.16 -19.58 -21.14
N MET F 183 19.32 -18.92 -20.00
CA MET F 183 20.23 -17.79 -19.85
C MET F 183 21.69 -18.20 -19.68
N GLY F 184 21.97 -19.43 -19.29
CA GLY F 184 23.34 -19.83 -18.98
C GLY F 184 23.65 -19.59 -17.52
N ALA F 188 22.60 -26.72 -15.62
CA ALA F 188 21.62 -27.44 -14.82
C ALA F 188 21.38 -26.72 -13.51
N ILE F 189 20.38 -27.16 -12.75
CA ILE F 189 19.99 -26.39 -11.57
C ILE F 189 19.76 -27.29 -10.35
N LEU F 190 20.05 -26.73 -9.18
CA LEU F 190 19.81 -27.35 -7.89
C LEU F 190 18.93 -26.41 -7.05
N ASP F 191 17.65 -26.77 -6.87
CA ASP F 191 16.71 -25.83 -6.27
C ASP F 191 15.63 -26.60 -5.52
N LEU F 192 14.74 -25.82 -4.86
CA LEU F 192 13.61 -26.38 -4.11
C LEU F 192 12.43 -26.64 -5.04
N VAL F 193 11.88 -27.84 -4.94
CA VAL F 193 10.74 -28.29 -5.73
C VAL F 193 9.61 -28.68 -4.78
N SER F 194 8.42 -28.14 -5.02
CA SER F 194 7.22 -28.51 -4.26
C SER F 194 6.22 -29.18 -5.18
N SER F 195 5.44 -28.39 -5.93
CA SER F 195 4.54 -28.94 -6.93
C SER F 195 5.22 -29.21 -8.26
N GLY F 196 6.38 -28.60 -8.50
CA GLY F 196 7.13 -28.80 -9.72
C GLY F 196 6.66 -28.01 -10.93
N THR F 197 5.66 -27.14 -10.78
CA THR F 197 5.17 -26.39 -11.94
C THR F 197 6.17 -25.35 -12.40
N THR F 198 6.88 -24.71 -11.45
CA THR F 198 7.93 -23.75 -11.80
C THR F 198 9.01 -24.41 -12.65
N LEU F 199 9.30 -25.68 -12.36
CA LEU F 199 10.27 -26.44 -13.17
C LEU F 199 9.71 -26.72 -14.56
N LYS F 200 8.42 -27.01 -14.65
CA LYS F 200 7.80 -27.34 -15.93
C LYS F 200 7.74 -26.13 -16.85
N GLU F 201 7.62 -24.93 -16.29
CA GLU F 201 7.59 -23.75 -17.14
C GLU F 201 8.90 -23.55 -17.91
N ASN F 202 10.01 -24.06 -17.39
CA ASN F 202 11.31 -23.97 -18.06
C ASN F 202 11.81 -25.34 -18.53
N ILE F 207 15.14 -35.33 -12.47
CA ILE F 207 15.99 -36.44 -12.87
C ILE F 207 16.04 -37.50 -11.79
N GLU F 208 16.42 -38.73 -12.16
CA GLU F 208 16.62 -39.79 -11.19
C GLU F 208 17.85 -39.55 -10.33
N GLY F 209 17.67 -39.56 -9.01
CA GLY F 209 18.76 -39.32 -8.10
C GLY F 209 19.17 -37.88 -7.90
N GLY F 210 18.51 -36.93 -8.56
CA GLY F 210 18.85 -35.52 -8.42
C GLY F 210 18.41 -34.90 -7.10
N THR F 211 17.60 -35.61 -6.32
CA THR F 211 17.11 -35.09 -5.05
C THR F 211 18.23 -35.05 -4.02
N VAL F 212 18.54 -33.86 -3.53
CA VAL F 212 19.54 -33.74 -2.46
C VAL F 212 18.91 -34.09 -1.12
N LEU F 213 17.76 -33.51 -0.84
CA LEU F 213 17.08 -33.87 0.38
C LEU F 213 15.60 -33.50 0.43
N GLU F 214 14.86 -34.22 1.26
CA GLU F 214 13.47 -33.92 1.53
C GLU F 214 13.39 -33.07 2.79
N SER F 215 12.56 -32.02 2.76
CA SER F 215 12.48 -31.08 3.87
C SER F 215 11.04 -30.82 4.29
N GLN F 216 10.83 -30.69 5.60
CA GLN F 216 9.63 -30.15 6.22
C GLN F 216 10.06 -29.12 7.26
N ALA F 217 9.08 -28.45 7.85
CA ALA F 217 9.35 -27.66 9.05
C ALA F 217 9.58 -28.59 10.24
N ALA F 218 10.49 -28.21 11.13
CA ALA F 218 10.85 -29.08 12.23
C ALA F 218 11.04 -28.28 13.52
N LEU F 219 10.71 -28.92 14.63
CA LEU F 219 10.97 -28.38 15.96
C LEU F 219 12.32 -28.92 16.42
N VAL F 220 13.28 -28.03 16.58
CA VAL F 220 14.65 -28.36 16.93
C VAL F 220 14.99 -27.69 18.26
N ALA F 221 15.89 -28.32 19.01
CA ALA F 221 16.32 -27.79 20.29
C ALA F 221 17.82 -27.99 20.40
N SER F 222 18.45 -27.11 21.17
CA SER F 222 19.87 -27.18 21.41
C SER F 222 20.18 -28.03 22.63
N ARG F 223 21.20 -28.88 22.48
CA ARG F 223 21.63 -29.70 23.60
C ARG F 223 22.17 -28.85 24.74
N ARG F 224 22.78 -27.68 24.45
CA ARG F 224 23.35 -26.89 25.54
C ARG F 224 22.27 -26.50 26.55
N SER F 225 21.10 -26.06 26.07
CA SER F 225 20.05 -25.70 27.01
C SER F 225 19.43 -26.93 27.67
N MET F 226 19.23 -27.99 26.88
CA MET F 226 18.54 -29.16 27.40
C MET F 226 19.35 -29.84 28.50
N ILE F 227 20.67 -29.93 28.36
CA ILE F 227 21.44 -30.52 29.46
C ILE F 227 21.71 -29.47 30.52
N GLY F 228 21.86 -28.20 30.14
CA GLY F 228 22.33 -27.23 31.11
C GLY F 228 21.34 -26.25 31.69
N ARG F 229 20.30 -25.87 30.94
CA ARG F 229 19.38 -24.82 31.36
C ARG F 229 18.09 -25.44 31.93
N LYS F 230 17.81 -25.15 33.20
CA LYS F 230 16.65 -25.73 33.86
C LYS F 230 15.36 -25.24 33.20
N GLY F 231 14.46 -26.18 32.92
CA GLY F 231 13.18 -25.86 32.36
C GLY F 231 13.09 -26.01 30.86
N VAL F 232 14.23 -26.01 30.16
CA VAL F 232 14.19 -26.15 28.72
C VAL F 232 13.70 -27.54 28.36
N LEU F 233 14.23 -28.56 29.03
CA LEU F 233 13.85 -29.94 28.73
C LEU F 233 12.37 -30.17 28.95
N GLU F 234 11.82 -29.56 30.01
CA GLU F 234 10.43 -29.78 30.36
C GLU F 234 9.50 -29.03 29.42
N THR F 235 9.89 -27.84 28.97
CA THR F 235 9.01 -27.16 28.04
C THR F 235 9.17 -27.69 26.63
N THR F 236 10.34 -28.24 26.28
CA THR F 236 10.42 -28.99 25.03
C THR F 236 9.55 -30.23 25.11
N HIS F 237 9.47 -30.84 26.28
CA HIS F 237 8.56 -31.97 26.47
C HIS F 237 7.11 -31.54 26.25
N GLU F 238 6.68 -30.45 26.90
CA GLU F 238 5.32 -29.99 26.70
C GLU F 238 5.08 -29.59 25.24
N MET F 239 6.05 -28.92 24.62
CA MET F 239 5.90 -28.51 23.23
C MET F 239 5.78 -29.70 22.30
N LEU F 240 6.60 -30.71 22.52
CA LEU F 240 6.56 -31.91 21.68
C LEU F 240 5.23 -32.64 21.86
N GLU F 241 4.74 -32.72 23.11
CA GLU F 241 3.46 -33.38 23.33
C GLU F 241 2.32 -32.61 22.69
N ARG F 242 2.32 -31.28 22.83
CA ARG F 242 1.27 -30.49 22.20
C ARG F 242 1.32 -30.60 20.69
N LEU F 243 2.52 -30.54 20.10
CA LEU F 243 2.62 -30.65 18.64
C LEU F 243 2.16 -32.01 18.15
N GLU F 244 2.51 -33.09 18.85
CA GLU F 244 2.05 -34.40 18.40
C GLU F 244 0.52 -34.52 18.52
N ALA F 245 -0.06 -34.03 19.61
CA ALA F 245 -1.50 -34.13 19.76
C ALA F 245 -2.23 -33.26 18.75
N HIS F 246 -1.68 -32.10 18.41
CA HIS F 246 -2.32 -31.25 17.42
C HIS F 246 -2.21 -31.87 16.03
N LEU F 247 -1.06 -32.44 15.69
CA LEU F 247 -0.92 -33.11 14.40
C LEU F 247 -1.89 -34.28 14.28
N ARG F 248 -2.13 -35.00 15.39
CA ARG F 248 -3.11 -36.09 15.31
C ARG F 248 -4.50 -35.53 15.02
N ALA F 249 -4.82 -34.36 15.58
CA ALA F 249 -6.15 -33.79 15.56
C ALA F 249 -6.51 -33.17 14.22
N MET F 250 -5.57 -33.02 13.31
CA MET F 250 -5.70 -32.02 12.28
C MET F 250 -6.29 -32.45 10.93
N GLY F 251 -6.56 -33.74 10.63
CA GLY F 251 -6.49 -34.93 11.44
C GLY F 251 -7.84 -35.61 11.42
N GLN F 252 -8.63 -35.32 12.46
CA GLN F 252 -9.92 -35.95 12.70
C GLN F 252 -11.02 -34.91 12.82
N PHE F 253 -12.24 -35.44 12.78
CA PHE F 253 -13.47 -34.76 13.15
C PHE F 253 -14.15 -35.54 14.26
N THR F 254 -14.83 -34.83 15.16
CA THR F 254 -15.81 -35.47 16.02
C THR F 254 -17.15 -35.44 15.31
N VAL F 255 -17.79 -36.59 15.25
CA VAL F 255 -19.05 -36.79 14.55
C VAL F 255 -20.06 -37.35 15.55
N VAL F 256 -21.21 -36.68 15.66
CA VAL F 256 -22.25 -37.04 16.60
C VAL F 256 -23.57 -37.19 15.86
N ALA F 257 -24.22 -38.34 16.00
CA ALA F 257 -25.40 -38.62 15.20
C ALA F 257 -26.56 -39.03 16.09
N ASN F 258 -27.75 -38.60 15.70
CA ASN F 258 -28.99 -39.10 16.29
C ASN F 258 -29.40 -40.36 15.55
N MET F 259 -29.84 -41.39 16.28
CA MET F 259 -30.25 -42.64 15.64
C MET F 259 -31.44 -43.20 16.41
N ARG F 260 -32.49 -43.61 15.70
CA ARG F 260 -33.60 -44.24 16.40
C ARG F 260 -33.24 -45.68 16.76
N GLY F 261 -33.57 -46.08 17.98
CA GLY F 261 -33.25 -47.43 18.42
C GLY F 261 -33.95 -47.78 19.71
N SER F 262 -33.96 -49.09 20.00
CA SER F 262 -34.59 -49.59 21.22
C SER F 262 -33.62 -49.58 22.40
N SER F 263 -32.36 -49.94 22.18
CA SER F 263 -31.37 -50.03 23.23
C SER F 263 -30.07 -49.44 22.74
N ALA F 264 -29.18 -49.11 23.69
CA ALA F 264 -27.87 -48.61 23.32
C ALA F 264 -27.05 -49.69 22.61
N GLU F 265 -27.21 -50.95 23.02
CA GLU F 265 -26.39 -52.03 22.45
C GLU F 265 -26.81 -52.31 21.01
N GLU F 266 -28.10 -52.20 20.72
CA GLU F 266 -28.56 -52.34 19.33
C GLU F 266 -27.96 -51.27 18.43
N VAL F 267 -28.04 -50.03 18.88
CA VAL F 267 -27.51 -48.90 18.11
C VAL F 267 -26.02 -49.07 17.91
N ALA F 268 -25.31 -49.46 18.98
CA ALA F 268 -23.88 -49.70 18.86
C ALA F 268 -23.59 -50.81 17.85
N GLU F 269 -24.37 -51.89 17.86
CA GLU F 269 -24.14 -52.94 16.87
C GLU F 269 -24.32 -52.40 15.46
N ARG F 270 -25.30 -51.51 15.27
CA ARG F 270 -25.51 -50.92 13.96
C ARG F 270 -24.34 -50.04 13.53
N VAL F 271 -23.81 -49.23 14.45
CA VAL F 271 -22.68 -48.37 14.10
C VAL F 271 -21.44 -49.20 13.81
N LEU F 272 -21.22 -50.27 14.58
CA LEU F 272 -20.03 -51.08 14.40
C LEU F 272 -20.12 -52.02 13.21
N SER F 273 -21.32 -52.28 12.70
CA SER F 273 -21.43 -53.03 11.45
C SER F 273 -20.83 -52.28 10.28
N GLN F 274 -20.72 -50.98 10.36
CA GLN F 274 -20.21 -50.15 9.27
C GLN F 274 -18.70 -50.02 9.38
N PRO F 275 -17.97 -50.16 8.26
CA PRO F 275 -16.51 -50.32 8.36
C PRO F 275 -15.78 -49.11 8.95
N SER F 276 -16.02 -47.91 8.46
CA SER F 276 -15.25 -46.75 8.89
C SER F 276 -15.97 -45.92 9.94
N LEU F 277 -17.03 -46.45 10.54
CA LEU F 277 -17.64 -45.80 11.69
C LEU F 277 -17.11 -46.36 13.00
N ALA F 278 -15.91 -46.92 12.98
CA ALA F 278 -15.38 -47.55 14.19
C ALA F 278 -15.03 -46.53 15.24
N GLY F 279 -14.56 -45.35 14.85
CA GLY F 279 -14.04 -44.41 15.83
C GLY F 279 -12.75 -44.93 16.44
N LEU F 280 -12.26 -44.19 17.45
CA LEU F 280 -11.00 -44.55 18.10
C LEU F 280 -11.12 -45.87 18.87
N GLN F 281 -12.16 -45.98 19.70
CA GLN F 281 -12.42 -47.20 20.45
C GLN F 281 -13.81 -47.75 20.22
N GLY F 282 -14.69 -47.02 19.58
CA GLY F 282 -16.06 -47.41 19.39
C GLY F 282 -16.95 -46.22 19.66
N PRO F 283 -18.21 -46.30 19.24
CA PRO F 283 -19.10 -45.17 19.44
C PRO F 283 -19.46 -44.99 20.92
N THR F 284 -19.42 -43.74 21.37
CA THR F 284 -20.07 -43.40 22.63
C THR F 284 -21.56 -43.36 22.34
N VAL F 285 -22.36 -44.05 23.15
CA VAL F 285 -23.80 -44.13 22.89
C VAL F 285 -24.56 -43.65 24.13
N SER F 286 -25.43 -42.66 23.94
CA SER F 286 -26.21 -42.06 25.02
C SER F 286 -27.68 -41.94 24.65
N PRO F 287 -28.58 -41.89 25.63
CA PRO F 287 -30.01 -41.77 25.32
C PRO F 287 -30.43 -40.37 24.90
N VAL F 288 -31.36 -40.31 23.95
CA VAL F 288 -31.95 -39.07 23.45
C VAL F 288 -33.47 -39.17 23.60
N PHE F 289 -34.03 -38.23 24.37
CA PHE F 289 -35.42 -38.21 24.78
C PHE F 289 -36.22 -37.24 23.92
N CYS F 290 -37.49 -37.58 23.69
CA CYS F 290 -38.39 -36.67 22.97
C CYS F 290 -39.82 -36.92 23.42
N LYS F 291 -40.64 -35.88 23.32
CA LYS F 291 -42.04 -35.97 23.69
C LYS F 291 -42.83 -36.58 22.54
N ARG F 292 -43.58 -37.65 22.83
CA ARG F 292 -44.33 -38.38 21.82
C ARG F 292 -45.81 -38.01 21.83
N ASP F 293 -46.53 -38.62 22.77
CA ASP F 293 -47.95 -38.36 22.98
C ASP F 293 -48.14 -37.76 24.36
N GLY F 294 -47.38 -36.71 24.67
CA GLY F 294 -47.37 -36.10 25.98
C GLY F 294 -46.49 -36.80 27.01
N LYS F 295 -45.95 -37.97 26.68
CA LYS F 295 -45.00 -38.67 27.53
C LYS F 295 -43.61 -38.70 26.87
N VAL F 296 -42.56 -38.59 27.70
CA VAL F 296 -41.18 -38.61 27.20
C VAL F 296 -40.62 -40.02 27.28
N SER F 297 -39.77 -40.36 26.32
CA SER F 297 -39.14 -41.67 26.29
C SER F 297 -37.87 -41.58 25.45
N ALA F 298 -36.90 -42.43 25.78
CA ALA F 298 -35.64 -42.47 25.06
C ALA F 298 -35.85 -43.26 23.77
N ASP F 299 -36.49 -42.60 22.79
CA ASP F 299 -36.67 -43.20 21.48
C ASP F 299 -35.44 -43.13 20.61
N TYR F 300 -34.56 -42.17 20.86
CA TYR F 300 -33.35 -42.05 20.06
C TYR F 300 -32.13 -42.26 20.95
N TYR F 301 -30.98 -42.41 20.30
CA TYR F 301 -29.69 -42.49 20.95
C TYR F 301 -28.70 -41.69 20.11
N ALA F 302 -27.81 -40.96 20.77
CA ALA F 302 -26.76 -40.20 20.11
C ALA F 302 -25.45 -40.96 20.21
N ILE F 303 -24.75 -41.10 19.09
CA ILE F 303 -23.45 -41.75 19.07
C ILE F 303 -22.38 -40.71 18.77
N VAL F 304 -21.20 -40.93 19.31
CA VAL F 304 -20.04 -40.06 19.09
C VAL F 304 -18.88 -40.93 18.60
N ILE F 305 -18.32 -40.58 17.46
CA ILE F 305 -17.16 -41.28 16.93
C ILE F 305 -16.22 -40.23 16.40
N CYS F 306 -14.93 -40.55 16.43
CA CYS F 306 -13.97 -39.81 15.63
C CYS F 306 -13.98 -40.40 14.23
N VAL F 307 -14.02 -39.50 13.24
CA VAL F 307 -14.00 -39.89 11.84
C VAL F 307 -12.84 -39.10 11.21
N PRO F 308 -11.90 -39.78 10.55
CA PRO F 308 -10.85 -39.05 9.83
C PRO F 308 -11.44 -38.19 8.74
N LYS F 309 -10.81 -37.04 8.52
CA LYS F 309 -11.34 -36.08 7.55
C LYS F 309 -11.43 -36.68 6.16
N LYS F 310 -10.40 -37.44 5.76
CA LYS F 310 -10.40 -38.02 4.42
C LYS F 310 -11.54 -39.00 4.24
N ALA F 311 -12.01 -39.59 5.33
CA ALA F 311 -13.08 -40.57 5.31
C ALA F 311 -14.44 -39.96 5.60
N LEU F 312 -14.50 -38.66 5.86
CA LEU F 312 -15.70 -38.02 6.38
C LEU F 312 -16.90 -38.28 5.48
N TYR F 313 -16.76 -37.96 4.19
CA TYR F 313 -17.90 -38.00 3.28
C TYR F 313 -18.53 -39.39 3.19
N LYS F 314 -17.71 -40.41 2.99
CA LYS F 314 -18.28 -41.77 2.97
C LYS F 314 -18.82 -42.15 4.36
N SER F 315 -18.20 -41.64 5.43
CA SER F 315 -18.74 -41.90 6.77
C SER F 315 -20.15 -41.33 6.91
N ILE F 316 -20.40 -40.15 6.33
CA ILE F 316 -21.76 -39.61 6.33
C ILE F 316 -22.69 -40.52 5.55
N GLN F 317 -22.24 -41.01 4.38
CA GLN F 317 -23.08 -41.94 3.62
C GLN F 317 -23.42 -43.18 4.47
N GLN F 318 -22.41 -43.76 5.10
CA GLN F 318 -22.60 -44.94 5.93
C GLN F 318 -23.52 -44.66 7.11
N LEU F 319 -23.34 -43.51 7.76
CA LEU F 319 -24.18 -43.15 8.90
C LEU F 319 -25.63 -42.96 8.47
N ARG F 320 -25.84 -42.44 7.26
CA ARG F 320 -27.21 -42.33 6.76
C ARG F 320 -27.78 -43.70 6.48
N ALA F 321 -26.93 -44.65 6.05
CA ALA F 321 -27.42 -45.97 5.68
C ALA F 321 -28.02 -46.71 6.87
N ILE F 322 -27.51 -46.47 8.07
CA ILE F 322 -27.98 -47.16 9.26
C ILE F 322 -29.00 -46.33 10.05
N GLY F 323 -29.53 -45.27 9.45
CA GLY F 323 -30.61 -44.51 10.05
C GLY F 323 -30.23 -43.29 10.87
N GLY F 324 -28.99 -42.82 10.76
CA GLY F 324 -28.58 -41.64 11.48
C GLY F 324 -29.09 -40.35 10.85
N SER F 325 -29.28 -39.33 11.70
CA SER F 325 -29.72 -38.02 11.24
C SER F 325 -29.09 -36.96 12.15
N GLY F 326 -29.12 -35.71 11.68
CA GLY F 326 -28.61 -34.60 12.45
C GLY F 326 -27.16 -34.79 12.84
N VAL F 327 -26.31 -35.10 11.87
CA VAL F 327 -24.93 -35.49 12.14
C VAL F 327 -24.08 -34.23 12.35
N LEU F 328 -23.73 -33.95 13.61
CA LEU F 328 -22.88 -32.83 13.95
C LEU F 328 -21.41 -33.18 13.72
N VAL F 329 -20.72 -32.35 12.93
CA VAL F 329 -19.30 -32.55 12.63
C VAL F 329 -18.52 -31.32 13.10
N SER F 330 -17.48 -31.53 13.89
CA SER F 330 -16.75 -30.39 14.44
C SER F 330 -15.27 -30.76 14.60
N PRO F 331 -14.39 -29.77 14.62
CA PRO F 331 -12.95 -30.03 14.71
C PRO F 331 -12.43 -30.07 16.14
N LEU F 332 -11.17 -30.49 16.25
CA LEU F 332 -10.47 -30.68 17.50
C LEU F 332 -9.17 -29.89 17.52
N THR F 333 -8.83 -29.35 18.68
CA THR F 333 -7.51 -28.74 18.85
C THR F 333 -6.44 -29.79 19.08
N TYR F 334 -6.68 -30.71 20.01
CA TYR F 334 -5.72 -31.74 20.35
C TYR F 334 -6.44 -33.08 20.45
N ILE F 335 -5.71 -34.16 20.14
CA ILE F 335 -6.06 -35.52 20.50
C ILE F 335 -4.81 -36.10 21.13
N PHE F 336 -4.81 -36.23 22.45
CA PHE F 336 -3.67 -36.80 23.16
C PHE F 336 -3.85 -38.30 23.26
N ASP F 337 -2.79 -39.05 22.91
CA ASP F 337 -2.84 -40.50 23.02
C ASP F 337 -1.57 -40.95 23.74
N GLU F 338 -1.09 -42.17 23.52
CA GLU F 338 0.16 -42.57 24.15
C GLU F 338 1.33 -41.86 23.49
N GLU F 339 2.33 -41.49 24.28
CA GLU F 339 3.47 -40.77 23.74
C GLU F 339 4.20 -41.59 22.68
N THR F 340 4.62 -40.91 21.63
CA THR F 340 5.40 -41.53 20.59
C THR F 340 6.80 -41.83 21.12
N PRO F 341 7.51 -42.71 20.47
CA PRO F 341 8.89 -42.97 20.89
C PRO F 341 9.81 -41.77 20.77
N ARG F 342 9.34 -40.64 20.24
CA ARG F 342 10.22 -39.50 19.96
C ARG F 342 10.87 -38.95 21.22
N TRP F 343 10.14 -38.90 22.33
CA TRP F 343 10.74 -38.39 23.57
C TRP F 343 11.84 -39.33 24.07
N ARG F 344 11.57 -40.63 24.13
CA ARG F 344 12.60 -41.57 24.56
C ARG F 344 13.78 -41.62 23.58
N GLN F 345 13.53 -41.44 22.28
CA GLN F 345 14.63 -41.40 21.33
C GLN F 345 15.48 -40.16 21.58
N LEU F 346 14.81 -39.05 21.90
CA LEU F 346 15.51 -37.82 22.27
C LEU F 346 16.36 -38.04 23.52
N LEU F 347 15.80 -38.69 24.54
CA LEU F 347 16.55 -38.93 25.76
C LEU F 347 17.71 -39.87 25.54
N SER F 348 17.58 -40.82 24.60
CA SER F 348 18.73 -41.62 24.22
C SER F 348 19.80 -40.75 23.58
N LYS F 349 19.37 -39.75 22.82
CA LYS F 349 20.32 -38.79 22.27
C LYS F 349 20.94 -37.92 23.34
N LEU F 350 20.26 -37.72 24.47
CA LEU F 350 20.78 -36.92 25.57
C LEU F 350 21.53 -37.73 26.63
N GLY F 351 21.26 -39.02 26.74
CA GLY F 351 21.79 -39.82 27.84
C GLY F 351 21.31 -39.39 29.21
P AMP G . -15.32 20.44 -6.53
O1P AMP G . -14.23 20.58 -7.60
O2P AMP G . -16.18 21.62 -6.24
O3P AMP G . -16.23 19.28 -6.87
O5' AMP G . -14.62 20.02 -5.17
C5' AMP G . -15.43 19.65 -4.06
C4' AMP G . -14.77 18.62 -3.20
O4' AMP G . -13.37 18.98 -3.05
C3' AMP G . -15.34 18.56 -1.79
O3' AMP G . -15.17 17.23 -1.28
C2' AMP G . -14.43 19.52 -1.03
O2' AMP G . -14.39 19.35 0.37
C1' AMP G . -13.08 19.17 -1.67
N9 AMP G . -12.03 20.17 -1.52
C8 AMP G . -12.04 21.02 -2.56
N7 AMP G . -11.05 21.90 -2.38
C5 AMP G . -10.42 21.60 -1.24
C6 AMP G . -9.35 22.15 -0.54
N6 AMP G . -8.47 23.25 -0.76
N1 AMP G . -8.94 21.62 0.60
C2 AMP G . -9.55 20.53 1.11
N3 AMP G . -10.60 20.00 0.44
C4 AMP G . -11.02 20.53 -0.72
N HIS H . 14.86 41.17 -25.50
CA HIS H . 14.03 39.99 -25.65
C HIS H . 12.62 40.24 -25.12
O HIS H . 12.33 41.30 -24.56
CB HIS H . 14.66 38.79 -24.94
CG HIS H . 14.99 39.04 -23.50
ND1 HIS H . 16.26 39.36 -23.08
CD2 HIS H . 14.21 39.06 -22.39
CE1 HIS H . 16.26 39.55 -21.77
NE2 HIS H . 15.03 39.37 -21.34
OXT HIS H . 11.75 39.36 -25.23
P AMP I . 10.07 -8.36 -24.03
O1P AMP I . 9.97 -9.10 -25.33
O2P AMP I . 10.76 -7.00 -24.02
O3P AMP I . 10.74 -9.25 -23.01
O5' AMP I . 8.59 -8.09 -23.53
C5' AMP I . 7.50 -8.88 -24.00
C4' AMP I . 6.31 -8.78 -23.08
O4' AMP I . 5.92 -7.38 -22.97
C3' AMP I . 5.07 -9.53 -23.56
O3' AMP I . 4.32 -9.96 -22.43
C2' AMP I . 4.30 -8.44 -24.30
O2' AMP I . 2.91 -8.69 -24.41
C1' AMP I . 4.59 -7.23 -23.43
N9 AMP I . 4.47 -5.94 -24.13
C8 AMP I . 5.67 -5.67 -24.66
N7 AMP I . 5.58 -4.49 -25.29
C5 AMP I . 4.33 -4.04 -25.17
C6 AMP I . 3.68 -2.90 -25.61
N6 AMP I . 4.10 -1.76 -26.39
N1 AMP I . 2.41 -2.70 -25.34
C2 AMP I . 1.72 -3.62 -24.62
N3 AMP I . 2.34 -4.72 -24.18
C4 AMP I . 3.65 -4.94 -24.45
N HIS J . 22.31 30.00 -34.81
CA HIS J . 22.51 28.71 -34.16
C HIS J . 22.22 27.57 -35.14
O HIS J . 21.73 27.79 -36.25
CB HIS J . 21.61 28.59 -32.92
CG HIS J . 20.16 28.78 -33.22
ND1 HIS J . 19.52 30.00 -33.03
CD2 HIS J . 19.22 27.93 -33.69
CE1 HIS J . 18.25 29.87 -33.38
NE2 HIS J . 18.04 28.63 -33.78
OXT HIS J . 22.41 26.40 -34.83
P AMP K . 20.42 11.22 10.93
O1P AMP K . 21.87 11.12 11.36
O2P AMP K . 19.39 11.59 11.95
O3P AMP K . 20.32 12.17 9.76
O5' AMP K . 20.02 9.78 10.39
C5' AMP K . 20.96 8.72 10.41
C4' AMP K . 20.29 7.40 10.18
O4' AMP K . 20.28 7.11 8.77
C3' AMP K . 20.98 6.23 10.86
O3' AMP K . 20.02 5.23 11.21
C2' AMP K . 21.88 5.69 9.75
O2' AMP K . 22.23 4.33 9.90
C1' AMP K . 21.00 5.92 8.52
N9 AMP K . 21.75 6.06 7.26
C8 AMP K . 22.05 7.34 7.08
N7 AMP K . 22.72 7.46 5.93
C5 AMP K . 22.83 6.25 5.39
C6 AMP K . 23.42 5.78 4.23
N6 AMP K . 24.12 6.42 3.16
N1 AMP K . 23.38 4.50 3.93
C2 AMP K . 22.77 3.63 4.77
N3 AMP K . 22.19 4.07 5.90
C4 AMP K . 22.23 5.38 6.21
N HIS L . 29.34 35.21 -21.62
CA HIS L . 28.64 34.88 -20.39
C HIS L . 29.64 34.49 -19.32
O HIS L . 30.83 34.43 -19.60
CB HIS L . 27.65 33.74 -20.63
CG HIS L . 28.25 32.51 -21.23
ND1 HIS L . 28.13 32.20 -22.57
CD2 HIS L . 28.96 31.51 -20.67
CE1 HIS L . 28.74 31.06 -22.81
NE2 HIS L . 29.25 30.62 -21.68
OXT HIS L . 29.30 34.21 -18.18
P AMP M . -25.90 -0.29 -0.76
O1P AMP M . -26.05 1.12 -0.24
O2P AMP M . -25.56 -1.23 0.40
O3P AMP M . -27.15 -0.57 -1.54
O5' AMP M . -24.68 -0.31 -1.77
C5' AMP M . -24.93 -0.35 -3.17
C4' AMP M . -23.68 -0.13 -3.97
O4' AMP M . -22.91 -1.35 -3.97
C3' AMP M . -23.92 0.22 -5.43
O3' AMP M . -22.84 1.02 -5.91
C2' AMP M . -23.89 -1.15 -6.10
O2' AMP M . -23.54 -1.10 -7.47
C1' AMP M . -22.83 -1.88 -5.29
N9 AMP M . -22.99 -3.34 -5.22
C8 AMP M . -23.75 -3.61 -4.16
N7 AMP M . -23.88 -4.94 -4.07
C5 AMP M . -23.19 -5.49 -5.07
C6 AMP M . -22.98 -6.81 -5.46
N6 AMP M . -23.40 -8.08 -4.96
N1 AMP M . -22.24 -7.07 -6.53
C2 AMP M . -21.68 -6.07 -7.23
N3 AMP M . -21.88 -4.79 -6.86
C4 AMP M . -22.64 -4.51 -5.78
N HIS N . -29.57 -34.93 20.65
CA HIS N . -29.43 -33.48 20.53
C HIS N . -30.45 -32.90 19.57
O HIS N . -30.51 -31.69 19.35
CB HIS N . -28.01 -33.13 20.08
CG HIS N . -27.61 -33.83 18.83
ND1 HIS N . -26.82 -34.96 18.83
CD2 HIS N . -27.89 -33.57 17.53
CE1 HIS N . -26.62 -35.35 17.59
NE2 HIS N . -27.26 -34.53 16.78
OXT HIS N . -31.24 -33.63 18.97
P AMP O . 4.83 -0.31 25.36
O1P AMP O . 6.15 -0.39 24.66
O2P AMP O . 4.16 -1.66 25.27
O3P AMP O . 5.08 0.27 26.72
O5' AMP O . 3.90 0.74 24.57
C5' AMP O . 4.07 2.15 24.75
C4' AMP O . 3.91 2.89 23.45
O4' AMP O . 2.74 2.39 22.77
C3' AMP O . 3.72 4.39 23.57
O3' AMP O . 4.14 5.03 22.37
C2' AMP O . 2.20 4.52 23.69
O2' AMP O . 1.69 5.76 23.26
C1' AMP O . 1.71 3.37 22.79
N9 AMP O . 0.48 2.74 23.29
C8 AMP O . 0.86 1.72 24.06
N7 AMP O . -0.24 1.12 24.53
C5 AMP O . -1.28 1.79 24.05
C6 AMP O . -2.63 1.61 24.20
N6 AMP O . -3.41 0.65 24.93
N1 AMP O . -3.47 2.43 23.59
C2 AMP O . -3.02 3.43 22.82
N3 AMP O . -1.69 3.61 22.67
C4 AMP O . -0.84 2.79 23.29
N HIS P . -20.06 -32.45 33.22
CA HIS P . -18.76 -32.01 32.75
C HIS P . -18.12 -31.00 33.69
O HIS P . -16.99 -30.56 33.46
CB HIS P . -18.88 -31.39 31.35
CG HIS P . -19.89 -30.30 31.25
ND1 HIS P . -21.14 -30.48 30.68
CD2 HIS P . -19.87 -29.02 31.70
CE1 HIS P . -21.82 -29.36 30.75
NE2 HIS P . -21.07 -28.45 31.37
OXT HIS P . -18.74 -30.57 34.68
P AMP Q . 6.84 -25.02 -7.13
O1P AMP Q . 7.50 -25.60 -8.34
O2P AMP Q . 5.65 -25.75 -6.53
O3P AMP Q . 6.42 -23.61 -7.45
O5' AMP Q . 7.97 -24.95 -6.01
C5' AMP Q . 9.22 -24.35 -6.32
C4' AMP Q . 9.13 -22.84 -6.28
O4' AMP Q . 8.82 -22.44 -4.92
C3' AMP Q . 10.43 -22.11 -6.63
O3' AMP Q . 10.11 -20.81 -7.09
C2' AMP Q . 11.13 -22.04 -5.28
O2' AMP Q . 12.09 -21.01 -5.18
C1' AMP Q . 9.95 -21.81 -4.33
N9 AMP Q . 10.15 -22.38 -2.99
C8 AMP Q . 9.47 -23.53 -2.94
N7 AMP Q . 9.65 -24.06 -1.72
C5 AMP Q . 10.45 -23.24 -1.03
C6 AMP Q . 10.97 -23.28 0.25
N6 AMP Q . 10.85 -24.21 1.35
N1 AMP Q . 11.76 -22.33 0.70
C2 AMP Q . 12.06 -21.28 -0.11
N3 AMP Q . 11.57 -21.23 -1.35
C4 AMP Q . 10.76 -22.21 -1.81
N HIS R . -15.80 -42.82 21.81
CA HIS R . -15.52 -42.25 20.50
C HIS R . -14.31 -42.92 19.85
O HIS R . -13.95 -42.59 18.72
CB HIS R . -15.30 -40.75 20.59
CG HIS R . -14.26 -40.35 21.58
ND1 HIS R . -14.55 -39.91 22.85
CD2 HIS R . -12.90 -40.34 21.49
CE1 HIS R . -13.43 -39.65 23.49
NE2 HIS R . -12.41 -39.89 22.69
OXT HIS R . -13.67 -43.78 20.45
#